data_8FLW
#
_entry.id   8FLW
#
_cell.length_a   1.00
_cell.length_b   1.00
_cell.length_c   1.00
_cell.angle_alpha   90.00
_cell.angle_beta   90.00
_cell.angle_gamma   90.00
#
_symmetry.space_group_name_H-M   'P 1'
#
loop_
_entity.id
_entity.type
_entity.pdbx_description
1 polymer 'PGT145 DU303 Heavy'
2 polymer 'PGT145 DU303 Light'
3 polymer 'Envelope glycoprotein gp41'
4 polymer 'Envelope glycoprotein gp120'
5 branched 2-acetamido-2-deoxy-beta-D-glucopyranose-(1-4)-2-acetamido-2-deoxy-beta-D-glucopyranose
6 branched alpha-D-mannopyranose-(1-2)-alpha-D-mannopyranose-(1-3)-[alpha-D-mannopyranose-(1-6)]beta-D-mannopyranose-(1-4)-2-acetamido-2-deoxy-beta-D-glucopyranose-(1-4)-2-acetamido-2-deoxy-beta-D-glucopyranose
7 branched beta-D-mannopyranose-(1-4)-2-acetamido-2-deoxy-beta-D-glucopyranose-(1-4)-2-acetamido-2-deoxy-beta-D-glucopyranose
8 non-polymer 2-acetamido-2-deoxy-beta-D-glucopyranose
#
loop_
_entity_poly.entity_id
_entity_poly.type
_entity_poly.pdbx_seq_one_letter_code
_entity_poly.pdbx_strand_id
1 'polypeptide(L)'
;QVQLVQSGAEVKKPGSSVKVSCKASGNSFSNHDVHWVRQATGQGLEWMGWMSHEGDKTGLAQKFQGRVTITRDSGASTVY
MELRGLTADDTAIYYCLTGSKHRLRDYFL(TYS)NE(TYS)GPDYEEWGDYLATLDVWGHGTAVTVSSASTKGPSVFPLA
PSSKSTSGGTAALGCLVKDYFPEPVTVSWNSGALTSGVHTFPAVLQSSGLYSLSSVVTVPSSSLGTQTYICNVNHKPSNT
KVDKKVEPKSCDKGLEVLFQ
;
H
2 'polypeptide(L)'
;EVVITQSPLFLPVTPGEAASLSCKCSHSLQHSTGANYLAWYLQRPGQTPRLLIHLATHRASGVPDRFSGSGSGTDFTLKI
SRVESDDVGTYYCMQGLHSPWTFGQGTKVEIKRTVAAPSVFIFPPSDEQLKSGTASVVCLLNNFYPREAKVQWKVDNALQ
SGNSQESVTEQDSKDSTYSLSSTLTLSKADYEKHKVYACEVTHQGLSSPVTKSFNRGEC
;
L
3 'polypeptide(L)'
;AVGIGAVFLGFLGAAGSTMGAASMTLTVQARNLLSGIVQQQSNLLRAPEAQQHLLKLTVWGIKQLQARVLAVERYLRDQQ
LLGIWGCSGKLICCTNVPWNSSWSNRNLSEIWDNMTWLQWDKEISNYTQIIYGLLEESQNQQEKNEQDLLALD
;
A,B,F
4 'polypeptide(L)'
;AENLWVTVYYGVPVWKDAETTLFCASDAKAYETEKHNVWATHACVPTDPNPQEIHLENVTEEFNMWKNNMVEQMHTDIIS
LWDQSLKPCVKLTPLCVTLQCTNVTNNITDDMRGELKNCSFNMTTELRDKKQKVYSLFYRLDVVQINENQGNRSNNSNKE
YRLINCNTSACTQACPKVSFEPIPIHYCAPAGFAILKCKDKKFNGTGPCPSVSTVQCTHGIKPVVSTQLLLNGSLAEEEV
MIRSENITNNAKNILVQFNTPVQINCTRPNNNTRKSIRIGPGQAFYATGDIIGDIRQAHCNVSKATWNETLGKVVKQLRK
HFGNNTIIRFANSSGGDLEVTTHSFNCGGEFFYCNTSGLFNSTWISNTSVQGSNSTGSNDSITLPCRIKQIINMWQRIGQ
CMYAPPIQGVIRCVSNITGLILTRDGGSTNSTTETFRPGGGDMRDNWRSELYKYKVVKIEPLGVAPTRCKRRVVGRRRRR
R
;
C,G,I
#
loop_
_chem_comp.id
_chem_comp.type
_chem_comp.name
_chem_comp.formula
BMA D-saccharide, beta linking beta-D-mannopyranose 'C6 H12 O6'
MAN D-saccharide, alpha linking alpha-D-mannopyranose 'C6 H12 O6'
NAG D-saccharide, beta linking 2-acetamido-2-deoxy-beta-D-glucopyranose 'C8 H15 N O6'
#
# COMPACT_ATOMS: atom_id res chain seq x y z
N GLN A 1 32.37 38.62 48.43
CA GLN A 1 33.80 38.35 48.73
C GLN A 1 33.98 36.92 49.23
N VAL A 2 34.36 36.02 48.33
CA VAL A 2 34.58 34.62 48.66
C VAL A 2 36.05 34.42 48.97
N GLN A 3 36.34 33.94 50.19
CA GLN A 3 37.72 33.72 50.59
C GLN A 3 38.32 32.56 49.81
N LEU A 4 39.58 32.72 49.40
CA LEU A 4 40.30 31.71 48.66
C LEU A 4 41.68 31.51 49.26
N VAL A 5 42.18 30.28 49.21
CA VAL A 5 43.47 29.92 49.77
C VAL A 5 44.27 29.17 48.71
N GLN A 6 45.59 29.30 48.79
CA GLN A 6 46.50 28.64 47.85
C GLN A 6 47.70 28.11 48.63
N SER A 7 48.39 27.15 48.02
CA SER A 7 49.56 26.55 48.64
C SER A 7 50.67 27.59 48.80
N GLY A 8 51.51 27.37 49.79
CA GLY A 8 52.59 28.29 50.08
C GLY A 8 53.69 28.24 49.03
N ALA A 9 54.54 29.26 49.06
CA ALA A 9 55.63 29.36 48.10
C ALA A 9 56.61 28.20 48.28
N GLU A 10 57.10 27.69 47.16
CA GLU A 10 58.08 26.60 47.17
C GLU A 10 59.13 26.87 46.11
N VAL A 11 60.33 26.34 46.33
CA VAL A 11 61.46 26.50 45.43
C VAL A 11 61.99 25.11 45.08
N LYS A 12 62.19 24.85 43.79
CA LYS A 12 62.70 23.58 43.32
C LYS A 12 63.70 23.83 42.20
N LYS A 13 64.66 22.90 42.06
CA LYS A 13 65.68 23.04 41.05
C LYS A 13 65.10 22.83 39.65
N PRO A 14 65.79 23.31 38.61
CA PRO A 14 65.27 23.13 37.26
C PRO A 14 65.23 21.66 36.85
N GLY A 15 64.32 21.34 35.95
CA GLY A 15 64.21 19.99 35.44
C GLY A 15 63.76 18.97 36.48
N SER A 16 62.75 19.32 37.28
CA SER A 16 62.24 18.42 38.29
C SER A 16 60.74 18.65 38.46
N SER A 17 60.05 17.64 38.98
CA SER A 17 58.60 17.68 39.15
C SER A 17 58.25 18.26 40.51
N VAL A 18 57.19 19.07 40.53
CA VAL A 18 56.68 19.68 41.75
C VAL A 18 55.17 19.51 41.80
N LYS A 19 54.61 19.64 43.00
CA LYS A 19 53.19 19.47 43.24
C LYS A 19 52.64 20.70 43.94
N VAL A 20 51.47 21.16 43.50
CA VAL A 20 50.79 22.30 44.08
C VAL A 20 49.34 21.91 44.36
N SER A 21 48.73 22.61 45.31
CA SER A 21 47.36 22.34 45.71
C SER A 21 46.59 23.65 45.81
N CYS A 22 45.29 23.58 45.48
CA CYS A 22 44.42 24.74 45.58
C CYS A 22 43.02 24.25 45.94
N LYS A 23 42.34 25.04 46.77
CA LYS A 23 40.99 24.70 47.23
C LYS A 23 40.11 25.94 47.16
N ALA A 24 38.82 25.72 46.92
CA ALA A 24 37.83 26.79 46.85
C ALA A 24 36.68 26.44 47.80
N SER A 25 36.29 27.41 48.62
CA SER A 25 35.20 27.20 49.56
C SER A 25 33.86 27.21 48.83
N GLY A 26 32.94 26.38 49.31
CA GLY A 26 31.61 26.30 48.76
C GLY A 26 31.48 25.43 47.53
N ASN A 27 32.54 24.73 47.12
CA ASN A 27 32.50 23.86 45.95
C ASN A 27 32.04 24.64 44.71
N SER A 28 32.61 25.83 44.53
CA SER A 28 32.22 26.69 43.41
C SER A 28 32.67 26.14 42.07
N PHE A 29 33.52 25.11 42.04
CA PHE A 29 33.97 24.54 40.78
C PHE A 29 32.81 23.95 39.97
N SER A 30 31.70 23.61 40.63
CA SER A 30 30.58 23.00 39.92
C SER A 30 30.00 23.94 38.88
N ASN A 31 29.91 25.24 39.20
CA ASN A 31 29.29 26.23 38.33
C ASN A 31 30.27 27.32 37.90
N HIS A 32 31.55 26.98 37.84
CA HIS A 32 32.56 27.94 37.40
C HIS A 32 33.75 27.19 36.82
N ASP A 33 34.46 27.85 35.91
CA ASP A 33 35.64 27.30 35.27
C ASP A 33 36.89 27.86 35.91
N VAL A 34 37.96 27.05 35.91
CA VAL A 34 39.20 27.39 36.60
C VAL A 34 40.31 27.50 35.56
N HIS A 35 41.07 28.59 35.63
CA HIS A 35 42.20 28.82 34.75
C HIS A 35 43.43 29.15 35.59
N TRP A 36 44.60 28.92 35.00
CA TRP A 36 45.88 29.19 35.65
C TRP A 36 46.64 30.23 34.85
N VAL A 37 47.14 31.26 35.54
CA VAL A 37 47.84 32.37 34.91
C VAL A 37 49.10 32.67 35.73
N ARG A 38 50.09 33.26 35.06
CA ARG A 38 51.35 33.63 35.69
C ARG A 38 51.78 35.00 35.18
N GLN A 39 52.59 35.67 35.99
CA GLN A 39 53.10 36.99 35.65
C GLN A 39 54.55 37.12 36.11
N ALA A 40 55.34 37.87 35.36
CA ALA A 40 56.73 38.14 35.68
C ALA A 40 56.99 39.64 35.62
N THR A 41 57.91 40.09 36.46
CA THR A 41 58.24 41.52 36.51
C THR A 41 58.77 41.99 35.15
N GLY A 42 58.24 43.11 34.69
CA GLY A 42 58.63 43.66 33.41
C GLY A 42 58.05 42.96 32.21
N GLN A 43 57.11 42.03 32.42
CA GLN A 43 56.49 41.29 31.33
C GLN A 43 55.00 41.11 31.63
N GLY A 44 54.24 40.84 30.58
CA GLY A 44 52.82 40.68 30.69
C GLY A 44 52.41 39.33 31.23
N LEU A 45 51.10 39.15 31.38
CA LEU A 45 50.55 37.91 31.89
C LEU A 45 50.63 36.81 30.83
N GLU A 46 50.45 35.57 31.26
CA GLU A 46 50.47 34.43 30.33
C GLU A 46 49.61 33.32 30.91
N TRP A 47 48.75 32.75 30.07
CA TRP A 47 47.82 31.71 30.47
C TRP A 47 48.46 30.33 30.30
N MET A 48 48.13 29.41 31.21
CA MET A 48 48.71 28.08 31.22
C MET A 48 47.70 27.01 30.84
N GLY A 49 46.56 26.94 31.52
CA GLY A 49 45.57 25.91 31.25
C GLY A 49 44.22 26.31 31.79
N TRP A 50 43.24 25.44 31.53
CA TRP A 50 41.86 25.70 31.95
C TRP A 50 41.13 24.38 32.07
N MET A 51 39.97 24.43 32.72
CA MET A 51 39.10 23.28 32.85
C MET A 51 37.66 23.77 32.85
N SER A 52 36.79 22.99 32.21
CA SER A 52 35.37 23.32 32.17
C SER A 52 34.68 22.82 33.44
N HIS A 53 33.66 23.56 33.87
CA HIS A 53 32.94 23.16 35.07
C HIS A 53 32.22 21.83 34.88
N GLU A 54 31.92 21.46 33.64
CA GLU A 54 31.48 20.09 33.38
C GLU A 54 32.61 19.10 33.54
N GLY A 55 33.84 19.51 33.21
CA GLY A 55 34.99 18.64 33.27
C GLY A 55 35.18 17.76 32.06
N ASP A 56 34.32 17.86 31.06
CA ASP A 56 34.42 17.00 29.88
C ASP A 56 35.56 17.43 28.96
N LYS A 57 35.77 18.73 28.79
CA LYS A 57 36.71 19.26 27.81
C LYS A 57 37.81 20.06 28.51
N THR A 58 39.03 19.92 28.00
CA THR A 58 40.18 20.66 28.50
C THR A 58 41.13 20.93 27.34
N GLY A 59 42.00 21.91 27.53
CA GLY A 59 42.97 22.26 26.50
C GLY A 59 44.02 23.19 27.04
N LEU A 60 45.17 23.19 26.37
CA LEU A 60 46.30 24.04 26.72
C LEU A 60 46.92 24.58 25.43
N ALA A 61 47.97 25.39 25.59
CA ALA A 61 48.66 25.96 24.44
C ALA A 61 49.45 24.88 23.71
N GLN A 62 49.82 25.20 22.46
CA GLN A 62 50.55 24.23 21.64
C GLN A 62 51.93 23.92 22.22
N LYS A 63 52.55 24.90 22.90
CA LYS A 63 53.87 24.67 23.46
C LYS A 63 53.84 23.75 24.68
N PHE A 64 52.70 23.65 25.36
CA PHE A 64 52.56 22.82 26.55
C PHE A 64 52.01 21.43 26.23
N GLN A 65 51.84 21.10 24.95
CA GLN A 65 51.31 19.79 24.59
C GLN A 65 52.24 18.68 25.07
N GLY A 66 51.65 17.67 25.72
CA GLY A 66 52.42 16.52 26.15
C GLY A 66 53.39 16.78 27.28
N ARG A 67 53.22 17.88 28.02
CA ARG A 67 54.10 18.17 29.16
C ARG A 67 53.37 18.72 30.37
N VAL A 68 52.05 18.82 30.34
CA VAL A 68 51.26 19.32 31.46
C VAL A 68 50.02 18.46 31.62
N THR A 69 49.68 18.15 32.87
CA THR A 69 48.52 17.34 33.19
C THR A 69 47.74 17.99 34.32
N ILE A 70 46.41 17.84 34.26
CA ILE A 70 45.50 18.39 35.26
C ILE A 70 44.71 17.23 35.85
N THR A 71 44.69 17.14 37.17
CA THR A 71 43.98 16.09 37.88
C THR A 71 43.15 16.70 39.01
N ARG A 72 42.01 16.08 39.29
CA ARG A 72 41.11 16.52 40.36
C ARG A 72 40.70 15.30 41.19
N ASP A 73 40.55 15.53 42.48
CA ASP A 73 40.16 14.47 43.40
C ASP A 73 38.66 14.23 43.33
N SER A 74 38.24 13.06 43.81
CA SER A 74 36.83 12.71 43.83
C SER A 74 36.06 13.69 44.71
N GLY A 75 34.91 14.13 44.23
CA GLY A 75 34.10 15.09 44.95
C GLY A 75 34.53 16.53 44.79
N ALA A 76 35.57 16.80 44.00
CA ALA A 76 36.07 18.16 43.77
C ALA A 76 36.52 18.82 45.07
N SER A 77 36.91 18.01 46.06
CA SER A 77 37.38 18.58 47.32
C SER A 77 38.66 19.38 47.12
N THR A 78 39.60 18.85 46.33
CA THR A 78 40.85 19.52 46.08
C THR A 78 41.36 19.12 44.69
N VAL A 79 42.26 19.94 44.16
CA VAL A 79 42.88 19.69 42.86
C VAL A 79 44.39 19.86 43.00
N TYR A 80 45.11 19.23 42.08
CA TYR A 80 46.57 19.28 42.07
C TYR A 80 47.07 19.49 40.64
N MET A 81 48.24 20.11 40.53
CA MET A 81 48.84 20.42 39.25
C MET A 81 50.28 19.89 39.24
N GLU A 82 50.76 19.58 38.04
CA GLU A 82 52.11 19.08 37.82
C GLU A 82 52.83 19.99 36.85
N LEU A 83 54.06 20.37 37.18
CA LEU A 83 54.88 21.25 36.37
C LEU A 83 56.13 20.51 35.91
N ARG A 84 56.51 20.71 34.66
CA ARG A 84 57.67 20.06 34.07
C ARG A 84 58.45 21.06 33.23
N GLY A 85 59.73 20.77 33.04
CA GLY A 85 60.58 21.62 32.23
C GLY A 85 60.77 23.01 32.79
N LEU A 86 61.03 23.11 34.10
CA LEU A 86 61.26 24.41 34.71
C LEU A 86 62.55 25.03 34.19
N THR A 87 62.55 26.35 34.04
CA THR A 87 63.71 27.09 33.56
C THR A 87 63.93 28.31 34.43
N ALA A 88 65.16 28.78 34.45
CA ALA A 88 65.49 29.96 35.26
C ALA A 88 64.70 31.18 34.79
N ASP A 89 64.32 31.22 33.53
CA ASP A 89 63.54 32.34 33.00
C ASP A 89 62.05 32.20 33.26
N ASP A 90 61.60 31.09 33.88
CA ASP A 90 60.20 30.87 34.16
C ASP A 90 59.77 31.49 35.49
N THR A 91 60.58 32.39 36.06
CA THR A 91 60.21 33.04 37.31
C THR A 91 58.89 33.80 37.13
N ALA A 92 57.97 33.59 38.06
CA ALA A 92 56.64 34.19 37.99
C ALA A 92 55.91 33.87 39.29
N ILE A 93 54.68 34.38 39.39
CA ILE A 93 53.83 34.17 40.56
C ILE A 93 52.58 33.45 40.11
N TYR A 94 52.27 32.33 40.77
CA TYR A 94 51.09 31.55 40.43
C TYR A 94 49.84 32.15 41.05
N TYR A 95 48.69 31.77 40.50
CA TYR A 95 47.41 32.32 40.95
C TYR A 95 46.33 31.25 40.83
N CYS A 96 45.29 31.41 41.66
CA CYS A 96 44.09 30.58 41.60
C CYS A 96 42.90 31.50 41.32
N LEU A 97 42.09 31.11 40.34
CA LEU A 97 40.98 31.96 39.91
C LEU A 97 39.92 31.11 39.24
N THR A 98 38.72 31.68 39.15
CA THR A 98 37.59 31.07 38.46
C THR A 98 37.37 31.79 37.12
N GLY A 99 36.47 31.24 36.32
CA GLY A 99 36.20 31.81 35.01
C GLY A 99 34.81 31.46 34.52
N SER A 100 34.48 32.00 33.36
CA SER A 100 33.18 31.78 32.73
C SER A 100 33.38 31.56 31.24
N LYS A 101 32.40 30.89 30.62
CA LYS A 101 32.47 30.57 29.20
C LYS A 101 31.10 30.80 28.57
N HIS A 102 31.12 30.97 27.24
CA HIS A 102 29.92 31.16 26.44
C HIS A 102 29.86 30.04 25.42
N ARG A 103 29.23 28.93 25.80
CA ARG A 103 29.11 27.79 24.90
C ARG A 103 27.95 28.00 23.94
N LEU A 104 28.27 28.13 22.65
CA LEU A 104 27.30 28.36 21.60
C LEU A 104 27.40 27.26 20.55
N ARG A 105 26.47 27.29 19.60
CA ARG A 105 26.43 26.34 18.50
C ARG A 105 27.04 26.98 17.27
N ASP A 106 28.02 26.31 16.66
CA ASP A 106 28.69 26.82 15.47
C ASP A 106 28.05 26.32 14.19
N TYR A 107 27.65 25.05 14.14
CA TYR A 107 27.08 24.45 12.94
C TYR A 107 26.10 23.38 13.36
N PHE A 108 25.19 23.03 12.44
CA PHE A 108 24.20 21.99 12.71
C PHE A 108 23.64 21.48 11.39
N LEU A 109 23.59 20.16 11.17
CA LEU A 109 22.94 19.58 9.98
C LEU A 109 21.74 18.82 10.54
N TYS A 110 20.54 19.06 10.00
CA TYS A 110 19.32 18.47 10.62
CB TYS A 110 18.06 19.12 10.06
CG TYS A 110 16.78 18.50 10.60
CD1 TYS A 110 16.10 17.54 9.89
CD2 TYS A 110 16.29 18.88 11.84
CE1 TYS A 110 14.94 16.96 10.39
CE2 TYS A 110 15.13 18.31 12.35
CZ TYS A 110 14.48 17.37 11.61
OH TYS A 110 13.29 16.79 12.14
S TYS A 110 12.56 15.61 11.36
O1 TYS A 110 13.33 14.45 11.72
O2 TYS A 110 12.63 15.97 9.98
O3 TYS A 110 11.23 15.62 11.90
C TYS A 110 19.10 17.06 10.15
O TYS A 110 18.58 16.92 9.06
N ASN A 111 19.44 16.09 10.97
CA ASN A 111 19.26 14.67 10.63
C ASN A 111 17.78 14.42 10.70
N GLU A 112 17.25 13.62 9.77
CA GLU A 112 15.81 13.32 9.69
C GLU A 112 15.53 12.07 10.51
N TYS A 113 14.91 12.25 11.66
CA TYS A 113 14.56 11.12 12.54
CB TYS A 113 14.02 9.93 11.76
CG TYS A 113 12.53 9.82 11.58
CD1 TYS A 113 11.64 10.53 12.38
CD2 TYS A 113 12.01 8.96 10.63
CE1 TYS A 113 10.27 10.39 12.21
CE2 TYS A 113 10.65 8.81 10.45
CZ TYS A 113 9.80 9.52 11.27
OH TYS A 113 8.38 9.36 11.09
S TYS A 113 7.73 7.89 11.06
O1 TYS A 113 8.77 7.04 10.56
O2 TYS A 113 7.39 7.65 12.44
O3 TYS A 113 6.58 8.01 10.20
C TYS A 113 15.69 10.72 13.52
O TYS A 113 15.36 9.92 14.38
N GLY A 114 16.89 11.29 13.48
CA GLY A 114 18.04 10.86 14.32
C GLY A 114 18.71 12.02 15.00
N PRO A 115 19.71 11.83 15.90
CA PRO A 115 20.28 12.96 16.65
C PRO A 115 20.96 13.91 15.68
N ASP A 116 20.85 15.21 15.89
CA ASP A 116 21.36 16.20 14.93
C ASP A 116 22.86 16.16 15.01
N TYR A 117 23.58 16.60 13.98
CA TYR A 117 25.06 16.68 13.98
C TYR A 117 25.46 18.09 14.34
N GLU A 118 25.73 18.38 15.61
CA GLU A 118 26.01 19.73 16.08
C GLU A 118 27.49 19.87 16.39
N GLU A 119 28.05 21.02 16.03
CA GLU A 119 29.46 21.35 16.29
C GLU A 119 29.49 22.42 17.38
N TRP A 120 29.69 22.01 18.62
CA TRP A 120 29.70 22.93 19.74
C TRP A 120 31.08 23.58 19.87
N GLY A 121 31.09 24.76 20.49
CA GLY A 121 32.33 25.48 20.71
C GLY A 121 32.25 26.30 21.96
N ASP A 122 33.41 26.62 22.52
CA ASP A 122 33.53 27.39 23.76
C ASP A 122 34.35 28.65 23.48
N TYR A 123 33.91 29.77 24.06
CA TYR A 123 34.61 31.04 23.93
C TYR A 123 34.72 31.66 25.32
N LEU A 124 35.94 31.98 25.73
CA LEU A 124 36.15 32.55 27.05
C LEU A 124 35.48 33.92 27.15
N ALA A 125 34.69 34.11 28.21
CA ALA A 125 33.94 35.34 28.41
C ALA A 125 34.67 36.32 29.32
N THR A 126 34.98 35.91 30.55
CA THR A 126 35.54 36.83 31.54
C THR A 126 36.40 36.05 32.52
N LEU A 127 37.25 36.79 33.23
CA LEU A 127 38.05 36.26 34.33
C LEU A 127 37.41 36.70 35.63
N ASP A 128 37.04 35.73 36.47
CA ASP A 128 36.36 36.02 37.73
C ASP A 128 37.38 36.47 38.76
N VAL A 129 36.95 36.57 40.02
CA VAL A 129 37.83 37.06 41.08
C VAL A 129 39.05 36.16 41.20
N TRP A 130 40.22 36.78 41.36
CA TRP A 130 41.48 36.08 41.54
C TRP A 130 41.76 35.86 43.03
N GLY A 131 42.81 35.09 43.30
CA GLY A 131 43.29 34.86 44.64
C GLY A 131 44.58 35.61 44.92
N HIS A 132 45.04 35.48 46.17
CA HIS A 132 46.28 36.12 46.56
C HIS A 132 47.47 35.56 45.78
N GLY A 133 47.40 34.30 45.37
CA GLY A 133 48.43 33.70 44.56
C GLY A 133 49.58 33.15 45.37
N THR A 134 50.45 32.40 44.67
CA THR A 134 51.64 31.81 45.25
C THR A 134 52.84 32.13 44.38
N ALA A 135 53.95 32.48 45.02
CA ALA A 135 55.17 32.85 44.32
C ALA A 135 56.10 31.66 44.22
N VAL A 136 56.54 31.35 42.99
CA VAL A 136 57.46 30.24 42.74
C VAL A 136 58.65 30.79 41.98
N THR A 137 59.85 30.46 42.45
CA THR A 137 61.10 30.90 41.83
C THR A 137 62.00 29.71 41.56
N VAL A 138 62.82 29.84 40.52
CA VAL A 138 63.76 28.80 40.11
C VAL A 138 65.17 29.37 40.24
N SER A 139 66.02 28.66 40.98
CA SER A 139 67.39 29.10 41.21
C SER A 139 68.25 27.88 41.51
N SER A 140 69.56 28.06 41.34
CA SER A 140 70.52 26.98 41.59
C SER A 140 71.82 27.55 42.14
N VAL B 2 49.01 32.18 16.07
CA VAL B 2 48.31 33.39 16.47
C VAL B 2 49.27 34.35 17.15
N VAL B 3 49.18 35.64 16.80
CA VAL B 3 49.99 36.69 17.39
C VAL B 3 49.10 37.84 17.78
N ILE B 4 49.53 38.60 18.78
CA ILE B 4 48.78 39.74 19.30
C ILE B 4 49.76 40.87 19.57
N THR B 5 49.35 42.09 19.21
CA THR B 5 50.19 43.27 19.39
C THR B 5 49.34 44.41 19.93
N GLN B 6 50.00 45.32 20.65
CA GLN B 6 49.36 46.50 21.20
C GLN B 6 50.25 47.71 21.00
N SER B 7 49.63 48.87 20.84
CA SER B 7 50.35 50.12 20.63
C SER B 7 49.46 51.27 21.09
N PRO B 8 50.04 52.42 21.45
CA PRO B 8 51.47 52.72 21.51
C PRO B 8 52.15 52.16 22.76
N LEU B 9 53.47 51.98 22.69
CA LEU B 9 54.20 51.46 23.85
C LEU B 9 54.08 52.40 25.05
N PHE B 10 54.21 53.70 24.82
CA PHE B 10 54.12 54.69 25.87
C PHE B 10 53.39 55.92 25.35
N LEU B 11 52.63 56.57 26.23
CA LEU B 11 51.89 57.77 25.87
C LEU B 11 51.60 58.57 27.14
N PRO B 12 52.46 59.53 27.50
CA PRO B 12 52.19 60.35 28.70
C PRO B 12 50.87 61.09 28.57
N VAL B 13 50.14 61.15 29.68
CA VAL B 13 48.84 61.81 29.75
C VAL B 13 48.82 62.70 30.99
N THR B 14 48.47 63.96 30.80
CA THR B 14 48.34 64.87 31.92
C THR B 14 47.13 64.46 32.77
N PRO B 15 47.20 64.60 34.09
CA PRO B 15 46.01 64.28 34.92
C PRO B 15 44.83 65.15 34.53
N GLY B 16 43.64 64.54 34.57
CA GLY B 16 42.43 65.25 34.22
C GLY B 16 42.14 65.32 32.73
N GLU B 17 42.92 64.62 31.90
CA GLU B 17 42.74 64.63 30.45
C GLU B 17 42.41 63.22 29.98
N ALA B 18 41.48 63.12 29.03
CA ALA B 18 41.06 61.83 28.53
C ALA B 18 42.19 61.15 27.77
N ALA B 19 42.20 59.81 27.83
CA ALA B 19 43.20 59.00 27.17
C ALA B 19 42.53 57.87 26.42
N SER B 20 43.17 57.40 25.35
CA SER B 20 42.66 56.33 24.51
C SER B 20 43.73 55.25 24.35
N LEU B 21 43.29 54.00 24.46
CA LEU B 21 44.18 52.86 24.27
C LEU B 21 43.45 51.81 23.43
N SER B 22 44.21 51.15 22.54
CA SER B 22 43.64 50.17 21.63
C SER B 22 44.54 48.94 21.58
N CYS B 23 43.91 47.77 21.52
CA CYS B 23 44.60 46.50 21.38
C CYS B 23 43.94 45.70 20.27
N LYS B 24 44.75 45.03 19.46
CA LYS B 24 44.26 44.25 18.34
C LYS B 24 45.07 42.97 18.22
N CYS B 25 44.48 41.98 17.55
CA CYS B 25 45.12 40.71 17.29
C CYS B 25 45.10 40.43 15.78
N SER B 26 46.03 39.58 15.35
CA SER B 26 46.15 39.29 13.92
C SER B 26 44.86 38.75 13.35
N HIS B 27 44.25 37.78 14.04
CA HIS B 27 42.96 37.27 13.61
C HIS B 27 41.89 38.34 13.78
N SER B 28 41.11 38.57 12.73
CA SER B 28 40.02 39.52 12.84
C SER B 28 39.01 39.05 13.88
N LEU B 29 38.46 39.99 14.63
CA LEU B 29 37.42 39.64 15.59
C LEU B 29 36.23 38.98 14.90
N GLN B 30 35.94 39.37 13.67
CA GLN B 30 34.98 38.66 12.83
C GLN B 30 35.71 37.76 11.86
N HIS B 31 36.36 36.71 12.37
CA HIS B 31 37.09 35.78 11.52
C HIS B 31 36.21 34.58 11.14
N SER B 32 35.75 33.83 12.15
CA SER B 32 34.95 32.64 11.93
C SER B 32 33.56 32.75 12.55
N THR B 33 33.47 33.05 13.84
CA THR B 33 32.18 33.12 14.53
C THR B 33 31.64 34.55 14.50
N GLY B 34 32.40 35.47 15.08
CA GLY B 34 32.03 36.88 15.09
C GLY B 34 31.53 37.37 16.43
N ALA B 35 32.40 38.03 17.18
CA ALA B 35 32.06 38.62 18.46
C ALA B 35 33.31 39.26 19.04
N ASN B 36 33.10 40.08 20.08
CA ASN B 36 34.22 40.79 20.70
C ASN B 36 35.08 39.83 21.50
N TYR B 37 34.52 39.23 22.56
CA TYR B 37 35.29 38.41 23.49
C TYR B 37 36.51 39.16 24.00
N LEU B 38 36.34 40.44 24.31
CA LEU B 38 37.42 41.31 24.75
C LEU B 38 37.37 41.49 26.26
N ALA B 39 38.56 41.57 26.86
CA ALA B 39 38.69 41.79 28.29
C ALA B 39 39.75 42.85 28.55
N TRP B 40 39.44 43.78 29.45
CA TRP B 40 40.34 44.86 29.82
C TRP B 40 40.68 44.74 31.29
N TYR B 41 41.97 44.80 31.61
CA TYR B 41 42.45 44.69 32.98
C TYR B 41 43.42 45.83 33.28
N LEU B 42 43.44 46.25 34.53
CA LEU B 42 44.39 47.25 35.02
C LEU B 42 45.34 46.58 36.00
N GLN B 43 46.63 46.65 35.70
CA GLN B 43 47.67 45.97 36.49
C GLN B 43 48.30 46.99 37.43
N ARG B 44 47.75 47.09 38.63
CA ARG B 44 48.37 47.91 39.66
C ARG B 44 49.68 47.25 40.10
N PRO B 45 50.80 47.99 40.15
CA PRO B 45 52.07 47.37 40.55
C PRO B 45 51.96 46.74 41.94
N GLY B 46 52.53 45.55 42.06
CA GLY B 46 52.51 44.85 43.34
C GLY B 46 51.14 44.42 43.80
N GLN B 47 50.16 44.34 42.90
CA GLN B 47 48.82 43.94 43.28
C GLN B 47 48.17 43.18 42.13
N THR B 48 47.15 42.41 42.46
CA THR B 48 46.48 41.59 41.46
C THR B 48 45.70 42.49 40.49
N PRO B 49 45.63 42.13 39.21
CA PRO B 49 44.79 42.91 38.28
C PRO B 49 43.31 42.80 38.63
N ARG B 50 42.57 43.84 38.28
CA ARG B 50 41.12 43.89 38.49
C ARG B 50 40.44 44.14 37.15
N LEU B 51 39.44 43.32 36.84
CA LEU B 51 38.69 43.49 35.61
C LEU B 51 37.84 44.76 35.69
N LEU B 52 37.90 45.57 34.63
CA LEU B 52 37.14 46.81 34.55
C LEU B 52 35.88 46.64 33.71
N ILE B 53 36.04 46.27 32.44
CA ILE B 53 34.93 46.10 31.51
C ILE B 53 35.20 44.87 30.65
N HIS B 54 34.15 44.09 30.38
CA HIS B 54 34.24 42.89 29.55
C HIS B 54 33.45 43.12 28.27
N LEU B 55 34.09 42.84 27.14
CA LEU B 55 33.50 42.94 25.80
C LEU B 55 33.26 44.38 25.37
N ALA B 56 33.58 45.38 26.20
CA ALA B 56 33.38 46.78 25.86
C ALA B 56 31.92 47.09 25.53
N THR B 57 31.00 46.34 26.15
CA THR B 57 29.57 46.53 25.90
C THR B 57 28.82 46.73 27.21
N HIS B 58 29.28 46.07 28.28
CA HIS B 58 28.64 46.15 29.58
C HIS B 58 29.68 46.45 30.64
N ARG B 59 29.25 47.15 31.69
CA ARG B 59 30.12 47.54 32.79
C ARG B 59 29.80 46.68 34.01
N ALA B 60 30.85 46.12 34.61
CA ALA B 60 30.67 45.28 35.79
C ALA B 60 30.15 46.11 36.96
N SER B 61 29.38 45.45 37.83
CA SER B 61 28.81 46.13 38.99
C SER B 61 29.92 46.68 39.89
N GLY B 62 29.76 47.93 40.32
CA GLY B 62 30.70 48.57 41.20
C GLY B 62 31.82 49.32 40.52
N VAL B 63 31.99 49.15 39.22
CA VAL B 63 33.04 49.85 38.48
C VAL B 63 32.59 51.30 38.26
N PRO B 64 33.49 52.29 38.31
CA PRO B 64 33.07 53.66 38.04
C PRO B 64 32.49 53.81 36.64
N ASP B 65 31.48 54.67 36.52
CA ASP B 65 30.83 54.90 35.24
C ASP B 65 31.69 55.68 34.25
N ARG B 66 32.84 56.21 34.70
CA ARG B 66 33.69 56.98 33.80
C ARG B 66 34.22 56.11 32.67
N PHE B 67 34.59 54.86 32.98
CA PHE B 67 35.12 53.97 31.95
C PHE B 67 34.05 53.65 30.92
N SER B 68 34.44 53.63 29.66
CA SER B 68 33.51 53.33 28.57
C SER B 68 34.29 52.76 27.40
N GLY B 69 33.57 52.07 26.52
CA GLY B 69 34.17 51.47 25.35
C GLY B 69 33.24 51.53 24.17
N SER B 70 33.83 51.48 22.98
CA SER B 70 33.08 51.54 21.72
C SER B 70 33.97 51.02 20.61
N GLY B 71 33.53 51.21 19.37
CA GLY B 71 34.27 50.78 18.20
C GLY B 71 33.63 49.57 17.53
N SER B 72 34.14 49.26 16.35
CA SER B 72 33.66 48.14 15.57
C SER B 72 34.74 47.70 14.61
N GLY B 73 34.57 46.49 14.06
CA GLY B 73 35.52 45.95 13.11
C GLY B 73 36.71 45.29 13.79
N THR B 74 37.91 45.50 13.23
CA THR B 74 39.13 44.93 13.77
C THR B 74 39.87 45.88 14.71
N ASP B 75 39.33 47.08 14.94
CA ASP B 75 39.97 48.06 15.81
C ASP B 75 38.96 48.55 16.84
N PHE B 76 39.41 48.67 18.09
CA PHE B 76 38.58 49.14 19.18
C PHE B 76 39.42 50.03 20.09
N THR B 77 38.74 50.93 20.80
CA THR B 77 39.40 51.88 21.69
C THR B 77 38.63 51.97 22.99
N LEU B 78 39.34 52.34 24.05
CA LEU B 78 38.76 52.53 25.38
C LEU B 78 38.83 54.01 25.74
N LYS B 79 37.68 54.57 26.12
CA LYS B 79 37.55 55.99 26.43
C LYS B 79 37.39 56.14 27.94
N ILE B 80 38.27 56.94 28.55
CA ILE B 80 38.23 57.24 29.97
C ILE B 80 38.29 58.76 30.13
N SER B 81 37.39 59.31 30.93
CA SER B 81 37.30 60.74 31.16
C SER B 81 37.94 61.10 32.49
N ARG B 82 38.69 62.21 32.50
CA ARG B 82 39.36 62.70 33.70
C ARG B 82 40.32 61.64 34.26
N VAL B 83 41.33 61.31 33.46
CA VAL B 83 42.31 60.32 33.87
C VAL B 83 42.98 60.78 35.16
N GLU B 84 43.25 59.82 36.04
CA GLU B 84 43.84 60.08 37.35
C GLU B 84 45.08 59.21 37.53
N SER B 85 45.99 59.68 38.39
CA SER B 85 47.22 58.95 38.65
C SER B 85 46.96 57.59 39.28
N ASP B 86 45.77 57.39 39.88
CA ASP B 86 45.46 56.09 40.48
C ASP B 86 45.39 54.98 39.45
N ASP B 87 45.23 55.31 38.17
CA ASP B 87 45.16 54.33 37.10
C ASP B 87 46.51 54.01 36.49
N VAL B 88 47.59 54.57 37.04
CA VAL B 88 48.93 54.31 36.49
C VAL B 88 49.25 52.83 36.59
N GLY B 89 49.78 52.28 35.50
CA GLY B 89 50.11 50.87 35.46
C GLY B 89 50.22 50.40 34.02
N THR B 90 49.96 49.11 33.82
CA THR B 90 50.00 48.48 32.50
C THR B 90 48.65 47.85 32.20
N TYR B 91 48.20 48.01 30.95
CA TYR B 91 46.93 47.47 30.49
C TYR B 91 47.20 46.30 29.54
N TYR B 92 46.50 45.20 29.76
CA TYR B 92 46.63 44.00 28.95
C TYR B 92 45.28 43.62 28.36
N CYS B 93 45.28 43.28 27.08
CA CYS B 93 44.07 42.86 26.38
C CYS B 93 44.09 41.36 26.16
N MET B 94 42.93 40.73 26.36
CA MET B 94 42.78 39.29 26.22
C MET B 94 41.68 38.97 25.22
N GLN B 95 41.84 37.88 24.50
CA GLN B 95 40.88 37.44 23.50
C GLN B 95 40.43 36.02 23.82
N GLY B 96 39.14 35.75 23.61
CA GLY B 96 38.58 34.44 23.84
C GLY B 96 37.93 33.86 22.60
N LEU B 97 38.18 34.48 21.44
CA LEU B 97 37.54 34.04 20.22
C LEU B 97 38.01 32.66 19.80
N HIS B 98 39.33 32.45 19.78
CA HIS B 98 39.93 31.20 19.31
C HIS B 98 40.93 30.69 20.33
N SER B 99 40.85 29.39 20.62
CA SER B 99 41.83 28.76 21.48
C SER B 99 43.14 28.52 20.71
N PRO B 100 44.30 28.60 21.38
CA PRO B 100 44.52 28.89 22.80
C PRO B 100 44.35 30.36 23.14
N TRP B 101 44.09 30.65 24.41
CA TRP B 101 43.84 32.00 24.88
C TRP B 101 45.11 32.57 25.49
N THR B 102 45.55 33.71 24.98
CA THR B 102 46.80 34.33 25.40
C THR B 102 46.59 35.81 25.67
N PHE B 103 47.41 36.36 26.56
CA PHE B 103 47.34 37.77 26.90
C PHE B 103 48.13 38.60 25.88
N GLY B 104 47.89 39.91 25.91
CA GLY B 104 48.64 40.82 25.08
C GLY B 104 49.98 41.17 25.67
N GLN B 105 50.82 41.79 24.84
CA GLN B 105 52.16 42.19 25.30
C GLN B 105 52.07 43.23 26.41
N GLY B 106 51.16 44.18 26.27
CA GLY B 106 50.96 45.20 27.29
C GLY B 106 51.71 46.48 26.97
N THR B 107 51.19 47.60 27.48
CA THR B 107 51.81 48.90 27.31
C THR B 107 51.79 49.64 28.63
N LYS B 108 52.75 50.54 28.81
CA LYS B 108 52.91 51.30 30.05
C LYS B 108 52.63 52.77 29.79
N VAL B 109 51.85 53.38 30.68
CA VAL B 109 51.52 54.80 30.61
C VAL B 109 52.00 55.46 31.90
N GLU B 110 52.71 56.57 31.78
CA GLU B 110 53.28 57.27 32.93
C GLU B 110 52.82 58.72 32.92
N ILE B 111 52.64 59.27 34.12
CA ILE B 111 52.23 60.66 34.26
C ILE B 111 53.41 61.57 33.94
N LYS B 112 53.16 62.60 33.13
CA LYS B 112 54.21 63.52 32.77
C LYS B 112 54.75 64.25 34.00
N ARG B 113 56.06 64.44 34.04
CA ARG B 113 56.70 65.11 35.16
C ARG B 113 58.08 65.63 34.77
N LEU C 9 -46.68 -6.40 -8.06
CA LEU C 9 -45.52 -6.63 -8.91
C LEU C 9 -44.25 -6.11 -8.24
N GLY C 10 -43.12 -6.25 -8.93
CA GLY C 10 -41.86 -5.77 -8.44
C GLY C 10 -41.10 -6.82 -7.65
N PHE C 11 -39.92 -6.42 -7.19
CA PHE C 11 -39.04 -7.31 -6.44
C PHE C 11 -39.71 -7.79 -5.16
N LEU C 12 -40.05 -9.07 -5.11
CA LEU C 12 -40.72 -9.67 -3.95
C LEU C 12 -42.02 -8.95 -3.62
N GLY C 13 -42.72 -8.51 -4.67
CA GLY C 13 -43.99 -7.84 -4.46
C GLY C 13 -45.05 -8.75 -3.86
N ALA C 14 -45.07 -10.01 -4.30
CA ALA C 14 -46.05 -10.99 -3.85
C ALA C 14 -45.51 -11.91 -2.76
N ALA C 15 -44.65 -11.38 -1.88
CA ALA C 15 -44.09 -12.21 -0.82
C ALA C 15 -45.18 -12.71 0.12
N GLY C 16 -46.12 -11.84 0.48
CA GLY C 16 -47.21 -12.20 1.37
C GLY C 16 -48.42 -12.80 0.71
N SER C 17 -48.44 -12.90 -0.62
CA SER C 17 -49.57 -13.45 -1.33
C SER C 17 -49.60 -14.97 -1.22
N THR C 18 -50.68 -15.56 -1.70
CA THR C 18 -50.82 -17.01 -1.66
C THR C 18 -49.79 -17.69 -2.55
N MET C 19 -49.42 -18.91 -2.17
CA MET C 19 -48.38 -19.62 -2.92
C MET C 19 -48.79 -19.83 -4.36
N GLY C 20 -50.05 -20.19 -4.60
CA GLY C 20 -50.50 -20.35 -5.97
C GLY C 20 -50.43 -19.06 -6.77
N ALA C 21 -50.86 -17.95 -6.16
CA ALA C 21 -50.81 -16.67 -6.85
C ALA C 21 -49.39 -16.14 -6.94
N ALA C 22 -48.60 -16.31 -5.88
CA ALA C 22 -47.22 -15.83 -5.90
C ALA C 22 -46.37 -16.59 -6.90
N SER C 23 -46.74 -17.84 -7.19
CA SER C 23 -46.00 -18.65 -8.17
C SER C 23 -46.18 -18.17 -9.59
N MET C 24 -47.09 -17.23 -9.83
CA MET C 24 -47.34 -16.73 -11.19
C MET C 24 -46.38 -15.63 -11.59
N THR C 25 -45.48 -15.20 -10.72
CA THR C 25 -44.55 -14.11 -10.99
C THR C 25 -43.14 -14.48 -10.56
N LEU C 26 -42.70 -15.68 -10.95
CA LEU C 26 -41.34 -16.12 -10.64
C LEU C 26 -40.29 -15.45 -11.51
N THR C 27 -40.68 -14.94 -12.68
CA THR C 27 -39.70 -14.35 -13.58
C THR C 27 -39.12 -13.05 -13.05
N VAL C 28 -39.92 -12.26 -12.33
CA VAL C 28 -39.45 -10.96 -11.85
C VAL C 28 -38.32 -11.14 -10.85
N GLN C 29 -38.45 -12.10 -9.94
CA GLN C 29 -37.40 -12.34 -8.95
C GLN C 29 -36.13 -12.86 -9.61
N ALA C 30 -36.26 -13.81 -10.54
CA ALA C 30 -35.09 -14.38 -11.20
C ALA C 30 -34.31 -13.33 -11.97
N ARG C 31 -34.94 -12.22 -12.35
CA ARG C 31 -34.27 -11.20 -13.14
C ARG C 31 -33.31 -10.36 -12.31
N ASN C 32 -33.40 -10.42 -10.97
CA ASN C 32 -32.63 -9.55 -10.09
C ASN C 32 -31.57 -10.30 -9.29
N LEU C 33 -31.22 -11.52 -9.69
CA LEU C 33 -30.20 -12.28 -8.98
C LEU C 33 -28.80 -11.79 -9.28
N LEU C 34 -28.60 -11.02 -10.34
CA LEU C 34 -27.29 -10.44 -10.63
C LEU C 34 -27.48 -9.20 -11.49
N SER C 35 -26.51 -8.30 -11.41
CA SER C 35 -26.57 -7.05 -12.17
C SER C 35 -25.16 -6.53 -12.47
N THR C 58 -9.95 3.51 -2.52
CA THR C 58 -9.64 2.10 -2.46
C THR C 58 -10.62 1.36 -1.57
N VAL C 59 -11.28 2.09 -0.66
CA VAL C 59 -12.28 1.47 0.20
C VAL C 59 -13.44 0.95 -0.62
N TRP C 60 -13.81 1.69 -1.67
CA TRP C 60 -14.91 1.29 -2.55
C TRP C 60 -14.43 0.43 -3.72
N GLY C 61 -13.13 0.09 -3.77
CA GLY C 61 -12.61 -0.72 -4.85
C GLY C 61 -12.66 -2.21 -4.57
N ILE C 62 -12.07 -2.62 -3.44
CA ILE C 62 -12.11 -4.04 -3.08
C ILE C 62 -13.45 -4.42 -2.47
N LYS C 63 -14.08 -3.49 -1.75
CA LYS C 63 -15.39 -3.78 -1.17
C LYS C 63 -16.49 -3.85 -2.22
N GLN C 64 -16.22 -3.43 -3.45
CA GLN C 64 -17.16 -3.58 -4.56
C GLN C 64 -16.84 -4.78 -5.43
N LEU C 65 -15.55 -5.05 -5.68
CA LEU C 65 -15.17 -6.21 -6.48
C LEU C 65 -15.51 -7.51 -5.75
N GLN C 66 -15.28 -7.56 -4.44
CA GLN C 66 -15.57 -8.78 -3.70
C GLN C 66 -17.05 -9.13 -3.75
N ALA C 67 -17.92 -8.13 -3.63
CA ALA C 67 -19.35 -8.38 -3.68
C ALA C 67 -19.77 -8.94 -5.03
N ARG C 68 -19.20 -8.42 -6.12
CA ARG C 68 -19.59 -8.85 -7.44
C ARG C 68 -19.27 -10.32 -7.67
N VAL C 69 -18.08 -10.76 -7.24
CA VAL C 69 -17.69 -12.15 -7.45
C VAL C 69 -18.58 -13.09 -6.64
N LEU C 70 -18.97 -12.67 -5.44
CA LEU C 70 -19.83 -13.51 -4.61
C LEU C 70 -21.18 -13.76 -5.29
N ALA C 71 -21.76 -12.71 -5.87
CA ALA C 71 -23.06 -12.86 -6.53
C ALA C 71 -22.95 -13.80 -7.72
N VAL C 72 -21.88 -13.70 -8.49
CA VAL C 72 -21.74 -14.52 -9.70
C VAL C 72 -21.66 -15.99 -9.33
N GLU C 73 -20.77 -16.34 -8.39
CA GLU C 73 -20.63 -17.74 -8.02
C GLU C 73 -21.86 -18.24 -7.27
N ARG C 74 -22.48 -17.39 -6.46
CA ARG C 74 -23.71 -17.78 -5.78
C ARG C 74 -24.82 -18.10 -6.77
N TYR C 75 -24.96 -17.28 -7.82
CA TYR C 75 -25.98 -17.54 -8.83
C TYR C 75 -25.69 -18.84 -9.57
N LEU C 76 -24.41 -19.11 -9.86
CA LEU C 76 -24.06 -20.32 -10.59
C LEU C 76 -24.33 -21.58 -9.78
N ARG C 77 -24.16 -21.52 -8.45
CA ARG C 77 -24.36 -22.70 -7.63
C ARG C 77 -25.80 -23.21 -7.74
N ASP C 78 -26.78 -22.30 -7.69
CA ASP C 78 -28.17 -22.71 -7.82
C ASP C 78 -28.46 -23.24 -9.22
N GLN C 79 -27.88 -22.61 -10.24
CA GLN C 79 -28.17 -23.01 -11.62
C GLN C 79 -27.68 -24.42 -11.90
N GLN C 80 -26.46 -24.75 -11.48
CA GLN C 80 -25.96 -26.10 -11.70
C GLN C 80 -26.74 -27.12 -10.88
N LEU C 81 -27.11 -26.76 -9.65
CA LEU C 81 -27.93 -27.65 -8.84
C LEU C 81 -29.28 -27.91 -9.50
N LEU C 82 -29.88 -26.86 -10.06
CA LEU C 82 -31.13 -27.02 -10.79
C LEU C 82 -30.92 -27.81 -12.08
N GLY C 83 -29.75 -27.69 -12.69
CA GLY C 83 -29.51 -28.34 -13.98
C GLY C 83 -29.24 -29.83 -13.88
N ILE C 84 -28.66 -30.29 -12.77
CA ILE C 84 -28.36 -31.71 -12.62
C ILE C 84 -29.60 -32.54 -12.33
N TRP C 85 -30.74 -31.90 -12.05
CA TRP C 85 -32.00 -32.60 -11.85
C TRP C 85 -32.81 -32.71 -13.14
N GLY C 86 -32.34 -32.14 -14.24
CA GLY C 86 -33.09 -32.13 -15.48
C GLY C 86 -33.98 -30.92 -15.68
N CYS C 87 -33.77 -29.85 -14.90
CA CYS C 87 -34.58 -28.64 -15.01
C CYS C 87 -33.70 -27.45 -15.32
N SER C 88 -32.80 -27.60 -16.30
CA SER C 88 -31.79 -26.58 -16.55
C SER C 88 -32.40 -25.24 -16.93
N GLY C 89 -33.41 -25.26 -17.80
CA GLY C 89 -34.00 -24.02 -18.30
C GLY C 89 -35.49 -23.92 -18.08
N LYS C 90 -35.98 -24.41 -16.95
CA LYS C 90 -37.40 -24.39 -16.62
C LYS C 90 -37.61 -23.70 -15.28
N LEU C 91 -38.53 -22.74 -15.23
CA LEU C 91 -38.86 -22.11 -13.96
C LEU C 91 -39.67 -23.06 -13.07
N ILE C 92 -40.61 -23.80 -13.66
CA ILE C 92 -41.41 -24.79 -12.95
C ILE C 92 -41.07 -26.15 -13.55
N CYS C 93 -40.66 -27.08 -12.68
CA CYS C 93 -40.21 -28.39 -13.12
C CYS C 93 -40.63 -29.41 -12.07
N CYS C 94 -41.03 -30.60 -12.54
CA CYS C 94 -41.46 -31.68 -11.67
C CYS C 94 -40.64 -32.93 -11.96
N THR C 95 -40.40 -33.72 -10.92
CA THR C 95 -39.49 -34.85 -10.97
C THR C 95 -40.23 -36.14 -10.62
N ASN C 96 -39.67 -37.25 -11.08
CA ASN C 96 -40.30 -38.56 -10.90
C ASN C 96 -40.36 -38.99 -9.44
N VAL C 97 -39.48 -38.45 -8.59
CA VAL C 97 -39.42 -38.95 -7.21
C VAL C 97 -40.75 -38.67 -6.52
N PRO C 98 -41.32 -39.62 -5.77
CA PRO C 98 -42.61 -39.37 -5.12
C PRO C 98 -42.47 -38.47 -3.92
N TRP C 99 -43.62 -37.95 -3.48
CA TRP C 99 -43.69 -37.08 -2.30
C TRP C 99 -43.98 -37.92 -1.06
N ASN C 100 -43.05 -37.93 -0.12
CA ASN C 100 -43.25 -38.67 1.13
C ASN C 100 -44.18 -37.89 2.04
N SER C 101 -45.25 -38.54 2.50
CA SER C 101 -46.23 -37.89 3.36
C SER C 101 -45.67 -37.56 4.74
N SER C 102 -44.53 -38.14 5.12
CA SER C 102 -43.95 -37.84 6.43
C SER C 102 -43.56 -36.38 6.53
N TRP C 103 -42.98 -35.81 5.47
CA TRP C 103 -42.56 -34.42 5.51
C TRP C 103 -43.75 -33.48 5.74
N SER C 104 -44.86 -33.73 5.03
CA SER C 104 -46.05 -32.92 5.18
C SER C 104 -47.22 -33.66 4.54
N ASN C 105 -48.29 -33.86 5.30
CA ASN C 105 -49.49 -34.56 4.84
C ASN C 105 -50.68 -33.64 5.05
N ARG C 106 -50.97 -32.81 4.05
CA ARG C 106 -52.10 -31.90 4.10
C ARG C 106 -52.69 -31.77 2.70
N ASN C 107 -53.96 -31.38 2.66
CA ASN C 107 -54.64 -31.20 1.37
C ASN C 107 -53.98 -30.08 0.59
N LEU C 108 -53.92 -30.25 -0.73
CA LEU C 108 -53.34 -29.23 -1.59
C LEU C 108 -54.09 -27.91 -1.49
N SER C 109 -55.39 -27.98 -1.16
CA SER C 109 -56.18 -26.76 -1.00
C SER C 109 -55.76 -25.95 0.21
N GLU C 110 -54.92 -26.49 1.09
CA GLU C 110 -54.40 -25.78 2.25
C GLU C 110 -52.93 -25.40 2.09
N ILE C 111 -52.36 -25.58 0.90
CA ILE C 111 -50.95 -25.30 0.65
C ILE C 111 -50.76 -24.22 -0.41
N TRP C 112 -51.52 -24.27 -1.49
CA TRP C 112 -51.31 -23.37 -2.62
C TRP C 112 -52.10 -22.06 -2.47
N ASP C 113 -53.40 -22.16 -2.16
CA ASP C 113 -54.27 -21.00 -2.06
C ASP C 113 -54.56 -20.63 -0.60
N ASN C 114 -53.80 -21.15 0.35
CA ASN C 114 -54.01 -20.87 1.76
C ASN C 114 -52.73 -20.52 2.52
N MET C 115 -51.56 -20.87 2.01
CA MET C 115 -50.30 -20.70 2.73
C MET C 115 -49.32 -19.94 1.85
N THR C 116 -48.38 -19.26 2.50
CA THR C 116 -47.38 -18.45 1.82
C THR C 116 -46.04 -19.18 1.74
N TRP C 117 -45.20 -18.72 0.82
CA TRP C 117 -43.91 -19.37 0.61
C TRP C 117 -43.02 -19.27 1.83
N LEU C 118 -43.02 -18.11 2.49
CA LEU C 118 -42.09 -17.88 3.59
C LEU C 118 -42.28 -18.90 4.71
N GLN C 119 -43.52 -19.06 5.18
CA GLN C 119 -43.78 -20.04 6.23
C GLN C 119 -43.64 -21.46 5.72
N TRP C 120 -43.95 -21.69 4.44
CA TRP C 120 -43.77 -23.03 3.88
C TRP C 120 -42.31 -23.45 3.90
N ASP C 121 -41.38 -22.50 3.76
CA ASP C 121 -39.97 -22.83 3.81
C ASP C 121 -39.59 -23.43 5.16
N LYS C 122 -40.11 -22.85 6.25
CA LYS C 122 -39.76 -23.33 7.58
C LYS C 122 -40.24 -24.77 7.80
N GLU C 123 -41.44 -25.09 7.29
CA GLU C 123 -42.01 -26.40 7.55
C GLU C 123 -41.14 -27.51 6.96
N ILE C 124 -40.65 -27.32 5.74
CA ILE C 124 -39.87 -28.35 5.04
C ILE C 124 -38.37 -28.11 5.19
N SER C 125 -37.95 -27.19 6.06
CA SER C 125 -36.53 -26.89 6.19
C SER C 125 -35.75 -28.09 6.72
N ASN C 126 -36.41 -28.99 7.44
CA ASN C 126 -35.69 -30.09 8.08
C ASN C 126 -35.07 -31.03 7.06
N TYR C 127 -35.82 -31.35 5.99
CA TYR C 127 -35.41 -32.39 5.05
C TYR C 127 -34.98 -31.82 3.69
N THR C 128 -34.57 -30.55 3.65
CA THR C 128 -34.11 -29.97 2.39
C THR C 128 -32.87 -30.69 1.87
N GLN C 129 -31.92 -31.00 2.76
CA GLN C 129 -30.70 -31.66 2.32
C GLN C 129 -30.97 -33.07 1.81
N ILE C 130 -31.86 -33.80 2.48
CA ILE C 130 -32.14 -35.17 2.08
C ILE C 130 -32.91 -35.20 0.77
N ILE C 131 -33.87 -34.29 0.61
CA ILE C 131 -34.68 -34.27 -0.61
C ILE C 131 -33.81 -33.97 -1.83
N TYR C 132 -32.85 -33.05 -1.68
CA TYR C 132 -32.00 -32.69 -2.80
C TYR C 132 -31.20 -33.89 -3.30
N GLY C 133 -30.71 -34.72 -2.38
CA GLY C 133 -29.94 -35.88 -2.78
C GLY C 133 -30.72 -36.83 -3.66
N LEU C 134 -32.02 -37.00 -3.37
CA LEU C 134 -32.83 -37.90 -4.17
C LEU C 134 -32.91 -37.45 -5.61
N LEU C 135 -33.04 -36.14 -5.84
CA LEU C 135 -33.15 -35.63 -7.20
C LEU C 135 -31.88 -35.92 -8.00
N GLU C 136 -30.72 -35.79 -7.37
CA GLU C 136 -29.45 -36.04 -8.06
C GLU C 136 -29.39 -37.46 -8.59
N GLU C 137 -29.74 -38.44 -7.76
CA GLU C 137 -29.69 -39.83 -8.20
C GLU C 137 -30.80 -40.14 -9.18
N SER C 138 -32.00 -39.57 -8.96
CA SER C 138 -33.14 -39.89 -9.81
C SER C 138 -32.88 -39.52 -11.26
N GLN C 139 -32.29 -38.34 -11.49
CA GLN C 139 -31.98 -37.93 -12.86
C GLN C 139 -30.92 -38.82 -13.48
N ASN C 140 -30.02 -39.39 -12.67
CA ASN C 140 -28.93 -40.17 -13.24
C ASN C 140 -29.45 -41.40 -13.97
N GLN C 141 -30.41 -42.11 -13.38
CA GLN C 141 -30.98 -43.27 -14.06
C GLN C 141 -31.66 -42.86 -15.36
N GLN C 142 -32.41 -41.76 -15.34
CA GLN C 142 -33.12 -41.33 -16.53
C GLN C 142 -32.16 -41.07 -17.68
N GLU C 143 -31.00 -40.47 -17.37
CA GLU C 143 -30.03 -40.17 -18.43
C GLU C 143 -29.52 -41.43 -19.09
N LYS C 144 -29.19 -42.46 -18.30
CA LYS C 144 -28.66 -43.69 -18.87
C LYS C 144 -29.75 -44.54 -19.50
N ASN C 145 -30.95 -44.57 -18.91
CA ASN C 145 -32.05 -45.32 -19.50
C ASN C 145 -32.38 -44.78 -20.89
N GLU C 146 -32.26 -43.47 -21.09
CA GLU C 146 -32.47 -42.90 -22.42
C GLU C 146 -31.43 -43.44 -23.40
N GLN C 147 -30.17 -43.50 -22.97
CA GLN C 147 -29.12 -44.02 -23.84
C GLN C 147 -29.38 -45.49 -24.18
N ASP C 148 -29.80 -46.28 -23.19
CA ASP C 148 -30.10 -47.69 -23.45
C ASP C 148 -31.24 -47.82 -24.46
N LEU C 149 -32.29 -47.02 -24.30
CA LEU C 149 -33.39 -47.05 -25.25
C LEU C 149 -32.93 -46.65 -26.65
N LEU C 150 -32.10 -45.60 -26.73
CA LEU C 150 -31.60 -45.17 -28.03
C LEU C 150 -30.75 -46.25 -28.67
N ALA C 151 -29.91 -46.92 -27.88
CA ALA C 151 -29.09 -48.01 -28.42
C ALA C 151 -29.97 -49.14 -28.95
N LEU C 152 -31.05 -49.45 -28.23
CA LEU C 152 -31.96 -50.51 -28.68
C LEU C 152 -32.57 -50.16 -30.02
N ASP C 153 -32.96 -48.89 -30.21
CA ASP C 153 -33.53 -48.45 -31.48
C ASP C 153 -32.50 -48.56 -32.59
N LEU D 9 -19.44 -43.32 -3.63
CA LEU D 9 -18.04 -42.94 -3.48
C LEU D 9 -17.90 -41.43 -3.41
N GLY D 10 -16.72 -40.96 -3.02
CA GLY D 10 -16.43 -39.55 -2.91
C GLY D 10 -15.87 -38.97 -4.19
N PHE D 11 -15.29 -37.77 -4.07
CA PHE D 11 -14.72 -37.09 -5.21
C PHE D 11 -13.62 -37.94 -5.84
N LEU D 12 -13.71 -38.14 -7.15
CA LEU D 12 -12.74 -38.94 -7.91
C LEU D 12 -12.63 -40.36 -7.33
N GLY D 13 -13.70 -40.84 -6.70
CA GLY D 13 -13.65 -42.15 -6.09
C GLY D 13 -13.47 -43.28 -7.09
N ALA D 14 -14.14 -43.17 -8.24
CA ALA D 14 -14.14 -44.23 -9.24
C ALA D 14 -13.15 -43.97 -10.37
N ALA D 15 -12.01 -43.34 -10.05
CA ALA D 15 -11.02 -43.06 -11.09
C ALA D 15 -10.47 -44.35 -11.69
N GLY D 16 -10.17 -45.33 -10.85
CA GLY D 16 -9.63 -46.61 -11.30
C GLY D 16 -10.64 -47.62 -11.75
N SER D 17 -11.94 -47.31 -11.65
CA SER D 17 -12.97 -48.25 -12.04
C SER D 17 -13.15 -48.24 -13.56
N THR D 18 -13.94 -49.20 -14.04
CA THR D 18 -14.23 -49.29 -15.47
C THR D 18 -15.14 -48.15 -15.90
N MET D 19 -15.24 -47.96 -17.23
CA MET D 19 -16.06 -46.90 -17.76
C MET D 19 -17.52 -47.06 -17.35
N GLY D 20 -18.04 -48.29 -17.43
CA GLY D 20 -19.41 -48.53 -17.03
C GLY D 20 -19.66 -48.16 -15.57
N ALA D 21 -18.74 -48.52 -14.69
CA ALA D 21 -18.85 -48.12 -13.29
C ALA D 21 -18.53 -46.65 -13.10
N ALA D 22 -17.74 -46.06 -14.00
CA ALA D 22 -17.43 -44.65 -13.91
C ALA D 22 -18.67 -43.79 -14.14
N SER D 23 -19.52 -44.18 -15.08
CA SER D 23 -20.73 -43.43 -15.36
C SER D 23 -21.69 -43.41 -14.19
N MET D 24 -21.53 -44.32 -13.22
CA MET D 24 -22.38 -44.33 -12.04
C MET D 24 -22.30 -43.02 -11.28
N THR D 25 -21.14 -42.36 -11.31
CA THR D 25 -20.89 -41.20 -10.46
C THR D 25 -20.42 -40.00 -11.28
N LEU D 26 -21.11 -39.68 -12.37
CA LEU D 26 -20.79 -38.47 -13.11
C LEU D 26 -21.12 -37.21 -12.31
N THR D 27 -22.19 -37.26 -11.52
CA THR D 27 -22.63 -36.07 -10.80
C THR D 27 -21.64 -35.67 -9.71
N VAL D 28 -21.02 -36.64 -9.04
CA VAL D 28 -20.19 -36.32 -7.88
C VAL D 28 -19.01 -35.46 -8.29
N GLN D 29 -18.44 -35.70 -9.46
CA GLN D 29 -17.37 -34.85 -9.93
C GLN D 29 -17.89 -33.49 -10.38
N ALA D 30 -19.06 -33.46 -11.01
CA ALA D 30 -19.60 -32.21 -11.53
C ALA D 30 -19.88 -31.22 -10.41
N ARG D 31 -20.46 -31.68 -9.30
CA ARG D 31 -20.83 -30.76 -8.22
C ARG D 31 -19.61 -30.10 -7.58
N ASN D 32 -18.41 -30.64 -7.79
CA ASN D 32 -17.20 -30.10 -7.19
C ASN D 32 -16.42 -29.20 -8.14
N LEU D 33 -16.99 -28.83 -9.28
CA LEU D 33 -16.30 -27.94 -10.20
C LEU D 33 -16.22 -26.52 -9.68
N LEU D 34 -17.07 -26.14 -8.73
CA LEU D 34 -16.98 -24.83 -8.10
C LEU D 34 -17.64 -24.90 -6.73
N SER D 35 -16.98 -24.33 -5.74
CA SER D 35 -17.48 -24.34 -4.37
C SER D 35 -17.05 -23.09 -3.62
N THR D 58 -3.30 -10.30 4.03
CA THR D 58 -2.73 -9.59 2.89
C THR D 58 -2.50 -10.55 1.73
N VAL D 59 -1.50 -11.43 1.87
CA VAL D 59 -1.21 -12.39 0.82
C VAL D 59 -2.40 -13.31 0.59
N TRP D 60 -3.02 -13.78 1.68
CA TRP D 60 -4.17 -14.67 1.53
C TRP D 60 -5.35 -13.95 0.88
N GLY D 61 -5.47 -12.64 1.08
CA GLY D 61 -6.60 -11.93 0.51
C GLY D 61 -6.62 -11.98 -1.01
N ILE D 62 -5.47 -11.75 -1.63
CA ILE D 62 -5.42 -11.76 -3.10
C ILE D 62 -5.36 -13.19 -3.64
N LYS D 63 -4.81 -14.13 -2.87
CA LYS D 63 -4.84 -15.53 -3.28
C LYS D 63 -6.24 -16.11 -3.24
N GLN D 64 -7.17 -15.46 -2.54
CA GLN D 64 -8.55 -15.93 -2.51
C GLN D 64 -9.31 -15.47 -3.75
N LEU D 65 -9.34 -14.16 -3.99
CA LEU D 65 -10.09 -13.63 -5.12
C LEU D 65 -9.51 -14.11 -6.44
N GLN D 66 -8.18 -14.19 -6.54
CA GLN D 66 -7.56 -14.63 -7.78
C GLN D 66 -7.98 -16.06 -8.13
N ALA D 67 -8.05 -16.94 -7.12
CA ALA D 67 -8.44 -18.32 -7.37
C ALA D 67 -9.94 -18.43 -7.64
N ARG D 68 -10.75 -17.66 -6.92
CA ARG D 68 -12.20 -17.74 -7.11
C ARG D 68 -12.60 -17.35 -8.53
N VAL D 69 -12.01 -16.29 -9.06
CA VAL D 69 -12.37 -15.84 -10.40
C VAL D 69 -12.00 -16.90 -11.43
N LEU D 70 -10.82 -17.50 -11.30
CA LEU D 70 -10.39 -18.49 -12.27
C LEU D 70 -11.32 -19.69 -12.30
N ALA D 71 -11.77 -20.14 -11.13
CA ALA D 71 -12.64 -21.31 -11.07
C ALA D 71 -13.96 -21.04 -11.79
N VAL D 72 -14.51 -19.84 -11.63
CA VAL D 72 -15.78 -19.52 -12.27
C VAL D 72 -15.65 -19.55 -13.79
N GLU D 73 -14.64 -18.85 -14.31
CA GLU D 73 -14.50 -18.76 -15.77
C GLU D 73 -14.08 -20.10 -16.36
N ARG D 74 -13.23 -20.85 -15.66
CA ARG D 74 -12.84 -22.18 -16.13
C ARG D 74 -14.05 -23.11 -16.20
N TYR D 75 -14.90 -23.07 -15.18
CA TYR D 75 -16.11 -23.89 -15.18
C TYR D 75 -17.05 -23.47 -16.30
N LEU D 76 -17.20 -22.16 -16.50
CA LEU D 76 -18.11 -21.67 -17.54
C LEU D 76 -17.61 -22.03 -18.93
N ARG D 77 -16.30 -22.17 -19.11
CA ARG D 77 -15.75 -22.49 -20.42
C ARG D 77 -16.25 -23.84 -20.92
N ASP D 78 -16.29 -24.84 -20.03
CA ASP D 78 -16.77 -26.15 -20.43
C ASP D 78 -18.25 -26.13 -20.79
N GLN D 79 -19.07 -25.42 -20.00
CA GLN D 79 -20.50 -25.35 -20.29
C GLN D 79 -20.77 -24.59 -21.58
N GLN D 80 -20.04 -23.48 -21.82
CA GLN D 80 -20.19 -22.78 -23.08
C GLN D 80 -19.81 -23.68 -24.25
N LEU D 81 -18.68 -24.37 -24.13
CA LEU D 81 -18.29 -25.33 -25.15
C LEU D 81 -19.30 -26.47 -25.24
N LEU D 82 -19.74 -26.97 -24.09
CA LEU D 82 -20.69 -28.07 -24.06
C LEU D 82 -22.11 -27.64 -24.42
N GLY D 83 -22.41 -26.34 -24.33
CA GLY D 83 -23.75 -25.85 -24.62
C GLY D 83 -24.05 -25.57 -26.07
N ILE D 84 -23.04 -25.62 -26.95
CA ILE D 84 -23.24 -25.37 -28.37
C ILE D 84 -23.24 -26.65 -29.18
N TRP D 85 -23.20 -27.81 -28.53
CA TRP D 85 -23.28 -29.10 -29.19
C TRP D 85 -24.67 -29.72 -29.09
N GLY D 86 -25.66 -28.98 -28.59
CA GLY D 86 -26.97 -29.53 -28.39
C GLY D 86 -27.14 -30.35 -27.14
N CYS D 87 -26.19 -30.24 -26.20
CA CYS D 87 -26.21 -31.01 -24.96
C CYS D 87 -26.11 -30.07 -23.76
N SER D 88 -26.93 -29.02 -23.77
CA SER D 88 -26.80 -27.96 -22.78
C SER D 88 -27.00 -28.49 -21.36
N GLY D 89 -28.06 -29.26 -21.15
CA GLY D 89 -28.40 -29.72 -19.81
C GLY D 89 -28.40 -31.24 -19.66
N LYS D 90 -27.42 -31.90 -20.28
CA LYS D 90 -27.34 -33.36 -20.24
C LYS D 90 -25.95 -33.78 -19.80
N LEU D 91 -25.90 -34.68 -18.81
CA LEU D 91 -24.62 -35.29 -18.43
C LEU D 91 -24.18 -36.35 -19.43
N ILE D 92 -25.13 -36.98 -20.12
CA ILE D 92 -24.84 -37.91 -21.21
C ILE D 92 -25.67 -37.47 -22.42
N CYS D 93 -25.02 -37.34 -23.57
CA CYS D 93 -25.68 -36.81 -24.75
C CYS D 93 -25.04 -37.42 -25.99
N CYS D 94 -25.86 -38.05 -26.83
CA CYS D 94 -25.39 -38.71 -28.04
C CYS D 94 -25.39 -37.72 -29.20
N THR D 95 -24.41 -37.86 -30.09
CA THR D 95 -24.21 -36.96 -31.21
C THR D 95 -24.32 -37.69 -32.53
N ASN D 96 -24.67 -36.94 -33.57
CA ASN D 96 -24.94 -37.51 -34.89
C ASN D 96 -23.72 -37.58 -35.80
N VAL D 97 -22.58 -37.02 -35.39
CA VAL D 97 -21.39 -37.05 -36.25
C VAL D 97 -20.78 -38.44 -36.20
N PRO D 98 -20.39 -39.02 -37.33
CA PRO D 98 -19.80 -40.37 -37.30
C PRO D 98 -18.42 -40.37 -36.67
N TRP D 99 -18.06 -41.52 -36.09
CA TRP D 99 -16.76 -41.71 -35.46
C TRP D 99 -15.79 -42.24 -36.50
N ASN D 100 -14.90 -41.37 -36.98
CA ASN D 100 -13.94 -41.78 -37.99
C ASN D 100 -13.00 -42.84 -37.44
N SER D 101 -12.76 -43.89 -38.24
CA SER D 101 -11.88 -44.97 -37.82
C SER D 101 -10.42 -44.56 -37.77
N SER D 102 -10.07 -43.40 -38.32
CA SER D 102 -8.68 -42.97 -38.31
C SER D 102 -8.18 -42.77 -36.88
N TRP D 103 -9.00 -42.19 -36.01
CA TRP D 103 -8.61 -41.99 -34.63
C TRP D 103 -8.33 -43.33 -33.95
N SER D 104 -9.19 -44.31 -34.18
CA SER D 104 -9.01 -45.64 -33.62
C SER D 104 -10.02 -46.58 -34.28
N ASN D 105 -9.74 -47.88 -34.18
CA ASN D 105 -10.64 -48.90 -34.73
C ASN D 105 -10.45 -50.16 -33.90
N ARG D 106 -11.32 -50.37 -32.92
CA ARG D 106 -11.24 -51.56 -32.09
C ARG D 106 -12.61 -51.82 -31.46
N ASN D 107 -12.76 -53.02 -30.91
CA ASN D 107 -14.05 -53.46 -30.39
C ASN D 107 -14.48 -52.62 -29.20
N LEU D 108 -15.80 -52.46 -29.05
CA LEU D 108 -16.34 -51.72 -27.91
C LEU D 108 -16.03 -52.44 -26.61
N SER D 109 -16.10 -53.77 -26.61
CA SER D 109 -15.85 -54.54 -25.39
C SER D 109 -14.44 -54.33 -24.86
N GLU D 110 -13.52 -53.85 -25.69
CA GLU D 110 -12.15 -53.59 -25.27
C GLU D 110 -11.96 -52.17 -24.76
N ILE D 111 -13.03 -51.38 -24.67
CA ILE D 111 -12.96 -49.98 -24.26
C ILE D 111 -13.75 -49.72 -22.99
N TRP D 112 -14.94 -50.30 -22.87
CA TRP D 112 -15.86 -49.91 -21.80
C TRP D 112 -15.54 -50.61 -20.48
N ASP D 113 -15.61 -51.94 -20.47
CA ASP D 113 -15.58 -52.70 -19.23
C ASP D 113 -14.18 -53.14 -18.82
N ASN D 114 -13.13 -52.70 -19.53
CA ASN D 114 -11.77 -53.11 -19.20
C ASN D 114 -10.78 -51.95 -19.27
N MET D 115 -11.23 -50.70 -19.23
CA MET D 115 -10.37 -49.53 -19.28
C MET D 115 -10.78 -48.51 -18.25
N THR D 116 -9.81 -47.71 -17.82
CA THR D 116 -10.06 -46.57 -16.94
C THR D 116 -9.99 -45.29 -17.75
N TRP D 117 -10.76 -44.29 -17.30
CA TRP D 117 -10.86 -43.04 -18.05
C TRP D 117 -9.50 -42.37 -18.22
N LEU D 118 -8.60 -42.56 -17.26
CA LEU D 118 -7.27 -41.97 -17.37
C LEU D 118 -6.52 -42.50 -18.58
N GLN D 119 -6.61 -43.81 -18.81
CA GLN D 119 -5.93 -44.40 -19.97
C GLN D 119 -6.56 -43.96 -21.27
N TRP D 120 -7.87 -43.72 -21.28
CA TRP D 120 -8.57 -43.42 -22.53
C TRP D 120 -8.06 -42.13 -23.16
N ASP D 121 -7.95 -41.06 -22.37
CA ASP D 121 -7.51 -39.79 -22.92
C ASP D 121 -6.05 -39.85 -23.36
N LYS D 122 -5.25 -40.73 -22.76
CA LYS D 122 -3.88 -40.90 -23.23
C LYS D 122 -3.85 -41.47 -24.63
N GLU D 123 -4.83 -42.29 -24.99
CA GLU D 123 -4.85 -42.89 -26.32
C GLU D 123 -5.26 -41.87 -27.39
N ILE D 124 -6.24 -41.02 -27.08
CA ILE D 124 -6.79 -40.09 -28.07
C ILE D 124 -6.43 -38.67 -27.70
N SER D 125 -5.30 -38.49 -27.00
CA SER D 125 -4.90 -37.14 -26.59
C SER D 125 -4.64 -36.25 -27.79
N ASN D 126 -3.97 -36.79 -28.82
CA ASN D 126 -3.66 -35.98 -30.00
C ASN D 126 -4.91 -35.64 -30.81
N TYR D 127 -6.00 -36.38 -30.63
CA TYR D 127 -7.18 -36.22 -31.48
C TYR D 127 -8.40 -35.82 -30.68
N THR D 128 -8.25 -34.85 -29.79
CA THR D 128 -9.37 -34.28 -29.04
C THR D 128 -9.92 -33.02 -29.69
N GLN D 129 -9.05 -32.12 -30.17
CA GLN D 129 -9.51 -30.86 -30.74
C GLN D 129 -9.98 -31.00 -32.20
N ILE D 130 -9.70 -32.12 -32.87
CA ILE D 130 -10.32 -32.36 -34.17
C ILE D 130 -11.79 -32.75 -33.98
N ILE D 131 -12.07 -33.58 -32.96
CA ILE D 131 -13.44 -34.04 -32.76
C ILE D 131 -14.34 -32.88 -32.31
N TYR D 132 -13.81 -31.97 -31.49
CA TYR D 132 -14.60 -30.87 -30.99
C TYR D 132 -15.13 -30.00 -32.13
N GLY D 133 -14.28 -29.73 -33.13
CA GLY D 133 -14.72 -28.93 -34.26
C GLY D 133 -15.87 -29.58 -35.01
N LEU D 134 -15.80 -30.90 -35.19
CA LEU D 134 -16.85 -31.60 -35.91
C LEU D 134 -18.20 -31.55 -35.19
N LEU D 135 -18.21 -31.30 -33.89
CA LEU D 135 -19.47 -31.23 -33.16
C LEU D 135 -20.22 -29.92 -33.41
N GLU D 136 -19.49 -28.82 -33.61
CA GLU D 136 -20.16 -27.53 -33.80
C GLU D 136 -20.97 -27.51 -35.08
N GLU D 137 -20.44 -28.05 -36.17
CA GLU D 137 -21.15 -27.98 -37.45
C GLU D 137 -22.45 -28.76 -37.40
N SER D 138 -22.44 -29.93 -36.75
CA SER D 138 -23.65 -30.74 -36.69
C SER D 138 -24.79 -30.02 -35.98
N GLN D 139 -24.49 -29.39 -34.85
CA GLN D 139 -25.54 -28.69 -34.11
C GLN D 139 -26.08 -27.51 -34.91
N ASN D 140 -25.19 -26.75 -35.55
CA ASN D 140 -25.65 -25.60 -36.34
C ASN D 140 -26.54 -26.05 -37.50
N GLN D 141 -26.15 -27.12 -38.18
CA GLN D 141 -26.98 -27.64 -39.26
C GLN D 141 -28.24 -28.30 -38.71
N GLN D 142 -28.12 -29.02 -37.60
CA GLN D 142 -29.28 -29.72 -37.05
C GLN D 142 -30.38 -28.76 -36.63
N GLU D 143 -30.01 -27.66 -35.97
CA GLU D 143 -31.02 -26.71 -35.51
C GLU D 143 -31.66 -25.97 -36.68
N LYS D 144 -30.90 -25.72 -37.75
CA LYS D 144 -31.46 -25.03 -38.90
C LYS D 144 -32.58 -25.83 -39.54
N ASN D 145 -32.40 -27.15 -39.65
CA ASN D 145 -33.42 -28.00 -40.27
C ASN D 145 -34.71 -28.03 -39.46
N GLU D 146 -34.66 -27.69 -38.16
CA GLU D 146 -35.85 -27.74 -37.33
C GLU D 146 -36.91 -26.76 -37.83
N GLN D 147 -36.49 -25.57 -38.27
CA GLN D 147 -37.45 -24.58 -38.75
C GLN D 147 -38.20 -25.10 -39.97
N ASP D 148 -37.50 -25.74 -40.90
CA ASP D 148 -38.14 -26.22 -42.13
C ASP D 148 -39.14 -27.34 -41.86
N LEU D 149 -39.04 -28.02 -40.72
CA LEU D 149 -39.97 -29.12 -40.44
C LEU D 149 -41.40 -28.62 -40.35
N LEU D 150 -41.62 -27.52 -39.64
CA LEU D 150 -42.95 -26.94 -39.49
C LEU D 150 -43.32 -26.00 -40.64
N ALA D 151 -42.38 -25.66 -41.50
CA ALA D 151 -42.69 -24.76 -42.61
C ALA D 151 -43.65 -25.41 -43.60
N LEU D 152 -43.53 -26.72 -43.81
CA LEU D 152 -44.41 -27.40 -44.76
C LEU D 152 -45.86 -27.31 -44.33
N ASP D 153 -46.13 -27.50 -43.04
CA ASP D 153 -47.49 -27.43 -42.52
C ASP D 153 -47.94 -25.98 -42.41
N ASN E 3 -48.79 -40.58 -4.02
CA ASN E 3 -49.83 -39.97 -4.82
C ASN E 3 -49.37 -38.62 -5.37
N LEU E 4 -48.56 -37.90 -4.60
CA LEU E 4 -48.05 -36.60 -4.98
C LEU E 4 -46.60 -36.69 -5.42
N TRP E 5 -46.16 -35.68 -6.17
CA TRP E 5 -44.81 -35.62 -6.71
C TRP E 5 -44.20 -34.26 -6.40
N VAL E 6 -42.94 -34.26 -5.99
CA VAL E 6 -42.26 -33.02 -5.63
C VAL E 6 -41.90 -32.25 -6.89
N THR E 7 -42.14 -30.94 -6.85
CA THR E 7 -41.82 -30.06 -7.96
C THR E 7 -40.97 -28.90 -7.46
N VAL E 8 -40.00 -28.49 -8.27
CA VAL E 8 -39.06 -27.43 -7.90
C VAL E 8 -39.49 -26.13 -8.57
N TYR E 9 -39.48 -25.05 -7.80
CA TYR E 9 -39.82 -23.72 -8.29
C TYR E 9 -38.62 -22.81 -8.12
N TYR E 10 -38.25 -22.09 -9.16
CA TYR E 10 -37.10 -21.19 -9.16
C TYR E 10 -37.59 -19.75 -9.17
N GLY E 11 -37.05 -18.94 -8.25
CA GLY E 11 -37.42 -17.55 -8.15
C GLY E 11 -38.53 -17.25 -7.17
N VAL E 12 -38.73 -18.11 -6.17
CA VAL E 12 -39.81 -17.92 -5.20
C VAL E 12 -39.46 -16.76 -4.27
N PRO E 13 -40.46 -16.09 -3.66
CA PRO E 13 -40.18 -15.01 -2.69
C PRO E 13 -39.90 -15.51 -1.28
N VAL E 14 -38.66 -15.90 -1.03
CA VAL E 14 -38.22 -16.38 0.27
C VAL E 14 -36.86 -15.76 0.58
N TRP E 15 -36.65 -15.39 1.84
CA TRP E 15 -35.39 -14.79 2.27
C TRP E 15 -34.99 -15.37 3.62
N LYS E 16 -33.80 -14.98 4.07
CA LYS E 16 -33.28 -15.42 5.35
C LYS E 16 -32.30 -14.37 5.86
N ASP E 17 -32.17 -14.27 7.18
CA ASP E 17 -31.25 -13.32 7.78
C ASP E 17 -29.82 -13.63 7.34
N ALA E 18 -29.09 -12.59 6.98
CA ALA E 18 -27.71 -12.76 6.53
C ALA E 18 -26.95 -11.45 6.71
N GLU E 19 -25.65 -11.52 6.44
CA GLU E 19 -24.75 -10.40 6.69
C GLU E 19 -23.74 -10.35 5.55
N THR E 20 -23.64 -9.22 4.88
CA THR E 20 -22.78 -9.08 3.71
C THR E 20 -22.00 -7.77 3.83
N THR E 21 -21.31 -7.41 2.76
CA THR E 21 -20.51 -6.18 2.70
C THR E 21 -21.20 -5.21 1.74
N LEU E 22 -21.99 -4.30 2.31
CA LEU E 22 -22.69 -3.32 1.50
C LEU E 22 -21.70 -2.33 0.90
N PHE E 23 -22.07 -1.77 -0.26
CA PHE E 23 -21.27 -0.76 -0.94
C PHE E 23 -21.98 0.59 -0.87
N CYS E 24 -21.30 1.62 -1.36
CA CYS E 24 -21.73 2.99 -1.21
C CYS E 24 -22.58 3.46 -2.39
N ALA E 25 -23.22 4.61 -2.20
CA ALA E 25 -23.98 5.28 -3.25
C ALA E 25 -24.24 6.70 -2.80
N SER E 26 -23.86 7.67 -3.64
CA SER E 26 -23.93 9.08 -3.27
C SER E 26 -24.49 9.89 -4.44
N ASP E 27 -25.00 11.08 -4.12
CA ASP E 27 -25.57 11.97 -5.11
C ASP E 27 -24.47 12.66 -5.92
N ALA E 28 -24.87 13.23 -7.05
CA ALA E 28 -23.92 13.85 -7.96
C ALA E 28 -23.44 15.22 -7.47
N LYS E 29 -24.25 15.91 -6.65
CA LYS E 29 -23.89 17.26 -6.24
C LYS E 29 -22.56 17.28 -5.50
N ALA E 30 -22.36 16.34 -4.57
CA ALA E 30 -21.12 16.31 -3.81
C ALA E 30 -19.92 16.10 -4.73
N TYR E 31 -20.03 15.16 -5.67
CA TYR E 31 -18.93 14.91 -6.60
C TYR E 31 -18.84 15.98 -7.68
N GLU E 32 -19.97 16.57 -8.05
CA GLU E 32 -19.96 17.59 -9.11
C GLU E 32 -19.15 18.82 -8.72
N THR E 33 -19.10 19.13 -7.41
CA THR E 33 -18.34 20.29 -6.98
C THR E 33 -16.86 20.14 -7.26
N GLU E 34 -16.37 18.91 -7.37
CA GLU E 34 -14.96 18.57 -7.57
C GLU E 34 -14.12 18.83 -6.32
N LYS E 35 -14.75 19.24 -5.22
CA LYS E 35 -14.03 19.44 -3.97
C LYS E 35 -13.77 18.10 -3.29
N HIS E 36 -12.66 18.03 -2.56
CA HIS E 36 -12.27 16.80 -1.88
C HIS E 36 -12.90 16.74 -0.50
N ASN E 37 -13.39 15.55 -0.14
CA ASN E 37 -14.05 15.32 1.13
C ASN E 37 -13.38 14.15 1.84
N VAL E 38 -13.43 14.16 3.17
CA VAL E 38 -12.84 13.08 3.95
C VAL E 38 -13.49 11.76 3.58
N TRP E 39 -14.82 11.75 3.49
CA TRP E 39 -15.57 10.59 3.00
C TRP E 39 -15.68 10.74 1.49
N ALA E 40 -14.66 10.27 0.78
CA ALA E 40 -14.54 10.50 -0.65
C ALA E 40 -15.63 9.73 -1.38
N THR E 41 -16.69 10.43 -1.76
CA THR E 41 -17.76 9.85 -2.56
C THR E 41 -17.50 9.98 -4.06
N HIS E 42 -16.36 10.53 -4.47
CA HIS E 42 -16.01 10.56 -5.89
C HIS E 42 -15.87 9.14 -6.43
N ALA E 43 -15.21 8.27 -5.68
CA ALA E 43 -15.14 6.86 -6.08
C ALA E 43 -16.48 6.16 -5.87
N CYS E 44 -17.24 6.58 -4.86
CA CYS E 44 -18.55 6.00 -4.62
C CYS E 44 -19.44 6.17 -5.84
N VAL E 45 -20.14 5.09 -6.22
CA VAL E 45 -20.93 5.07 -7.44
C VAL E 45 -22.11 6.05 -7.30
N PRO E 46 -22.60 6.62 -8.39
CA PRO E 46 -23.75 7.51 -8.29
C PRO E 46 -25.01 6.76 -7.87
N THR E 47 -25.88 7.45 -7.14
CA THR E 47 -27.11 6.85 -6.66
C THR E 47 -28.18 6.89 -7.75
N ASP E 48 -29.21 6.07 -7.56
CA ASP E 48 -30.30 6.01 -8.52
C ASP E 48 -31.07 7.33 -8.52
N PRO E 49 -31.73 7.66 -9.63
CA PRO E 49 -32.51 8.91 -9.66
C PRO E 49 -33.59 8.97 -8.59
N ASN E 50 -34.21 7.83 -8.27
CA ASN E 50 -35.20 7.78 -7.21
C ASN E 50 -35.25 6.35 -6.68
N PRO E 51 -35.51 6.16 -5.38
CA PRO E 51 -35.62 4.79 -4.86
C PRO E 51 -37.02 4.23 -5.07
N GLN E 52 -37.06 2.94 -5.37
CA GLN E 52 -38.32 2.23 -5.62
C GLN E 52 -38.70 1.46 -4.35
N GLU E 53 -39.33 2.16 -3.42
CA GLU E 53 -39.74 1.58 -2.15
C GLU E 53 -41.03 0.79 -2.38
N ILE E 54 -40.88 -0.49 -2.68
CA ILE E 54 -42.03 -1.37 -2.87
C ILE E 54 -42.56 -1.78 -1.51
N HIS E 55 -43.87 -1.58 -1.30
CA HIS E 55 -44.50 -1.90 -0.03
C HIS E 55 -45.08 -3.31 -0.10
N LEU E 56 -44.59 -4.18 0.77
CA LEU E 56 -45.13 -5.53 0.89
C LEU E 56 -46.37 -5.53 1.77
N GLU E 57 -47.19 -6.57 1.61
CA GLU E 57 -48.44 -6.69 2.35
C GLU E 57 -48.54 -8.07 2.98
N ASN E 58 -49.18 -8.12 4.15
CA ASN E 58 -49.43 -9.35 4.89
C ASN E 58 -48.17 -10.00 5.42
N VAL E 59 -47.04 -9.30 5.43
CA VAL E 59 -45.75 -9.87 5.81
C VAL E 59 -45.23 -9.12 7.04
N THR E 60 -44.78 -9.87 8.03
CA THR E 60 -44.18 -9.34 9.25
C THR E 60 -42.79 -9.91 9.43
N GLU E 61 -41.86 -9.06 9.84
CA GLU E 61 -40.46 -9.45 10.03
C GLU E 61 -40.01 -9.05 11.43
N GLU E 62 -39.07 -9.84 11.97
CA GLU E 62 -38.55 -9.63 13.32
C GLU E 62 -37.34 -8.70 13.24
N PHE E 63 -37.61 -7.42 13.09
CA PHE E 63 -36.56 -6.42 13.03
C PHE E 63 -35.85 -6.30 14.37
N ASN E 64 -34.57 -5.93 14.31
CA ASN E 64 -33.77 -5.74 15.52
C ASN E 64 -32.66 -4.76 15.22
N MET E 65 -32.44 -3.81 16.13
CA MET E 65 -31.46 -2.76 15.95
C MET E 65 -30.24 -2.88 16.84
N TRP E 66 -30.33 -3.64 17.93
CA TRP E 66 -29.21 -3.79 18.85
C TRP E 66 -28.24 -4.88 18.45
N LYS E 67 -28.68 -5.85 17.64
CA LYS E 67 -27.82 -6.89 17.10
C LYS E 67 -27.52 -6.68 15.61
N ASN E 68 -27.89 -5.53 15.06
CA ASN E 68 -27.66 -5.28 13.64
C ASN E 68 -26.18 -5.13 13.36
N ASN E 69 -25.73 -5.74 12.26
CA ASN E 69 -24.35 -5.62 11.81
C ASN E 69 -24.11 -4.43 10.90
N MET E 70 -25.17 -3.74 10.47
CA MET E 70 -24.99 -2.57 9.62
C MET E 70 -24.21 -1.48 10.37
N VAL E 71 -24.52 -1.29 11.66
CA VAL E 71 -23.79 -0.31 12.45
C VAL E 71 -22.32 -0.71 12.59
N GLU E 72 -22.06 -1.99 12.85
CA GLU E 72 -20.68 -2.45 13.00
C GLU E 72 -19.90 -2.26 11.71
N GLN E 73 -20.52 -2.60 10.58
CA GLN E 73 -19.84 -2.43 9.30
C GLN E 73 -19.59 -0.95 9.00
N MET E 74 -20.57 -0.09 9.29
CA MET E 74 -20.42 1.33 8.99
C MET E 74 -19.45 2.00 9.95
N HIS E 75 -19.39 1.55 11.20
CA HIS E 75 -18.44 2.12 12.14
C HIS E 75 -17.01 1.91 11.65
N THR E 76 -16.70 0.70 11.20
CA THR E 76 -15.38 0.42 10.66
C THR E 76 -15.15 1.15 9.34
N ASP E 77 -16.19 1.22 8.51
CA ASP E 77 -16.05 1.86 7.20
C ASP E 77 -15.72 3.34 7.36
N ILE E 78 -16.37 4.02 8.31
CA ILE E 78 -16.11 5.44 8.52
C ILE E 78 -14.67 5.66 8.96
N ILE E 79 -14.17 4.80 9.83
CA ILE E 79 -12.80 4.95 10.31
C ILE E 79 -11.81 4.81 9.15
N SER E 80 -12.05 3.87 8.25
CA SER E 80 -11.11 3.62 7.16
C SER E 80 -10.94 4.84 6.27
N LEU E 81 -12.06 5.45 5.86
CA LEU E 81 -11.97 6.63 5.01
C LEU E 81 -11.29 7.79 5.74
N TRP E 82 -11.62 7.97 7.02
CA TRP E 82 -11.01 9.05 7.79
C TRP E 82 -9.50 8.86 7.87
N ASP E 83 -9.05 7.63 8.10
CA ASP E 83 -7.61 7.36 8.15
C ASP E 83 -6.98 7.51 6.77
N GLN E 84 -7.69 7.11 5.72
CA GLN E 84 -7.14 7.17 4.37
C GLN E 84 -6.81 8.60 3.96
N SER E 85 -7.69 9.54 4.30
CA SER E 85 -7.48 10.93 3.92
C SER E 85 -6.27 11.55 4.60
N LEU E 86 -5.85 11.01 5.75
CA LEU E 86 -4.72 11.57 6.49
C LEU E 86 -3.38 10.99 6.05
N LYS E 87 -3.38 9.94 5.22
CA LYS E 87 -2.12 9.34 4.79
C LYS E 87 -1.24 10.31 4.01
N PRO E 88 -1.74 11.02 3.00
CA PRO E 88 -0.85 11.90 2.22
C PRO E 88 -0.55 13.22 2.89
N CYS E 89 -1.16 13.52 4.04
CA CYS E 89 -0.95 14.80 4.69
C CYS E 89 0.44 14.87 5.31
N VAL E 90 0.83 16.00 5.93
CA VAL E 90 2.21 16.23 6.49
C VAL E 90 2.29 15.82 7.95
N LYS E 91 3.30 15.05 8.31
CA LYS E 91 3.52 14.60 9.70
C LYS E 91 4.17 15.75 10.46
N LEU E 92 3.65 16.18 11.62
CA LEU E 92 4.19 17.28 12.42
C LEU E 92 5.07 16.67 13.47
N THR E 93 6.14 15.97 13.05
CA THR E 93 7.16 15.37 13.92
C THR E 93 8.33 16.30 14.10
N PRO E 94 8.49 17.44 13.41
CA PRO E 94 9.54 18.32 13.75
C PRO E 94 9.03 19.28 14.82
N LEU E 95 7.81 19.10 15.31
CA LEU E 95 7.15 20.02 16.23
C LEU E 95 7.34 19.65 17.69
N CYS E 96 8.03 18.55 17.99
CA CYS E 96 8.27 18.14 19.36
C CYS E 96 9.56 18.81 19.84
N VAL E 97 9.40 19.98 20.46
CA VAL E 97 10.50 20.77 20.96
C VAL E 97 10.06 21.40 22.28
N THR E 98 11.00 22.08 22.95
CA THR E 98 10.73 22.72 24.23
C THR E 98 10.08 24.07 23.97
N LEU E 99 8.75 24.07 23.90
CA LEU E 99 8.02 25.31 23.70
C LEU E 99 8.21 26.24 24.90
N GLN E 100 8.46 27.51 24.61
CA GLN E 100 8.65 28.54 25.63
C GLN E 100 7.49 29.54 25.49
N CYS E 101 6.45 29.36 26.29
CA CYS E 101 5.22 30.12 26.16
C CYS E 101 5.05 31.11 27.31
N THR E 102 4.10 32.03 27.13
CA THR E 102 3.77 33.01 28.13
C THR E 102 2.31 33.40 27.97
N ASN E 103 1.71 33.90 29.05
CA ASN E 103 0.33 34.34 29.00
C ASN E 103 0.17 35.56 28.11
N VAL E 104 -0.97 35.65 27.44
CA VAL E 104 -1.31 36.77 26.58
C VAL E 104 -2.44 37.55 27.23
N THR E 105 -2.27 38.87 27.33
CA THR E 105 -3.26 39.74 27.97
C THR E 105 -3.47 41.01 27.15
N ASN E 106 -3.46 40.87 25.83
CA ASN E 106 -3.71 42.03 24.97
C ASN E 106 -5.11 42.60 25.22
N ASN E 107 -6.14 41.80 24.96
CA ASN E 107 -7.52 42.18 25.24
C ASN E 107 -8.26 40.90 25.62
N ILE E 108 -8.34 40.64 26.92
CA ILE E 108 -8.80 39.36 27.46
C ILE E 108 -10.05 39.59 28.28
N THR E 109 -11.05 38.74 28.07
CA THR E 109 -12.26 38.76 28.87
C THR E 109 -11.98 38.08 30.23
N ASP E 110 -12.83 38.38 31.20
CA ASP E 110 -12.62 37.87 32.56
C ASP E 110 -12.58 36.35 32.58
N ASP E 111 -13.46 35.71 31.80
CA ASP E 111 -13.54 34.25 31.84
C ASP E 111 -12.40 33.58 31.10
N MET E 112 -11.97 34.17 29.98
CA MET E 112 -10.98 33.53 29.10
C MET E 112 -9.59 34.07 29.42
N ARG E 113 -9.13 33.78 30.64
CA ARG E 113 -7.86 34.31 31.11
C ARG E 113 -6.67 33.47 30.63
N GLY E 114 -6.61 32.22 31.06
CA GLY E 114 -5.49 31.34 30.72
C GLY E 114 -5.86 30.31 29.68
N GLU E 115 -6.87 30.61 28.87
CA GLU E 115 -7.38 29.63 27.92
C GLU E 115 -6.33 29.27 26.87
N LEU E 116 -5.59 30.26 26.36
CA LEU E 116 -4.59 30.04 25.33
C LEU E 116 -3.31 30.79 25.69
N LYS E 117 -2.20 30.28 25.16
CA LYS E 117 -0.88 30.78 25.48
C LYS E 117 -0.12 31.12 24.20
N ASN E 118 0.82 32.06 24.32
CA ASN E 118 1.65 32.52 23.22
C ASN E 118 2.98 31.80 23.29
N CYS E 119 3.23 30.91 22.33
CA CYS E 119 4.40 30.04 22.35
C CYS E 119 5.36 30.39 21.22
N SER E 120 6.66 30.28 21.50
CA SER E 120 7.71 30.46 20.51
C SER E 120 8.70 29.32 20.64
N PHE E 121 9.31 28.95 19.52
CA PHE E 121 10.19 27.79 19.48
C PHE E 121 11.09 27.87 18.26
N ASN E 122 12.08 26.98 18.21
CA ASN E 122 12.99 26.85 17.09
C ASN E 122 12.45 25.79 16.15
N MET E 123 12.29 26.15 14.87
CA MET E 123 11.71 25.26 13.88
C MET E 123 12.66 25.12 12.69
N THR E 124 12.53 24.00 11.98
CA THR E 124 13.42 23.69 10.89
C THR E 124 13.10 24.56 9.68
N THR E 125 13.80 24.30 8.58
CA THR E 125 13.67 25.07 7.35
C THR E 125 13.94 24.13 6.18
N GLU E 126 13.62 24.60 4.97
CA GLU E 126 13.86 23.78 3.77
C GLU E 126 15.28 23.27 3.72
N LEU E 127 16.25 24.09 4.09
CA LEU E 127 17.66 23.72 4.06
C LEU E 127 18.08 23.13 5.39
N ARG E 128 18.92 22.10 5.39
CA ARG E 128 19.31 21.34 6.59
C ARG E 128 20.17 22.15 7.51
N ASP E 129 20.93 23.13 7.02
CA ASP E 129 21.86 23.89 7.85
C ASP E 129 21.29 25.20 8.34
N LYS E 130 20.03 25.51 8.05
CA LYS E 130 19.41 26.76 8.47
C LYS E 130 18.22 26.48 9.37
N LYS E 131 18.03 27.35 10.36
CA LYS E 131 16.92 27.26 11.30
C LYS E 131 16.23 28.61 11.38
N GLN E 132 14.97 28.59 11.81
CA GLN E 132 14.16 29.78 11.94
C GLN E 132 13.46 29.79 13.30
N LYS E 133 13.21 30.98 13.82
CA LYS E 133 12.46 31.16 15.05
C LYS E 133 11.06 31.67 14.71
N VAL E 134 10.05 30.96 15.19
CA VAL E 134 8.65 31.26 14.90
C VAL E 134 7.85 31.24 16.19
N TYR E 135 6.66 31.83 16.13
CA TYR E 135 5.76 31.89 17.28
C TYR E 135 4.35 31.52 16.83
N SER E 136 3.56 31.04 17.79
CA SER E 136 2.17 30.71 17.54
C SER E 136 1.44 30.67 18.87
N LEU E 137 0.11 30.78 18.79
CA LEU E 137 -0.75 30.71 19.97
C LEU E 137 -1.35 29.32 20.04
N PHE E 138 -1.17 28.66 21.18
CA PHE E 138 -1.67 27.31 21.41
C PHE E 138 -2.65 27.32 22.58
N TYR E 139 -3.76 26.61 22.41
CA TYR E 139 -4.75 26.51 23.48
C TYR E 139 -4.15 25.78 24.68
N ARG E 140 -4.63 26.17 25.87
CA ARG E 140 -4.09 25.60 27.10
C ARG E 140 -4.26 24.09 27.15
N LEU E 141 -5.29 23.56 26.50
CA LEU E 141 -5.53 22.11 26.51
C LEU E 141 -4.52 21.34 25.68
N ASP E 142 -3.73 22.01 24.84
CA ASP E 142 -2.80 21.36 23.94
C ASP E 142 -1.35 21.40 24.42
N VAL E 143 -1.10 21.90 25.62
CA VAL E 143 0.26 22.05 26.12
C VAL E 143 0.32 21.52 27.56
N VAL E 144 1.53 21.18 27.98
CA VAL E 144 1.77 20.68 29.33
C VAL E 144 3.17 21.10 29.75
N GLN E 145 3.34 21.39 31.04
CA GLN E 145 4.63 21.82 31.55
C GLN E 145 5.63 20.68 31.50
N ILE E 146 6.82 20.97 30.97
CA ILE E 146 7.87 19.96 30.96
C ILE E 146 8.39 19.70 32.37
N ASN E 147 8.61 20.76 33.14
CA ASN E 147 9.12 20.63 34.50
C ASN E 147 7.97 20.49 35.50
N LYS E 159 7.18 29.63 31.24
CA LYS E 159 7.89 28.38 31.51
C LYS E 159 7.97 27.54 30.24
N GLU E 160 8.68 26.41 30.33
CA GLU E 160 8.88 25.53 29.19
C GLU E 160 7.70 24.56 29.10
N TYR E 161 7.04 24.54 27.95
CA TYR E 161 5.89 23.68 27.68
C TYR E 161 6.24 22.72 26.56
N ARG E 162 5.31 21.81 26.28
CA ARG E 162 5.44 20.89 25.15
C ARG E 162 4.05 20.41 24.75
N LEU E 163 3.93 19.97 23.52
CA LEU E 163 2.67 19.42 23.04
C LEU E 163 2.35 18.12 23.77
N ILE E 164 1.08 17.91 24.07
CA ILE E 164 0.68 16.74 24.85
C ILE E 164 0.96 15.46 24.09
N ASN E 165 0.80 15.49 22.77
CA ASN E 165 0.94 14.29 21.96
C ASN E 165 2.40 13.83 21.80
N CYS E 166 3.37 14.63 22.23
CA CYS E 166 4.77 14.29 21.99
C CYS E 166 5.14 13.00 22.70
N ASN E 167 4.73 12.84 23.96
CA ASN E 167 5.07 11.63 24.71
C ASN E 167 4.17 10.45 24.36
N THR E 168 3.23 10.49 23.43
CA THR E 168 2.46 9.29 22.97
C THR E 168 2.79 8.99 21.53
N SER E 169 2.45 9.84 20.58
CA SER E 169 2.67 9.65 19.13
C SER E 169 2.61 10.98 18.42
N ALA E 170 3.15 11.11 17.21
CA ALA E 170 3.13 12.39 16.45
C ALA E 170 1.75 12.63 15.84
N CYS E 171 1.47 13.83 15.40
CA CYS E 171 0.14 14.22 14.90
C CYS E 171 0.15 14.48 13.41
N THR E 172 -0.53 13.69 12.60
CA THR E 172 -0.64 13.95 11.15
C THR E 172 -1.52 15.14 10.95
N GLN E 173 -1.09 16.12 10.20
CA GLN E 173 -1.85 17.36 10.05
C GLN E 173 -3.08 17.07 9.24
N ALA E 174 -4.16 17.79 9.48
CA ALA E 174 -5.32 17.76 8.60
C ALA E 174 -5.01 18.56 7.33
N CYS E 175 -5.14 17.90 6.18
CA CYS E 175 -4.88 18.57 4.92
C CYS E 175 -5.85 19.74 4.75
N PRO E 176 -5.40 20.86 4.19
CA PRO E 176 -6.23 22.06 4.22
C PRO E 176 -7.31 22.12 3.16
N LYS E 177 -7.31 21.21 2.18
CA LYS E 177 -8.34 21.18 1.16
C LYS E 177 -9.50 20.27 1.53
N VAL E 178 -9.21 19.10 2.11
CA VAL E 178 -10.25 18.17 2.51
C VAL E 178 -11.07 18.78 3.64
N SER E 179 -12.39 18.73 3.51
CA SER E 179 -13.30 19.29 4.49
C SER E 179 -14.01 18.19 5.25
N PHE E 180 -14.36 18.48 6.50
CA PHE E 180 -15.08 17.54 7.35
C PHE E 180 -16.59 17.67 7.23
N GLU E 181 -17.08 18.51 6.32
CA GLU E 181 -18.51 18.72 6.13
C GLU E 181 -19.18 17.39 5.83
N PRO E 182 -20.01 16.85 6.73
CA PRO E 182 -20.69 15.59 6.42
C PRO E 182 -21.63 15.75 5.25
N ILE E 183 -21.74 14.68 4.46
CA ILE E 183 -22.67 14.63 3.32
C ILE E 183 -23.44 13.33 3.40
N PRO E 184 -24.73 13.30 3.04
CA PRO E 184 -25.48 12.05 3.13
C PRO E 184 -24.90 10.99 2.21
N ILE E 185 -24.92 9.74 2.67
CA ILE E 185 -24.49 8.60 1.88
C ILE E 185 -25.56 7.52 2.00
N HIS E 186 -25.65 6.70 0.95
CA HIS E 186 -26.64 5.63 0.86
C HIS E 186 -25.94 4.30 0.80
N TYR E 187 -26.40 3.35 1.61
CA TYR E 187 -25.87 1.99 1.63
C TYR E 187 -26.79 1.10 0.80
N CYS E 188 -26.25 0.49 -0.24
CA CYS E 188 -27.00 -0.35 -1.16
C CYS E 188 -26.49 -1.79 -1.09
N ALA E 189 -27.40 -2.73 -0.89
CA ALA E 189 -27.02 -4.12 -0.82
C ALA E 189 -26.64 -4.65 -2.20
N PRO E 190 -25.79 -5.65 -2.28
CA PRO E 190 -25.39 -6.20 -3.58
C PRO E 190 -26.50 -7.09 -4.16
N ALA E 191 -26.30 -7.47 -5.42
CA ALA E 191 -27.27 -8.31 -6.10
C ALA E 191 -27.39 -9.65 -5.40
N GLY E 192 -28.60 -10.19 -5.36
CA GLY E 192 -28.89 -11.40 -4.63
C GLY E 192 -29.25 -11.20 -3.18
N PHE E 193 -29.21 -9.95 -2.69
CA PHE E 193 -29.60 -9.60 -1.34
C PHE E 193 -30.70 -8.54 -1.40
N ALA E 194 -31.20 -8.15 -0.23
CA ALA E 194 -32.26 -7.16 -0.17
C ALA E 194 -32.20 -6.43 1.16
N ILE E 195 -32.79 -5.24 1.18
CA ILE E 195 -32.88 -4.42 2.39
C ILE E 195 -34.36 -4.23 2.70
N LEU E 196 -34.74 -4.48 3.94
CA LEU E 196 -36.12 -4.34 4.38
C LEU E 196 -36.24 -3.10 5.27
N LYS E 197 -37.27 -2.30 5.01
CA LYS E 197 -37.54 -1.10 5.78
C LYS E 197 -38.84 -1.28 6.56
N CYS E 198 -38.85 -0.80 7.80
CA CYS E 198 -40.02 -0.87 8.67
C CYS E 198 -40.76 0.47 8.63
N LYS E 199 -41.98 0.45 8.14
CA LYS E 199 -42.81 1.66 8.04
C LYS E 199 -43.66 1.88 9.28
N ASP E 200 -43.60 0.99 10.26
CA ASP E 200 -44.36 1.19 11.49
C ASP E 200 -43.93 2.49 12.17
N LYS E 201 -44.92 3.24 12.65
CA LYS E 201 -44.66 4.54 13.25
C LYS E 201 -44.51 4.48 14.77
N LYS E 202 -44.59 3.30 15.37
CA LYS E 202 -44.37 3.13 16.80
C LYS E 202 -43.42 1.96 17.07
N PHE E 203 -42.48 1.73 16.17
CA PHE E 203 -41.53 0.64 16.32
C PHE E 203 -40.53 1.01 17.41
N ASN E 204 -40.40 0.16 18.42
CA ASN E 204 -39.53 0.43 19.56
C ASN E 204 -38.15 -0.21 19.42
N GLY E 205 -37.77 -0.63 18.21
CA GLY E 205 -36.46 -1.16 17.93
C GLY E 205 -36.39 -2.66 17.90
N THR E 206 -37.27 -3.35 18.62
CA THR E 206 -37.27 -4.80 18.68
C THR E 206 -38.70 -5.31 18.67
N GLY E 207 -38.96 -6.34 17.87
CA GLY E 207 -40.26 -6.96 17.81
C GLY E 207 -40.80 -7.01 16.40
N PRO E 208 -41.95 -7.65 16.22
CA PRO E 208 -42.57 -7.73 14.89
C PRO E 208 -42.89 -6.34 14.34
N CYS E 209 -42.70 -6.17 13.04
CA CYS E 209 -42.98 -4.92 12.34
C CYS E 209 -44.05 -5.18 11.28
N PRO E 210 -45.33 -4.88 11.55
CA PRO E 210 -46.37 -5.25 10.57
C PRO E 210 -46.20 -4.60 9.21
N SER E 211 -45.68 -3.38 9.15
CA SER E 211 -45.55 -2.64 7.90
C SER E 211 -44.10 -2.76 7.43
N VAL E 212 -43.86 -3.61 6.44
CA VAL E 212 -42.53 -3.87 5.92
C VAL E 212 -42.49 -3.47 4.45
N SER E 213 -41.31 -3.07 3.99
CA SER E 213 -41.10 -2.68 2.61
C SER E 213 -39.66 -2.97 2.23
N THR E 214 -39.41 -3.04 0.92
CA THR E 214 -38.09 -3.33 0.38
C THR E 214 -37.59 -2.11 -0.39
N VAL E 215 -36.33 -1.74 -0.15
CA VAL E 215 -35.69 -0.61 -0.79
C VAL E 215 -34.32 -1.04 -1.27
N GLN E 216 -33.97 -0.61 -2.49
CA GLN E 216 -32.66 -0.98 -3.04
C GLN E 216 -31.52 -0.20 -2.40
N CYS E 217 -31.81 0.95 -1.80
CA CYS E 217 -30.78 1.76 -1.14
C CYS E 217 -31.41 2.51 0.02
N THR E 218 -30.64 2.68 1.09
CA THR E 218 -31.10 3.42 2.24
C THR E 218 -31.06 4.93 1.96
N HIS E 219 -31.75 5.68 2.81
CA HIS E 219 -31.74 7.13 2.66
C HIS E 219 -30.38 7.69 3.05
N GLY E 220 -30.12 8.92 2.63
CA GLY E 220 -28.86 9.57 2.93
C GLY E 220 -28.64 9.72 4.42
N ILE E 221 -27.51 9.22 4.92
CA ILE E 221 -27.17 9.26 6.34
C ILE E 221 -25.94 10.14 6.48
N LYS E 222 -26.10 11.29 7.13
CA LYS E 222 -24.98 12.19 7.37
C LYS E 222 -24.07 11.60 8.44
N PRO E 223 -22.77 11.39 8.17
CA PRO E 223 -21.90 10.82 9.21
C PRO E 223 -21.48 11.86 10.25
N VAL E 224 -22.46 12.37 10.99
CA VAL E 224 -22.19 13.37 12.02
C VAL E 224 -21.67 12.66 13.26
N VAL E 225 -20.53 13.11 13.76
CA VAL E 225 -19.93 12.59 14.99
C VAL E 225 -20.16 13.63 16.08
N SER E 226 -20.72 13.20 17.20
CA SER E 226 -21.02 14.11 18.31
C SER E 226 -21.02 13.31 19.61
N THR E 227 -21.43 13.97 20.68
CA THR E 227 -21.45 13.35 22.01
C THR E 227 -22.57 13.98 22.82
N GLN E 228 -23.37 13.13 23.46
CA GLN E 228 -24.46 13.56 24.34
C GLN E 228 -25.66 14.14 23.58
N LEU E 229 -25.53 14.31 22.27
CA LEU E 229 -26.60 14.91 21.48
C LEU E 229 -26.43 14.46 20.04
N LEU E 230 -27.54 14.11 19.41
CA LEU E 230 -27.56 13.70 18.01
C LEU E 230 -27.97 14.90 17.16
N LEU E 231 -27.03 15.41 16.37
CA LEU E 231 -27.25 16.59 15.56
C LEU E 231 -27.49 16.20 14.11
N ASN E 232 -28.32 17.01 13.48
CA ASN E 232 -28.59 16.87 12.06
C ASN E 232 -29.01 15.42 11.83
N GLY E 233 -30.00 14.86 12.52
CA GLY E 233 -30.49 13.51 12.40
C GLY E 233 -31.87 13.45 11.77
N SER E 234 -32.55 12.32 11.99
CA SER E 234 -33.89 12.07 11.47
C SER E 234 -34.89 12.19 12.60
N LEU E 235 -35.99 12.90 12.34
CA LEU E 235 -36.99 13.19 13.35
C LEU E 235 -38.16 12.23 13.25
N ALA E 236 -38.66 11.79 14.41
CA ALA E 236 -39.89 11.02 14.44
C ALA E 236 -41.08 11.93 14.15
N GLU E 237 -42.26 11.33 14.06
CA GLU E 237 -43.49 12.04 13.73
C GLU E 237 -44.54 11.82 14.80
N GLU E 238 -45.03 12.92 15.37
CA GLU E 238 -46.18 13.01 16.27
C GLU E 238 -45.87 12.51 17.69
N GLU E 239 -44.70 11.93 17.94
CA GLU E 239 -44.40 11.43 19.28
C GLU E 239 -42.89 11.27 19.43
N VAL E 240 -42.45 11.33 20.68
CA VAL E 240 -41.05 11.12 21.04
C VAL E 240 -40.90 9.67 21.46
N MET E 241 -39.92 8.98 20.87
CA MET E 241 -39.71 7.55 21.09
C MET E 241 -38.44 7.31 21.89
N ILE E 242 -38.49 6.34 22.79
CA ILE E 242 -37.36 5.95 23.63
C ILE E 242 -36.93 4.55 23.22
N ARG E 243 -35.64 4.40 22.91
CA ARG E 243 -35.06 3.12 22.52
C ARG E 243 -34.06 2.67 23.57
N SER E 244 -34.04 1.38 23.85
CA SER E 244 -33.07 0.82 24.80
C SER E 244 -33.13 -0.69 24.72
N GLU E 245 -31.97 -1.32 24.93
CA GLU E 245 -31.91 -2.79 24.92
C GLU E 245 -32.76 -3.36 26.04
N ASN E 246 -32.43 -2.98 27.28
CA ASN E 246 -33.17 -3.47 28.47
C ASN E 246 -33.43 -2.28 29.40
N ILE E 247 -34.70 -1.84 29.52
CA ILE E 247 -35.02 -0.69 30.35
C ILE E 247 -34.54 -0.91 31.78
N THR E 248 -34.73 -2.12 32.30
CA THR E 248 -34.34 -2.40 33.68
C THR E 248 -32.83 -2.23 33.87
N ASN E 249 -32.04 -2.72 32.91
CA ASN E 249 -30.59 -2.62 33.02
C ASN E 249 -30.16 -1.17 33.02
N ASN E 250 -29.11 -0.88 33.78
CA ASN E 250 -28.57 0.47 33.91
C ASN E 250 -27.33 0.70 33.06
N ALA E 251 -26.52 -0.34 32.83
CA ALA E 251 -25.33 -0.18 32.01
C ALA E 251 -25.67 0.15 30.55
N LYS E 252 -26.90 -0.13 30.13
CA LYS E 252 -27.31 0.12 28.75
C LYS E 252 -27.76 1.56 28.58
N ASN E 253 -27.32 2.19 27.50
CA ASN E 253 -27.71 3.56 27.21
C ASN E 253 -29.17 3.63 26.81
N ILE E 254 -29.72 4.84 26.89
CA ILE E 254 -31.10 5.12 26.49
C ILE E 254 -31.07 6.14 25.37
N LEU E 255 -31.75 5.81 24.27
CA LEU E 255 -31.77 6.66 23.08
C LEU E 255 -33.11 7.36 22.98
N VAL E 256 -33.07 8.66 22.71
CA VAL E 256 -34.27 9.47 22.54
C VAL E 256 -34.24 10.08 21.15
N GLN E 257 -35.42 10.38 20.62
CA GLN E 257 -35.55 10.95 19.28
C GLN E 257 -36.68 11.98 19.32
N PHE E 258 -36.32 13.26 19.24
CA PHE E 258 -37.32 14.32 19.27
C PHE E 258 -38.15 14.30 17.99
N ASN E 259 -39.47 14.47 18.16
CA ASN E 259 -40.35 14.58 17.00
C ASN E 259 -40.17 15.92 16.30
N THR E 260 -39.75 16.95 17.04
CA THR E 260 -39.50 18.28 16.50
C THR E 260 -38.10 18.72 16.88
N PRO E 261 -37.43 19.51 16.06
CA PRO E 261 -36.05 19.90 16.37
C PRO E 261 -35.96 21.18 17.18
N VAL E 262 -34.85 21.31 17.89
CA VAL E 262 -34.50 22.52 18.62
C VAL E 262 -33.21 23.06 18.02
N GLN E 263 -33.21 24.34 17.67
CA GLN E 263 -32.11 24.95 16.94
C GLN E 263 -31.05 25.46 17.92
N ILE E 264 -29.81 25.08 17.68
CA ILE E 264 -28.67 25.49 18.50
C ILE E 264 -27.70 26.26 17.62
N ASN E 265 -27.35 27.47 18.03
CA ASN E 265 -26.42 28.33 17.31
C ASN E 265 -25.08 28.32 18.05
N CYS E 266 -24.06 27.74 17.42
CA CYS E 266 -22.73 27.68 17.99
C CYS E 266 -21.82 28.65 17.22
N THR E 267 -21.09 29.47 17.95
CA THR E 267 -20.25 30.50 17.36
C THR E 267 -18.88 30.51 18.03
N ARG E 268 -17.88 30.99 17.29
CA ARG E 268 -16.54 31.23 17.82
C ARG E 268 -16.23 32.71 17.61
N PRO E 269 -16.46 33.57 18.61
CA PRO E 269 -16.38 35.01 18.36
C PRO E 269 -15.00 35.48 17.95
N ASN E 270 -13.94 34.74 18.27
CA ASN E 270 -12.60 35.18 17.92
C ASN E 270 -12.43 35.27 16.41
N ASN E 271 -11.41 36.02 16.01
CA ASN E 271 -11.11 36.30 14.60
C ASN E 271 -9.67 35.90 14.28
N ASN E 272 -9.32 34.67 14.66
CA ASN E 272 -7.97 34.15 14.45
C ASN E 272 -7.50 34.35 13.02
N THR E 273 -6.19 34.42 12.83
CA THR E 273 -5.59 34.60 11.50
C THR E 273 -4.60 33.48 11.25
N ARG E 274 -4.85 32.67 10.23
CA ARG E 274 -3.97 31.56 9.91
C ARG E 274 -2.64 32.09 9.38
N LYS E 275 -1.56 31.41 9.75
CA LYS E 275 -0.22 31.75 9.31
C LYS E 275 0.49 30.48 8.85
N SER E 276 1.17 30.56 7.71
CA SER E 276 1.85 29.41 7.12
C SER E 276 3.33 29.45 7.49
N ILE E 277 3.80 28.39 8.12
CA ILE E 277 5.21 28.21 8.45
C ILE E 277 5.76 27.08 7.59
N ARG E 278 6.82 27.36 6.85
CA ARG E 278 7.35 26.45 5.85
C ARG E 278 8.48 25.64 6.48
N ILE E 279 8.23 24.35 6.69
CA ILE E 279 9.19 23.45 7.30
C ILE E 279 9.56 22.37 6.29
N GLY E 280 10.85 22.14 6.12
CA GLY E 280 11.33 21.14 5.20
C GLY E 280 10.90 21.41 3.76
N PRO E 281 11.39 20.61 2.83
CA PRO E 281 11.04 20.83 1.42
C PRO E 281 9.75 20.12 1.02
N GLY E 282 8.78 20.87 0.49
CA GLY E 282 7.54 20.28 0.03
C GLY E 282 6.49 20.06 1.08
N GLN E 283 6.57 20.76 2.22
CA GLN E 283 5.57 20.63 3.26
C GLN E 283 5.56 21.90 4.08
N ALA E 284 4.37 22.27 4.58
CA ALA E 284 4.20 23.49 5.36
C ALA E 284 3.34 23.20 6.58
N PHE E 285 3.59 23.95 7.65
CA PHE E 285 2.84 23.83 8.90
C PHE E 285 2.07 25.12 9.13
N TYR E 286 0.75 25.00 9.28
CA TYR E 286 -0.12 26.15 9.47
C TYR E 286 -0.29 26.42 10.96
N ALA E 287 -0.11 27.69 11.34
CA ALA E 287 -0.16 28.08 12.75
C ALA E 287 -1.04 29.30 12.94
N THR E 288 -1.37 29.66 14.17
CA THR E 288 -2.32 30.76 14.44
C THR E 288 -1.59 31.98 14.94
N GLY E 289 -1.69 33.05 14.19
CA GLY E 289 -0.82 34.22 14.35
C GLY E 289 -1.29 35.12 15.48
N ASP E 290 -2.47 35.71 15.40
CA ASP E 290 -2.86 36.65 16.46
C ASP E 290 -4.35 36.93 16.24
N ILE E 291 -5.08 37.40 17.24
CA ILE E 291 -6.55 37.52 17.08
C ILE E 291 -7.00 38.96 16.85
N ILE E 292 -7.10 39.41 15.61
CA ILE E 292 -7.67 40.72 15.29
C ILE E 292 -8.74 41.03 16.32
N GLY E 293 -8.64 42.20 16.94
CA GLY E 293 -9.62 42.59 17.93
C GLY E 293 -9.40 41.88 19.27
N ASP E 294 -10.47 41.84 20.05
CA ASP E 294 -10.42 41.25 21.39
C ASP E 294 -10.72 39.76 21.34
N ILE E 295 -10.42 39.08 22.43
CA ILE E 295 -10.54 37.63 22.55
C ILE E 295 -11.72 37.31 23.46
N ARG E 296 -12.62 36.45 22.99
CA ARG E 296 -13.81 36.07 23.74
C ARG E 296 -14.00 34.56 23.66
N GLN E 297 -14.66 34.02 24.68
CA GLN E 297 -14.88 32.59 24.76
C GLN E 297 -15.95 32.14 23.78
N ALA E 298 -15.78 30.93 23.26
CA ALA E 298 -16.78 30.34 22.39
C ALA E 298 -17.98 29.87 23.21
N HIS E 299 -19.14 29.80 22.55
CA HIS E 299 -20.37 29.44 23.23
C HIS E 299 -21.40 28.99 22.20
N CYS E 300 -22.50 28.44 22.70
CA CYS E 300 -23.64 28.04 21.88
C CYS E 300 -24.92 28.55 22.53
N ASN E 301 -25.88 28.91 21.70
CA ASN E 301 -27.13 29.54 22.14
C ASN E 301 -28.30 28.59 21.90
N VAL E 302 -29.11 28.38 22.93
CA VAL E 302 -30.34 27.60 22.83
C VAL E 302 -31.43 28.34 23.61
N SER E 303 -32.60 28.49 23.00
CA SER E 303 -33.69 29.21 23.64
C SER E 303 -34.32 28.37 24.74
N LYS E 304 -34.70 29.05 25.83
CA LYS E 304 -35.32 28.33 26.96
C LYS E 304 -36.72 27.86 26.62
N ALA E 305 -37.46 28.64 25.82
CA ALA E 305 -38.86 28.33 25.58
C ALA E 305 -39.02 26.98 24.89
N THR E 306 -38.23 26.74 23.84
CA THR E 306 -38.39 25.51 23.07
C THR E 306 -37.74 24.30 23.73
N TRP E 307 -36.82 24.50 24.67
CA TRP E 307 -36.15 23.39 25.33
C TRP E 307 -36.96 22.83 26.49
N ASN E 308 -37.67 23.69 27.23
CA ASN E 308 -38.52 23.20 28.30
C ASN E 308 -39.64 22.31 27.75
N GLU E 309 -40.21 22.71 26.62
CA GLU E 309 -41.26 21.89 25.99
C GLU E 309 -40.70 20.53 25.59
N THR E 310 -39.49 20.50 25.03
CA THR E 310 -38.90 19.25 24.60
C THR E 310 -38.71 18.30 25.78
N LEU E 311 -38.18 18.81 26.89
CA LEU E 311 -38.05 17.98 28.09
C LEU E 311 -39.43 17.58 28.63
N GLY E 312 -40.43 18.43 28.42
CA GLY E 312 -41.78 18.06 28.83
C GLY E 312 -42.31 16.88 28.05
N LYS E 313 -42.00 16.80 26.75
CA LYS E 313 -42.39 15.66 25.95
C LYS E 313 -41.57 14.42 26.34
N VAL E 314 -40.28 14.60 26.60
CA VAL E 314 -39.42 13.47 26.94
C VAL E 314 -39.84 12.85 28.26
N VAL E 315 -40.11 13.67 29.27
CA VAL E 315 -40.45 13.15 30.59
C VAL E 315 -41.78 12.40 30.54
N LYS E 316 -42.71 12.87 29.71
CA LYS E 316 -44.00 12.19 29.59
C LYS E 316 -43.82 10.76 29.10
N GLN E 317 -42.96 10.54 28.10
CA GLN E 317 -42.75 9.20 27.59
C GLN E 317 -41.94 8.35 28.56
N LEU E 318 -41.04 8.96 29.33
CA LEU E 318 -40.26 8.21 30.30
C LEU E 318 -41.14 7.66 31.43
N ARG E 319 -42.33 8.25 31.64
CA ARG E 319 -43.20 7.79 32.70
C ARG E 319 -43.87 6.46 32.38
N LYS E 320 -44.01 6.14 31.09
CA LYS E 320 -44.64 4.87 30.72
C LYS E 320 -43.82 3.69 31.22
N HIS E 321 -42.50 3.75 31.07
CA HIS E 321 -41.62 2.65 31.44
C HIS E 321 -41.13 2.74 32.88
N PHE E 322 -41.54 3.76 33.64
CA PHE E 322 -41.08 3.91 35.02
C PHE E 322 -42.20 4.36 35.96
N GLY E 323 -43.46 4.16 35.58
CA GLY E 323 -44.58 4.59 36.39
C GLY E 323 -44.95 6.04 36.15
N ASN E 324 -46.19 6.37 36.49
CA ASN E 324 -46.74 7.70 36.25
C ASN E 324 -46.71 8.59 37.48
N ASN E 325 -46.01 8.18 38.55
CA ASN E 325 -45.93 8.96 39.77
C ASN E 325 -44.50 9.23 40.24
N THR E 326 -43.51 8.56 39.67
CA THR E 326 -42.13 8.74 40.10
C THR E 326 -41.61 10.10 39.68
N ILE E 327 -40.58 10.57 40.40
CA ILE E 327 -39.96 11.87 40.13
C ILE E 327 -38.84 11.67 39.12
N ILE E 328 -38.90 12.40 38.02
CA ILE E 328 -37.90 12.35 36.96
C ILE E 328 -36.98 13.54 37.11
N ARG E 329 -35.67 13.28 37.16
CA ARG E 329 -34.68 14.32 37.39
C ARG E 329 -33.58 14.23 36.33
N PHE E 330 -33.02 15.38 35.98
CA PHE E 330 -31.92 15.48 35.04
C PHE E 330 -30.72 16.10 35.73
N ALA E 331 -29.56 15.49 35.55
CA ALA E 331 -28.33 15.98 36.17
C ALA E 331 -27.21 15.95 35.14
N ASN E 332 -26.20 16.80 35.34
CA ASN E 332 -25.09 16.88 34.41
C ASN E 332 -24.20 15.64 34.55
N SER E 333 -23.32 15.47 33.57
CA SER E 333 -22.48 14.28 33.52
C SER E 333 -21.60 14.19 34.76
N SER E 334 -21.41 12.96 35.26
CA SER E 334 -20.65 12.76 36.48
C SER E 334 -19.20 13.18 36.29
N GLY E 335 -18.49 12.53 35.37
CA GLY E 335 -17.10 12.85 35.13
C GLY E 335 -16.52 11.95 34.06
N GLY E 336 -15.23 12.16 33.81
CA GLY E 336 -14.51 11.41 32.81
C GLY E 336 -13.66 12.34 31.97
N ASP E 337 -13.31 11.87 30.77
CA ASP E 337 -12.52 12.66 29.85
C ASP E 337 -13.38 13.72 29.18
N LEU E 338 -12.71 14.73 28.61
CA LEU E 338 -13.42 15.80 27.93
C LEU E 338 -14.23 15.28 26.75
N GLU E 339 -13.75 14.22 26.09
CA GLU E 339 -14.42 13.69 24.92
C GLU E 339 -15.71 12.96 25.26
N VAL E 340 -15.97 12.68 26.54
CA VAL E 340 -17.18 11.97 26.93
C VAL E 340 -18.03 12.75 27.92
N THR E 341 -17.46 13.68 28.69
CA THR E 341 -18.20 14.44 29.69
C THR E 341 -18.74 15.76 29.16
N THR E 342 -18.55 16.05 27.88
CA THR E 342 -19.02 17.29 27.29
C THR E 342 -19.52 17.03 25.88
N HIS E 343 -20.41 17.90 25.41
CA HIS E 343 -20.90 17.81 24.05
C HIS E 343 -19.79 18.17 23.08
N SER E 344 -19.59 17.33 22.07
CA SER E 344 -18.53 17.51 21.08
C SER E 344 -19.14 17.52 19.69
N PHE E 345 -18.48 18.24 18.78
CA PHE E 345 -18.93 18.32 17.40
C PHE E 345 -17.88 19.06 16.60
N ASN E 346 -17.90 18.86 15.29
CA ASN E 346 -16.98 19.50 14.36
C ASN E 346 -17.76 20.14 13.22
N CYS E 347 -18.25 21.35 13.45
CA CYS E 347 -18.94 22.14 12.44
C CYS E 347 -18.17 23.42 12.20
N GLY E 348 -17.97 23.75 10.92
CA GLY E 348 -17.09 24.84 10.55
C GLY E 348 -15.63 24.47 10.47
N GLY E 349 -15.29 23.20 10.62
CA GLY E 349 -13.91 22.76 10.56
C GLY E 349 -13.13 22.89 11.85
N GLU E 350 -13.79 23.25 12.94
CA GLU E 350 -13.13 23.42 14.23
C GLU E 350 -13.88 22.62 15.29
N PHE E 351 -13.14 21.98 16.18
CA PHE E 351 -13.70 21.04 17.13
C PHE E 351 -14.01 21.73 18.45
N PHE E 352 -15.26 21.62 18.89
CA PHE E 352 -15.75 22.23 20.12
C PHE E 352 -15.95 21.18 21.20
N TYR E 353 -15.94 21.64 22.45
CA TYR E 353 -16.27 20.80 23.61
C TYR E 353 -17.12 21.66 24.55
N CYS E 354 -18.43 21.59 24.36
CA CYS E 354 -19.36 22.46 25.08
C CYS E 354 -19.83 21.81 26.38
N ASN E 355 -19.89 22.62 27.43
CA ASN E 355 -20.29 22.18 28.76
C ASN E 355 -21.80 22.31 28.87
N THR E 356 -22.51 21.19 28.75
CA THR E 356 -23.97 21.17 28.72
C THR E 356 -24.59 21.01 30.10
N SER E 357 -23.90 21.44 31.15
CA SER E 357 -24.46 21.36 32.50
C SER E 357 -25.65 22.29 32.68
N GLY E 358 -25.82 23.27 31.80
CA GLY E 358 -26.92 24.20 31.90
C GLY E 358 -28.23 23.71 31.31
N LEU E 359 -28.23 22.54 30.67
CA LEU E 359 -29.44 21.97 30.09
C LEU E 359 -30.06 20.89 30.96
N PHE E 360 -29.25 20.00 31.53
CA PHE E 360 -29.76 18.89 32.32
C PHE E 360 -29.74 19.22 33.81
N ASN E 361 -30.50 20.25 34.18
CA ASN E 361 -30.70 20.63 35.58
C ASN E 361 -32.18 20.97 35.75
N SER E 362 -32.97 19.96 36.11
CA SER E 362 -34.40 20.14 36.28
C SER E 362 -34.94 19.00 37.14
N THR E 363 -36.17 19.18 37.63
CA THR E 363 -36.84 18.16 38.43
C THR E 363 -38.33 18.26 38.17
N TRP E 364 -38.93 17.18 37.68
CA TRP E 364 -40.34 17.14 37.32
C TRP E 364 -41.09 16.24 38.29
N ILE E 365 -42.19 16.74 38.84
CA ILE E 365 -42.99 16.04 39.83
C ILE E 365 -44.42 15.79 39.35
N SER E 366 -44.68 16.00 38.06
CA SER E 366 -46.01 15.79 37.48
C SER E 366 -47.05 16.66 38.19
N ASN E 367 -46.87 17.97 38.06
CA ASN E 367 -47.77 18.93 38.66
C ASN E 367 -47.69 20.28 37.95
N SER E 378 -38.21 35.78 28.99
CA SER E 378 -38.61 34.39 28.75
C SER E 378 -37.60 33.68 27.85
N ASN E 379 -37.26 34.32 26.73
CA ASN E 379 -36.30 33.77 25.78
C ASN E 379 -34.88 34.09 26.27
N ASP E 380 -34.50 33.42 27.36
CA ASP E 380 -33.21 33.69 27.98
C ASP E 380 -32.04 33.29 27.10
N SER E 381 -32.24 32.35 26.16
CA SER E 381 -31.19 31.94 25.23
C SER E 381 -29.97 31.43 25.97
N ILE E 382 -30.17 30.28 26.63
CA ILE E 382 -29.13 29.61 27.42
C ILE E 382 -27.81 29.62 26.66
N THR E 383 -26.74 30.01 27.35
CA THR E 383 -25.40 30.08 26.76
C THR E 383 -24.54 28.98 27.38
N LEU E 384 -23.99 28.11 26.53
CA LEU E 384 -23.18 26.99 26.99
C LEU E 384 -21.72 27.27 26.69
N PRO E 385 -20.85 27.50 27.69
CA PRO E 385 -19.44 27.73 27.38
C PRO E 385 -18.82 26.52 26.74
N CYS E 386 -17.92 26.76 25.77
CA CYS E 386 -17.24 25.70 25.05
C CYS E 386 -15.75 26.00 24.99
N ARG E 387 -14.96 24.93 24.97
CA ARG E 387 -13.50 25.02 24.91
C ARG E 387 -13.03 24.38 23.62
N ILE E 388 -12.17 25.08 22.89
CA ILE E 388 -11.68 24.62 21.60
C ILE E 388 -10.41 23.80 21.83
N LYS E 389 -10.18 22.85 20.93
CA LYS E 389 -8.99 22.00 20.97
C LYS E 389 -8.48 21.81 19.55
N GLN E 390 -7.17 21.59 19.43
CA GLN E 390 -6.53 21.37 18.14
C GLN E 390 -5.84 20.03 18.01
N ILE E 391 -5.51 19.36 19.11
CA ILE E 391 -4.95 18.02 19.09
C ILE E 391 -6.03 17.08 19.58
N ILE E 392 -6.53 16.37 18.53
CA ILE E 392 -7.70 15.49 18.64
C ILE E 392 -7.32 14.04 18.37
N ASN E 393 -8.04 13.09 18.96
CA ASN E 393 -7.91 11.65 18.67
C ASN E 393 -9.36 11.20 18.49
N MET E 394 -10.00 11.52 17.35
CA MET E 394 -11.47 11.34 17.21
C MET E 394 -11.92 9.91 17.41
N TRP E 395 -11.18 8.94 16.92
CA TRP E 395 -11.74 7.57 17.02
C TRP E 395 -11.31 6.96 18.34
N GLN E 396 -11.56 7.70 19.41
CA GLN E 396 -11.19 7.17 20.76
C GLN E 396 -10.20 6.02 20.60
N ARG E 397 -9.28 6.15 19.65
CA ARG E 397 -8.21 5.14 19.52
C ARG E 397 -7.10 5.62 20.44
N ILE E 398 -5.93 5.00 20.39
CA ILE E 398 -4.80 5.52 21.20
C ILE E 398 -3.52 5.35 20.38
N GLY E 399 -2.90 6.44 19.98
CA GLY E 399 -1.75 6.33 19.06
C GLY E 399 -1.94 7.24 17.87
N GLN E 400 -3.13 7.27 17.34
CA GLN E 400 -3.38 8.19 16.22
C GLN E 400 -3.59 9.57 16.83
N CYS E 401 -3.25 10.64 16.12
CA CYS E 401 -3.45 12.03 16.55
C CYS E 401 -3.76 12.76 15.28
N MET E 402 -4.38 13.95 15.32
CA MET E 402 -4.61 14.79 14.14
C MET E 402 -4.43 16.20 14.63
N TYR E 403 -4.13 17.13 13.75
CA TYR E 403 -3.97 18.54 14.09
C TYR E 403 -4.80 19.33 13.10
N ALA E 404 -6.00 19.81 13.42
CA ALA E 404 -6.82 20.63 12.54
C ALA E 404 -6.21 22.02 12.42
N PRO E 405 -5.82 22.47 11.23
CA PRO E 405 -5.21 23.79 11.13
C PRO E 405 -6.22 24.88 11.46
N PRO E 406 -5.76 26.02 11.97
CA PRO E 406 -6.71 27.08 12.31
C PRO E 406 -7.42 27.63 11.08
N ILE E 407 -8.63 28.11 11.29
CA ILE E 407 -9.46 28.67 10.23
C ILE E 407 -9.65 30.15 10.51
N GLN E 408 -9.26 30.99 9.56
CA GLN E 408 -9.34 32.43 9.76
C GLN E 408 -10.78 32.91 9.66
N GLY E 409 -11.07 33.99 10.38
CA GLY E 409 -12.38 34.61 10.34
C GLY E 409 -13.33 34.03 11.38
N VAL E 410 -14.35 34.82 11.71
CA VAL E 410 -15.36 34.39 12.66
C VAL E 410 -16.24 33.33 12.00
N ILE E 411 -16.47 32.23 12.73
CA ILE E 411 -17.29 31.12 12.23
C ILE E 411 -18.57 31.06 13.06
N ARG E 412 -19.70 31.02 12.37
CA ARG E 412 -21.01 30.85 13.00
C ARG E 412 -21.66 29.60 12.45
N CYS E 413 -22.33 28.85 13.32
CA CYS E 413 -22.81 27.53 13.01
C CYS E 413 -24.25 27.36 13.49
N VAL E 414 -25.04 26.66 12.68
CA VAL E 414 -26.45 26.42 12.98
C VAL E 414 -26.73 24.94 12.77
N SER E 415 -27.39 24.31 13.74
CA SER E 415 -27.63 22.88 13.68
C SER E 415 -28.91 22.54 14.44
N ASN E 416 -29.49 21.39 14.09
CA ASN E 416 -30.62 20.83 14.82
C ASN E 416 -30.12 19.86 15.88
N ILE E 417 -30.98 19.58 16.85
CA ILE E 417 -30.75 18.55 17.85
C ILE E 417 -31.95 17.61 17.78
N THR E 418 -31.76 16.47 17.14
CA THR E 418 -32.83 15.51 16.88
C THR E 418 -32.56 14.19 17.59
N GLY E 419 -32.08 14.26 18.82
CA GLY E 419 -31.81 13.06 19.58
C GLY E 419 -31.12 13.40 20.88
N LEU E 420 -31.00 12.38 21.73
CA LEU E 420 -30.41 12.56 23.05
C LEU E 420 -30.10 11.21 23.67
N ILE E 421 -28.86 11.01 24.10
CA ILE E 421 -28.43 9.78 24.76
C ILE E 421 -28.38 10.05 26.26
N LEU E 422 -29.04 9.20 27.03
CA LEU E 422 -29.15 9.36 28.48
C LEU E 422 -28.75 8.07 29.18
N THR E 423 -28.34 8.21 30.44
CA THR E 423 -27.95 7.08 31.26
C THR E 423 -28.50 7.25 32.66
N ARG E 424 -28.96 6.15 33.25
CA ARG E 424 -29.43 6.15 34.63
C ARG E 424 -28.28 5.85 35.57
N ASP E 425 -28.38 6.39 36.79
CA ASP E 425 -27.31 6.21 37.77
C ASP E 425 -27.51 4.97 38.64
N GLY E 426 -28.73 4.70 39.06
CA GLY E 426 -29.01 3.55 39.89
C GLY E 426 -30.23 3.80 40.76
N GLY E 427 -30.48 2.85 41.64
CA GLY E 427 -31.60 2.93 42.56
C GLY E 427 -31.25 2.48 43.96
N SER E 428 -31.78 3.17 44.97
CA SER E 428 -31.54 2.86 46.37
C SER E 428 -32.70 2.08 46.98
N THR E 429 -33.31 1.18 46.20
CA THR E 429 -34.48 0.40 46.58
C THR E 429 -35.76 1.23 46.60
N ASN E 430 -35.70 2.50 46.22
CA ASN E 430 -36.87 3.37 46.15
C ASN E 430 -36.96 3.97 44.75
N SER E 431 -38.15 3.88 44.16
CA SER E 431 -38.39 4.40 42.82
C SER E 431 -38.94 5.82 42.82
N THR E 432 -38.96 6.48 43.99
CA THR E 432 -39.54 7.81 44.06
C THR E 432 -38.76 8.80 43.19
N THR E 433 -37.44 8.70 43.17
CA THR E 433 -36.57 9.62 42.43
C THR E 433 -35.73 8.83 41.44
N GLU E 434 -35.65 9.32 40.21
CA GLU E 434 -34.83 8.71 39.17
C GLU E 434 -34.09 9.82 38.43
N THR E 435 -32.77 9.74 38.40
CA THR E 435 -31.93 10.76 37.79
C THR E 435 -31.33 10.23 36.49
N PHE E 436 -31.39 11.02 35.44
CA PHE E 436 -30.81 10.69 34.14
C PHE E 436 -29.67 11.66 33.83
N ARG E 437 -28.57 11.13 33.31
CA ARG E 437 -27.41 11.93 32.94
C ARG E 437 -27.03 11.63 31.49
N PRO E 438 -26.46 12.59 30.78
CA PRO E 438 -26.02 12.34 29.41
C PRO E 438 -24.76 11.47 29.37
N GLY E 439 -24.58 10.79 28.24
CA GLY E 439 -23.43 9.94 28.07
C GLY E 439 -23.18 9.54 26.62
N GLY E 440 -21.95 9.72 26.15
CA GLY E 440 -21.56 9.32 24.81
C GLY E 440 -20.44 8.31 24.81
N GLY E 441 -20.52 7.33 25.71
CA GLY E 441 -19.41 6.42 25.89
C GLY E 441 -19.01 5.69 24.63
N ASP E 442 -19.99 5.16 23.91
CA ASP E 442 -19.75 4.38 22.70
C ASP E 442 -20.05 5.22 21.47
N MET E 443 -19.16 5.17 20.48
CA MET E 443 -19.26 6.03 19.32
C MET E 443 -20.28 5.54 18.29
N ARG E 444 -20.74 4.31 18.39
CA ARG E 444 -21.63 3.74 17.38
C ARG E 444 -23.10 3.93 17.70
N ASP E 445 -23.46 4.50 18.86
CA ASP E 445 -24.84 4.84 19.13
C ASP E 445 -25.32 6.00 18.26
N ASN E 446 -24.40 6.81 17.72
CA ASN E 446 -24.81 7.90 16.84
C ASN E 446 -25.45 7.37 15.57
N TRP E 447 -24.83 6.36 14.95
CA TRP E 447 -25.35 5.80 13.71
C TRP E 447 -26.43 4.77 13.96
N ARG E 448 -26.53 4.23 15.19
CA ARG E 448 -27.58 3.27 15.50
C ARG E 448 -28.96 3.92 15.48
N SER E 449 -29.04 5.25 15.57
CA SER E 449 -30.31 5.96 15.55
C SER E 449 -30.86 6.14 14.14
N GLU E 450 -30.04 5.92 13.11
CA GLU E 450 -30.48 6.08 11.73
C GLU E 450 -30.72 4.76 11.01
N LEU E 451 -30.10 3.68 11.46
CA LEU E 451 -30.22 2.37 10.83
C LEU E 451 -31.13 1.43 11.62
N TYR E 452 -31.99 1.96 12.48
CA TYR E 452 -32.88 1.12 13.27
C TYR E 452 -34.03 0.55 12.47
N LYS E 453 -34.33 1.11 11.30
CA LYS E 453 -35.42 0.63 10.46
C LYS E 453 -34.97 -0.35 9.39
N TYR E 454 -33.69 -0.69 9.34
CA TYR E 454 -33.11 -1.43 8.22
C TYR E 454 -32.58 -2.77 8.68
N LYS E 455 -32.68 -3.76 7.78
CA LYS E 455 -32.05 -5.06 7.96
C LYS E 455 -31.78 -5.64 6.58
N VAL E 456 -30.74 -6.45 6.48
CA VAL E 456 -30.31 -7.06 5.23
C VAL E 456 -30.59 -8.56 5.30
N VAL E 457 -31.14 -9.10 4.21
CA VAL E 457 -31.53 -10.50 4.15
C VAL E 457 -30.99 -11.10 2.86
N LYS E 458 -30.83 -12.43 2.88
CA LYS E 458 -30.36 -13.18 1.73
C LYS E 458 -31.56 -13.76 0.99
N ILE E 459 -31.52 -13.69 -0.33
CA ILE E 459 -32.61 -14.19 -1.17
C ILE E 459 -32.32 -15.65 -1.51
N GLU E 460 -33.27 -16.53 -1.21
CA GLU E 460 -33.14 -17.95 -1.52
C GLU E 460 -34.22 -18.34 -2.52
N PRO E 461 -33.88 -18.46 -3.82
CA PRO E 461 -34.94 -18.68 -4.82
C PRO E 461 -35.37 -20.13 -4.97
N LEU E 462 -34.61 -21.09 -4.45
CA LEU E 462 -34.94 -22.49 -4.62
C LEU E 462 -36.01 -22.91 -3.62
N GLY E 463 -37.04 -23.60 -4.11
CA GLY E 463 -38.09 -24.10 -3.26
C GLY E 463 -38.76 -25.29 -3.89
N VAL E 464 -39.31 -26.17 -3.05
CA VAL E 464 -39.95 -27.40 -3.48
C VAL E 464 -41.30 -27.54 -2.80
N ALA E 465 -42.32 -27.89 -3.55
CA ALA E 465 -43.65 -28.15 -3.03
C ALA E 465 -44.26 -29.30 -3.80
N PRO E 466 -45.22 -30.02 -3.21
CA PRO E 466 -45.84 -31.14 -3.92
C PRO E 466 -47.02 -30.72 -4.79
N THR E 467 -47.07 -31.29 -6.00
CA THR E 467 -48.17 -31.09 -6.92
C THR E 467 -48.43 -32.39 -7.66
N ARG E 468 -49.35 -32.33 -8.63
CA ARG E 468 -49.64 -33.48 -9.49
C ARG E 468 -48.98 -33.22 -10.85
N CYS E 469 -47.70 -33.56 -10.94
CA CYS E 469 -46.92 -33.34 -12.15
C CYS E 469 -45.93 -34.48 -12.30
N LYS E 470 -46.22 -35.40 -13.22
CA LYS E 470 -45.30 -36.48 -13.55
C LYS E 470 -44.39 -36.06 -14.70
N ARG E 471 -43.12 -36.45 -14.61
CA ARG E 471 -42.20 -36.17 -15.70
C ARG E 471 -42.67 -36.87 -16.97
N ARG E 472 -42.53 -36.18 -18.11
CA ARG E 472 -43.05 -36.72 -19.36
C ARG E 472 -42.37 -38.04 -19.71
N VAL E 473 -41.06 -38.11 -19.56
CA VAL E 473 -40.33 -39.33 -19.87
C VAL E 473 -38.89 -39.24 -19.33
N LEU F 9 -13.25 -16.03 -42.77
CA LEU F 9 -14.17 -15.16 -42.04
C LEU F 9 -14.27 -15.58 -40.58
N GLY F 10 -13.36 -15.06 -39.76
CA GLY F 10 -13.33 -15.40 -38.35
C GLY F 10 -14.27 -14.56 -37.52
N PHE F 11 -13.77 -14.04 -36.41
CA PHE F 11 -14.59 -13.22 -35.52
C PHE F 11 -15.09 -11.98 -36.25
N LEU F 12 -16.39 -11.72 -36.15
CA LEU F 12 -17.03 -10.58 -36.81
C LEU F 12 -16.75 -10.56 -38.31
N GLY F 13 -16.49 -11.73 -38.89
CA GLY F 13 -16.21 -11.79 -40.32
C GLY F 13 -17.40 -11.38 -41.16
N ALA F 14 -18.58 -11.90 -40.82
CA ALA F 14 -19.81 -11.60 -41.56
C ALA F 14 -20.55 -10.41 -40.95
N ALA F 15 -19.84 -9.31 -40.78
CA ALA F 15 -20.45 -8.11 -40.21
C ALA F 15 -21.23 -7.33 -41.26
N GLY F 16 -20.58 -7.01 -42.38
CA GLY F 16 -21.20 -6.27 -43.45
C GLY F 16 -21.82 -7.13 -44.54
N SER F 17 -21.92 -8.44 -44.34
CA SER F 17 -22.45 -9.33 -45.34
C SER F 17 -23.97 -9.41 -45.23
N THR F 18 -24.58 -10.31 -46.00
CA THR F 18 -26.03 -10.45 -45.99
C THR F 18 -26.51 -10.93 -44.62
N MET F 19 -27.70 -10.45 -44.24
CA MET F 19 -28.24 -10.83 -42.93
C MET F 19 -28.46 -12.34 -42.83
N GLY F 20 -29.01 -12.94 -43.89
CA GLY F 20 -29.21 -14.38 -43.86
C GLY F 20 -27.90 -15.15 -43.79
N ALA F 21 -26.91 -14.73 -44.59
CA ALA F 21 -25.62 -15.42 -44.58
C ALA F 21 -24.95 -15.30 -43.22
N ALA F 22 -25.07 -14.13 -42.57
CA ALA F 22 -24.45 -13.95 -41.27
C ALA F 22 -25.03 -14.92 -40.24
N SER F 23 -26.28 -15.33 -40.40
CA SER F 23 -26.91 -16.23 -39.46
C SER F 23 -26.36 -17.65 -39.52
N MET F 24 -25.60 -17.98 -40.55
CA MET F 24 -25.01 -19.32 -40.68
C MET F 24 -23.70 -19.47 -39.91
N THR F 25 -23.20 -18.42 -39.28
CA THR F 25 -21.92 -18.44 -38.57
C THR F 25 -22.06 -17.80 -37.20
N LEU F 26 -23.10 -18.21 -36.46
CA LEU F 26 -23.31 -17.67 -35.12
C LEU F 26 -22.33 -18.26 -34.11
N THR F 27 -21.85 -19.48 -34.34
CA THR F 27 -21.02 -20.15 -33.34
C THR F 27 -19.69 -19.43 -33.15
N VAL F 28 -19.12 -18.89 -34.22
CA VAL F 28 -17.82 -18.23 -34.10
C VAL F 28 -17.92 -17.03 -33.18
N GLN F 29 -19.04 -16.29 -33.26
CA GLN F 29 -19.24 -15.17 -32.35
C GLN F 29 -19.39 -15.65 -30.91
N ALA F 30 -20.27 -16.62 -30.69
CA ALA F 30 -20.54 -17.09 -29.33
C ALA F 30 -19.29 -17.61 -28.65
N ARG F 31 -18.37 -18.20 -29.41
CA ARG F 31 -17.16 -18.78 -28.82
C ARG F 31 -16.23 -17.71 -28.25
N ASN F 32 -16.38 -16.46 -28.63
CA ASN F 32 -15.44 -15.40 -28.27
C ASN F 32 -15.96 -14.46 -27.19
N LEU F 33 -17.17 -14.68 -26.67
CA LEU F 33 -17.70 -13.79 -25.63
C LEU F 33 -16.99 -13.96 -24.30
N LEU F 34 -16.18 -14.99 -24.13
CA LEU F 34 -15.41 -15.14 -22.89
C LEU F 34 -14.22 -16.05 -23.15
N SER F 35 -13.08 -15.70 -22.58
CA SER F 35 -11.86 -16.48 -22.74
C SER F 35 -10.80 -16.03 -21.75
N THR F 58 1.45 -3.99 -10.39
CA THR F 58 0.05 -4.01 -9.99
C THR F 58 -0.81 -3.21 -10.96
N VAL F 59 -0.17 -2.39 -11.78
CA VAL F 59 -0.91 -1.62 -12.79
C VAL F 59 -1.62 -2.56 -13.75
N TRP F 60 -0.97 -3.67 -14.10
CA TRP F 60 -1.56 -4.70 -14.94
C TRP F 60 -2.13 -5.86 -14.14
N GLY F 61 -2.21 -5.72 -12.82
CA GLY F 61 -2.73 -6.78 -11.96
C GLY F 61 -4.21 -6.67 -11.73
N ILE F 62 -4.67 -5.51 -11.25
CA ILE F 62 -6.09 -5.29 -11.05
C ILE F 62 -6.78 -4.74 -12.30
N LYS F 63 -6.03 -4.07 -13.19
CA LYS F 63 -6.61 -3.62 -14.43
C LYS F 63 -7.08 -4.78 -15.28
N GLN F 64 -6.27 -5.85 -15.37
CA GLN F 64 -6.67 -7.03 -16.10
C GLN F 64 -7.69 -7.86 -15.32
N LEU F 65 -7.53 -7.94 -14.00
CA LEU F 65 -8.45 -8.73 -13.20
C LEU F 65 -9.87 -8.16 -13.26
N GLN F 66 -9.99 -6.84 -13.20
CA GLN F 66 -11.32 -6.22 -13.29
C GLN F 66 -12.00 -6.56 -14.60
N ALA F 67 -11.23 -6.64 -15.68
CA ALA F 67 -11.82 -6.96 -16.98
C ALA F 67 -12.44 -8.35 -16.97
N ARG F 68 -11.77 -9.31 -16.34
CA ARG F 68 -12.28 -10.68 -16.33
C ARG F 68 -13.62 -10.77 -15.62
N VAL F 69 -13.76 -10.08 -14.48
CA VAL F 69 -15.03 -10.13 -13.74
C VAL F 69 -16.16 -9.54 -14.58
N LEU F 70 -15.90 -8.42 -15.26
CA LEU F 70 -16.93 -7.82 -16.10
C LEU F 70 -17.32 -8.74 -17.24
N ALA F 71 -16.34 -9.39 -17.87
CA ALA F 71 -16.63 -10.26 -19.00
C ALA F 71 -17.50 -11.44 -18.58
N VAL F 72 -17.20 -12.05 -17.44
CA VAL F 72 -17.94 -13.23 -17.00
C VAL F 72 -19.39 -12.88 -16.72
N GLU F 73 -19.63 -11.79 -15.99
CA GLU F 73 -20.99 -11.44 -15.61
C GLU F 73 -21.79 -10.94 -16.81
N ARG F 74 -21.14 -10.22 -17.73
CA ARG F 74 -21.85 -9.75 -18.92
C ARG F 74 -22.34 -10.92 -19.76
N TYR F 75 -21.52 -11.95 -19.91
CA TYR F 75 -21.95 -13.15 -20.61
C TYR F 75 -23.08 -13.85 -19.88
N LEU F 76 -23.02 -13.89 -18.56
CA LEU F 76 -24.07 -14.56 -17.78
C LEU F 76 -25.40 -13.84 -17.89
N ARG F 77 -25.39 -12.52 -18.04
CA ARG F 77 -26.64 -11.79 -18.19
C ARG F 77 -27.38 -12.22 -19.45
N ASP F 78 -26.65 -12.41 -20.55
CA ASP F 78 -27.29 -12.86 -21.78
C ASP F 78 -27.90 -14.25 -21.61
N GLN F 79 -27.21 -15.15 -20.92
CA GLN F 79 -27.73 -16.50 -20.73
C GLN F 79 -29.03 -16.48 -19.93
N GLN F 80 -29.09 -15.70 -18.85
CA GLN F 80 -30.31 -15.62 -18.08
C GLN F 80 -31.41 -14.90 -18.85
N LEU F 81 -31.07 -13.79 -19.51
CA LEU F 81 -32.08 -13.07 -20.28
C LEU F 81 -32.65 -13.95 -21.39
N LEU F 82 -31.78 -14.70 -22.06
CA LEU F 82 -32.22 -15.61 -23.11
C LEU F 82 -32.83 -16.89 -22.56
N GLY F 83 -32.60 -17.20 -21.28
CA GLY F 83 -33.08 -18.44 -20.70
C GLY F 83 -34.47 -18.38 -20.13
N ILE F 84 -34.97 -17.16 -19.87
CA ILE F 84 -36.31 -17.00 -19.32
C ILE F 84 -37.30 -16.78 -20.46
N TRP F 85 -36.87 -17.06 -21.69
CA TRP F 85 -37.72 -16.99 -22.86
C TRP F 85 -37.97 -18.36 -23.49
N GLY F 86 -37.50 -19.44 -22.85
CA GLY F 86 -37.64 -20.76 -23.43
C GLY F 86 -36.59 -21.10 -24.47
N CYS F 87 -35.50 -20.36 -24.51
CA CYS F 87 -34.42 -20.57 -25.48
C CYS F 87 -33.08 -20.70 -24.76
N SER F 88 -33.06 -21.54 -23.73
CA SER F 88 -31.92 -21.59 -22.82
C SER F 88 -30.64 -21.97 -23.55
N GLY F 89 -30.70 -23.00 -24.39
CA GLY F 89 -29.50 -23.54 -25.01
C GLY F 89 -29.57 -23.69 -26.51
N LYS F 90 -30.22 -22.75 -27.18
CA LYS F 90 -30.36 -22.77 -28.63
C LYS F 90 -29.83 -21.46 -29.21
N LEU F 91 -29.03 -21.57 -30.26
CA LEU F 91 -28.51 -20.36 -30.92
C LEU F 91 -29.62 -19.64 -31.67
N ILE F 92 -30.55 -20.38 -32.27
CA ILE F 92 -31.72 -19.83 -32.95
C ILE F 92 -32.95 -20.43 -32.31
N CYS F 93 -33.91 -19.59 -31.95
CA CYS F 93 -35.09 -20.04 -31.22
C CYS F 93 -36.29 -19.17 -31.59
N CYS F 94 -37.43 -19.82 -31.81
CA CYS F 94 -38.66 -19.15 -32.18
C CYS F 94 -39.61 -19.13 -31.00
N THR F 95 -40.41 -18.07 -30.92
CA THR F 95 -41.28 -17.81 -29.78
C THR F 95 -42.71 -17.60 -30.24
N ASN F 96 -43.66 -17.88 -29.34
CA ASN F 96 -45.08 -17.76 -29.66
C ASN F 96 -45.52 -16.32 -29.83
N VAL F 97 -44.70 -15.34 -29.47
CA VAL F 97 -45.14 -13.94 -29.52
C VAL F 97 -45.30 -13.52 -30.98
N PRO F 98 -46.46 -13.01 -31.39
CA PRO F 98 -46.62 -12.58 -32.78
C PRO F 98 -45.94 -11.24 -33.04
N TRP F 99 -45.69 -10.98 -34.32
CA TRP F 99 -45.04 -9.75 -34.75
C TRP F 99 -46.08 -8.65 -34.94
N ASN F 100 -45.83 -7.49 -34.34
CA ASN F 100 -46.71 -6.34 -34.48
C ASN F 100 -46.32 -5.55 -35.72
N SER F 101 -47.31 -5.28 -36.58
CA SER F 101 -47.04 -4.55 -37.80
C SER F 101 -46.64 -3.10 -37.55
N SER F 102 -46.90 -2.58 -36.35
CA SER F 102 -46.55 -1.19 -36.05
C SER F 102 -45.04 -0.98 -36.14
N TRP F 103 -44.26 -1.93 -35.64
CA TRP F 103 -42.81 -1.79 -35.69
C TRP F 103 -42.31 -1.71 -37.13
N SER F 104 -42.85 -2.54 -38.01
CA SER F 104 -42.47 -2.51 -39.42
C SER F 104 -43.44 -3.39 -40.20
N ASN F 105 -43.81 -2.93 -41.40
CA ASN F 105 -44.68 -3.68 -42.31
C ASN F 105 -43.93 -3.78 -43.64
N ARG F 106 -43.10 -4.81 -43.76
CA ARG F 106 -42.25 -4.99 -44.93
C ARG F 106 -41.94 -6.47 -45.10
N ASN F 107 -41.86 -6.91 -46.35
CA ASN F 107 -41.72 -8.33 -46.64
C ASN F 107 -40.43 -8.90 -46.07
N LEU F 108 -40.51 -10.16 -45.63
CA LEU F 108 -39.32 -10.83 -45.09
C LEU F 108 -38.24 -10.97 -46.16
N SER F 109 -38.64 -11.27 -47.41
CA SER F 109 -37.66 -11.41 -48.48
C SER F 109 -36.83 -10.15 -48.65
N GLU F 110 -37.40 -8.99 -48.34
CA GLU F 110 -36.70 -7.71 -48.40
C GLU F 110 -35.95 -7.40 -47.12
N ILE F 111 -35.68 -8.39 -46.29
CA ILE F 111 -34.92 -8.21 -45.05
C ILE F 111 -33.69 -9.09 -45.08
N TRP F 112 -33.89 -10.40 -45.14
CA TRP F 112 -32.79 -11.34 -44.98
C TRP F 112 -31.83 -11.30 -46.17
N ASP F 113 -32.36 -11.11 -47.38
CA ASP F 113 -31.56 -11.21 -48.59
C ASP F 113 -30.90 -9.91 -49.00
N ASN F 114 -31.24 -8.78 -48.36
CA ASN F 114 -30.71 -7.49 -48.75
C ASN F 114 -30.20 -6.63 -47.59
N MET F 115 -30.66 -6.85 -46.38
CA MET F 115 -30.28 -6.01 -45.24
C MET F 115 -29.11 -6.62 -44.50
N THR F 116 -28.51 -5.81 -43.62
CA THR F 116 -27.41 -6.24 -42.77
C THR F 116 -27.81 -6.11 -41.31
N TRP F 117 -27.20 -6.94 -40.46
CA TRP F 117 -27.55 -6.97 -39.05
C TRP F 117 -27.30 -5.62 -38.39
N LEU F 118 -26.20 -4.95 -38.75
CA LEU F 118 -25.88 -3.67 -38.13
C LEU F 118 -26.97 -2.64 -38.41
N GLN F 119 -27.45 -2.57 -39.65
CA GLN F 119 -28.53 -1.65 -39.98
C GLN F 119 -29.82 -2.05 -39.27
N TRP F 120 -30.05 -3.35 -39.09
CA TRP F 120 -31.27 -3.82 -38.46
C TRP F 120 -31.38 -3.32 -37.02
N ASP F 121 -30.26 -3.35 -36.28
CA ASP F 121 -30.31 -2.96 -34.87
C ASP F 121 -30.75 -1.51 -34.73
N LYS F 122 -30.22 -0.62 -35.59
CA LYS F 122 -30.57 0.80 -35.48
C LYS F 122 -32.04 1.02 -35.77
N GLU F 123 -32.59 0.30 -36.75
CA GLU F 123 -33.95 0.58 -37.20
C GLU F 123 -34.97 0.35 -36.09
N ILE F 124 -34.85 -0.76 -35.36
CA ILE F 124 -35.85 -1.14 -34.37
C ILE F 124 -35.31 -0.97 -32.95
N SER F 125 -34.34 -0.07 -32.78
CA SER F 125 -33.77 0.15 -31.46
C SER F 125 -34.77 0.75 -30.48
N ASN F 126 -35.87 1.33 -30.97
CA ASN F 126 -36.82 1.99 -30.09
C ASN F 126 -37.76 1.02 -29.39
N TYR F 127 -37.85 -0.22 -29.83
CA TYR F 127 -38.80 -1.19 -29.30
C TYR F 127 -38.09 -2.45 -28.82
N THR F 128 -36.87 -2.29 -28.28
CA THR F 128 -36.13 -3.44 -27.78
C THR F 128 -36.60 -3.85 -26.39
N GLN F 129 -36.76 -2.88 -25.49
CA GLN F 129 -37.18 -3.20 -24.12
C GLN F 129 -38.58 -3.79 -24.10
N ILE F 130 -39.49 -3.22 -24.91
CA ILE F 130 -40.87 -3.69 -24.90
C ILE F 130 -40.95 -5.14 -25.35
N ILE F 131 -40.23 -5.49 -26.41
CA ILE F 131 -40.27 -6.86 -26.93
C ILE F 131 -39.73 -7.84 -25.88
N TYR F 132 -38.67 -7.44 -25.18
CA TYR F 132 -38.08 -8.34 -24.18
C TYR F 132 -39.08 -8.67 -23.08
N GLY F 133 -39.82 -7.67 -22.62
CA GLY F 133 -40.81 -7.91 -21.58
C GLY F 133 -41.92 -8.85 -22.04
N LEU F 134 -42.31 -8.76 -23.31
CA LEU F 134 -43.37 -9.62 -23.81
C LEU F 134 -43.00 -11.09 -23.70
N LEU F 135 -41.75 -11.43 -24.05
CA LEU F 135 -41.35 -12.83 -24.02
C LEU F 135 -41.37 -13.39 -22.61
N GLU F 136 -41.13 -12.55 -21.60
CA GLU F 136 -41.14 -13.04 -20.22
C GLU F 136 -42.52 -13.56 -19.84
N GLU F 137 -43.57 -12.85 -20.21
CA GLU F 137 -44.92 -13.30 -19.88
C GLU F 137 -45.28 -14.56 -20.66
N SER F 138 -44.81 -14.67 -21.91
CA SER F 138 -45.17 -15.82 -22.73
C SER F 138 -44.65 -17.12 -22.13
N GLN F 139 -43.43 -17.11 -21.60
CA GLN F 139 -42.89 -18.32 -21.00
C GLN F 139 -43.71 -18.75 -19.79
N ASN F 140 -44.12 -17.79 -18.95
CA ASN F 140 -44.97 -18.12 -17.82
C ASN F 140 -46.32 -18.65 -18.30
N GLN F 141 -46.90 -18.02 -19.32
CA GLN F 141 -48.15 -18.49 -19.87
C GLN F 141 -48.02 -19.90 -20.42
N GLN F 142 -46.92 -20.18 -21.13
CA GLN F 142 -46.69 -21.52 -21.64
C GLN F 142 -46.35 -22.49 -20.50
N GLU F 143 -45.61 -22.02 -19.50
CA GLU F 143 -45.22 -22.90 -18.40
C GLU F 143 -46.43 -23.37 -17.61
N LYS F 144 -47.36 -22.47 -17.30
CA LYS F 144 -48.56 -22.86 -16.55
C LYS F 144 -49.42 -23.81 -17.38
N ASN F 145 -49.53 -23.56 -18.68
CA ASN F 145 -50.30 -24.46 -19.54
C ASN F 145 -49.67 -25.85 -19.56
N GLU F 146 -48.34 -25.91 -19.67
CA GLU F 146 -47.66 -27.20 -19.68
C GLU F 146 -47.85 -27.94 -18.37
N GLN F 147 -47.80 -27.21 -17.24
CA GLN F 147 -47.93 -27.85 -15.94
C GLN F 147 -49.29 -28.53 -15.79
N ASP F 148 -50.36 -27.87 -16.22
CA ASP F 148 -51.71 -28.42 -16.11
C ASP F 148 -52.09 -29.32 -17.28
N LEU F 149 -51.28 -29.39 -18.33
CA LEU F 149 -51.63 -30.21 -19.48
C LEU F 149 -51.70 -31.68 -19.09
N LEU F 150 -50.74 -32.15 -18.29
CA LEU F 150 -50.68 -33.54 -17.87
C LEU F 150 -51.29 -33.78 -16.49
N ALA F 151 -51.96 -32.76 -15.93
CA ALA F 151 -52.56 -32.94 -14.61
C ALA F 151 -53.63 -34.02 -14.62
N LEU F 152 -54.46 -34.05 -15.65
CA LEU F 152 -55.51 -35.07 -15.73
C LEU F 152 -54.90 -36.47 -15.86
N ASP F 153 -53.83 -36.60 -16.63
CA ASP F 153 -53.19 -37.89 -16.83
C ASP F 153 -52.12 -38.12 -15.77
N ASN G 3 -20.93 -46.87 -38.05
CA ASN G 3 -21.11 -47.99 -37.13
C ASN G 3 -21.14 -47.50 -35.68
N LEU G 4 -20.10 -46.77 -35.29
CA LEU G 4 -19.98 -46.21 -33.95
C LEU G 4 -20.20 -44.70 -34.00
N TRP G 5 -20.94 -44.20 -33.03
CA TRP G 5 -21.25 -42.78 -32.92
C TRP G 5 -20.58 -42.20 -31.68
N VAL G 6 -20.03 -40.99 -31.81
CA VAL G 6 -19.37 -40.35 -30.69
C VAL G 6 -20.39 -39.82 -29.71
N THR G 7 -20.16 -40.06 -28.42
CA THR G 7 -21.01 -39.56 -27.35
C THR G 7 -20.15 -38.78 -26.37
N VAL G 8 -20.67 -37.64 -25.92
CA VAL G 8 -19.93 -36.74 -25.03
C VAL G 8 -20.35 -37.03 -23.60
N TYR G 9 -19.35 -37.21 -22.73
CA TYR G 9 -19.56 -37.44 -21.31
C TYR G 9 -18.97 -36.29 -20.52
N TYR G 10 -19.73 -35.76 -19.57
CA TYR G 10 -19.31 -34.63 -18.76
C TYR G 10 -19.12 -35.06 -17.32
N GLY G 11 -17.97 -34.72 -16.75
CA GLY G 11 -17.68 -35.02 -15.36
C GLY G 11 -16.93 -36.32 -15.14
N VAL G 12 -16.32 -36.90 -16.17
CA VAL G 12 -15.61 -38.17 -16.03
C VAL G 12 -14.38 -37.93 -15.15
N PRO G 13 -13.90 -38.95 -14.42
CA PRO G 13 -12.75 -38.76 -13.50
C PRO G 13 -11.40 -38.82 -14.20
N VAL G 14 -10.98 -37.67 -14.76
CA VAL G 14 -9.69 -37.53 -15.40
C VAL G 14 -9.02 -36.28 -14.86
N TRP G 15 -7.70 -36.33 -14.70
CA TRP G 15 -6.93 -35.21 -14.19
C TRP G 15 -5.67 -35.04 -15.02
N LYS G 16 -4.97 -33.93 -14.78
CA LYS G 16 -3.71 -33.64 -15.44
C LYS G 16 -2.87 -32.74 -14.54
N ASP G 17 -1.56 -32.94 -14.59
CA ASP G 17 -0.65 -32.15 -13.78
C ASP G 17 -0.65 -30.70 -14.24
N ALA G 18 -0.55 -29.78 -13.29
CA ALA G 18 -0.53 -28.35 -13.58
C ALA G 18 -0.16 -27.62 -12.30
N GLU G 19 -0.18 -26.29 -12.37
CA GLU G 19 0.17 -25.44 -11.24
C GLU G 19 -0.92 -24.39 -11.04
N THR G 20 -1.14 -24.03 -9.77
CA THR G 20 -2.15 -23.05 -9.41
C THR G 20 -1.67 -22.29 -8.18
N THR G 21 -2.57 -21.56 -7.54
CA THR G 21 -2.28 -20.75 -6.36
C THR G 21 -3.04 -21.33 -5.18
N LEU G 22 -2.39 -22.20 -4.42
CA LEU G 22 -3.01 -22.79 -3.25
C LEU G 22 -3.27 -21.71 -2.21
N PHE G 23 -4.42 -21.81 -1.53
CA PHE G 23 -4.80 -20.83 -0.52
C PHE G 23 -4.67 -21.44 0.88
N CYS G 24 -4.52 -20.57 1.87
CA CYS G 24 -4.24 -20.97 3.24
C CYS G 24 -5.45 -21.61 3.90
N ALA G 25 -5.19 -22.33 4.99
CA ALA G 25 -6.22 -22.91 5.83
C ALA G 25 -5.60 -23.43 7.12
N SER G 26 -6.18 -23.06 8.27
CA SER G 26 -5.62 -23.44 9.56
C SER G 26 -6.73 -23.58 10.57
N ASP G 27 -6.43 -24.30 11.65
CA ASP G 27 -7.40 -24.53 12.71
C ASP G 27 -7.78 -23.23 13.39
N ALA G 28 -9.03 -23.16 13.86
CA ALA G 28 -9.54 -21.97 14.52
C ALA G 28 -8.92 -21.75 15.90
N LYS G 29 -8.18 -22.72 16.43
CA LYS G 29 -7.58 -22.55 17.74
C LYS G 29 -6.58 -21.41 17.78
N ALA G 30 -6.01 -21.04 16.63
CA ALA G 30 -5.08 -19.91 16.60
C ALA G 30 -5.77 -18.60 16.96
N TYR G 31 -7.08 -18.52 16.72
CA TYR G 31 -7.81 -17.29 17.05
C TYR G 31 -7.79 -17.02 18.56
N GLU G 32 -7.89 -18.08 19.37
CA GLU G 32 -7.90 -17.89 20.81
C GLU G 32 -6.58 -17.31 21.30
N THR G 33 -5.49 -17.56 20.58
CA THR G 33 -4.19 -17.01 20.99
C THR G 33 -4.22 -15.49 20.99
N GLU G 34 -4.77 -14.89 19.94
CA GLU G 34 -4.90 -13.43 19.84
C GLU G 34 -3.54 -12.75 19.99
N LYS G 35 -2.48 -13.39 19.47
CA LYS G 35 -1.14 -12.86 19.53
C LYS G 35 -0.65 -12.30 18.20
N HIS G 36 -1.49 -12.31 17.16
CA HIS G 36 -1.14 -11.74 15.85
C HIS G 36 0.13 -12.39 15.29
N ASN G 37 0.00 -13.69 15.02
CA ASN G 37 1.14 -14.46 14.54
C ASN G 37 1.69 -13.87 13.26
N VAL G 38 3.01 -13.98 13.09
CA VAL G 38 3.67 -13.44 11.90
C VAL G 38 3.10 -14.07 10.64
N TRP G 39 2.82 -15.37 10.69
CA TRP G 39 2.11 -16.05 9.61
C TRP G 39 0.63 -15.87 9.89
N ALA G 40 0.10 -14.72 9.47
CA ALA G 40 -1.25 -14.30 9.87
C ALA G 40 -2.29 -15.34 9.48
N THR G 41 -2.97 -15.88 10.49
CA THR G 41 -4.06 -16.82 10.28
C THR G 41 -5.42 -16.13 10.17
N HIS G 42 -5.47 -14.82 10.38
CA HIS G 42 -6.76 -14.11 10.33
C HIS G 42 -7.39 -14.24 8.95
N ALA G 43 -6.60 -14.07 7.89
CA ALA G 43 -7.11 -14.18 6.53
C ALA G 43 -7.20 -15.62 6.04
N CYS G 44 -6.58 -16.58 6.75
CA CYS G 44 -6.70 -17.97 6.36
C CYS G 44 -8.12 -18.47 6.60
N VAL G 45 -8.66 -19.18 5.62
CA VAL G 45 -10.00 -19.76 5.77
C VAL G 45 -9.95 -20.84 6.86
N PRO G 46 -10.94 -20.92 7.75
CA PRO G 46 -10.90 -21.99 8.76
C PRO G 46 -10.90 -23.37 8.12
N THR G 47 -10.18 -24.30 8.74
CA THR G 47 -10.06 -25.65 8.21
C THR G 47 -11.32 -26.45 8.51
N ASP G 48 -11.44 -27.58 7.81
CA ASP G 48 -12.60 -28.44 8.00
C ASP G 48 -12.55 -29.11 9.38
N PRO G 49 -13.70 -29.51 9.92
CA PRO G 49 -13.67 -30.18 11.24
C PRO G 49 -12.85 -31.44 11.26
N ASN G 50 -12.82 -32.20 10.15
CA ASN G 50 -12.03 -33.42 10.08
C ASN G 50 -11.70 -33.68 8.60
N PRO G 51 -10.47 -34.07 8.27
CA PRO G 51 -10.17 -34.36 6.87
C PRO G 51 -11.00 -35.52 6.35
N GLN G 52 -11.32 -35.45 5.06
CA GLN G 52 -12.05 -36.50 4.36
C GLN G 52 -11.07 -37.15 3.39
N GLU G 53 -10.35 -38.16 3.89
CA GLU G 53 -9.30 -38.82 3.11
C GLU G 53 -9.94 -39.89 2.24
N ILE G 54 -10.29 -39.52 1.02
CA ILE G 54 -10.87 -40.45 0.06
C ILE G 54 -9.73 -41.27 -0.54
N HIS G 55 -9.82 -42.59 -0.44
CA HIS G 55 -8.79 -43.49 -0.91
C HIS G 55 -9.22 -44.07 -2.26
N LEU G 56 -8.38 -43.90 -3.27
CA LEU G 56 -8.68 -44.37 -4.62
C LEU G 56 -8.10 -45.76 -4.83
N GLU G 57 -8.94 -46.67 -5.29
CA GLU G 57 -8.54 -48.06 -5.50
C GLU G 57 -8.07 -48.25 -6.94
N ASN G 58 -7.00 -49.02 -7.10
CA ASN G 58 -6.55 -49.48 -8.42
C ASN G 58 -6.23 -48.28 -9.32
N VAL G 59 -5.22 -47.51 -8.90
CA VAL G 59 -4.77 -46.35 -9.66
C VAL G 59 -3.33 -46.07 -9.30
N THR G 60 -2.57 -45.56 -10.26
CA THR G 60 -1.17 -45.20 -10.09
C THR G 60 -0.92 -43.82 -10.66
N GLU G 61 -0.04 -43.07 -10.00
CA GLU G 61 0.30 -41.72 -10.42
C GLU G 61 1.79 -41.48 -10.26
N GLU G 62 2.32 -40.59 -11.09
CA GLU G 62 3.75 -40.27 -11.10
C GLU G 62 4.00 -39.01 -10.29
N PHE G 63 4.95 -39.08 -9.35
CA PHE G 63 5.28 -37.97 -8.48
C PHE G 63 6.76 -37.63 -8.64
N ASN G 64 7.10 -36.38 -8.31
CA ASN G 64 8.49 -35.93 -8.30
C ASN G 64 8.60 -34.83 -7.25
N MET G 65 9.11 -35.19 -6.07
CA MET G 65 9.13 -34.25 -4.96
C MET G 65 10.04 -33.07 -5.20
N TRP G 66 11.01 -33.19 -6.10
CA TRP G 66 11.97 -32.12 -6.33
C TRP G 66 11.50 -31.11 -7.37
N LYS G 67 10.68 -31.53 -8.32
CA LYS G 67 10.06 -30.62 -9.27
C LYS G 67 8.70 -30.11 -8.80
N ASN G 68 8.29 -30.48 -7.58
CA ASN G 68 7.01 -30.04 -7.06
C ASN G 68 6.97 -28.52 -6.97
N ASN G 69 5.86 -27.94 -7.47
CA ASN G 69 5.69 -26.50 -7.42
C ASN G 69 5.18 -26.02 -6.06
N MET G 70 4.62 -26.93 -5.25
CA MET G 70 4.08 -26.53 -3.96
C MET G 70 5.17 -25.95 -3.06
N VAL G 71 6.36 -26.56 -3.07
CA VAL G 71 7.45 -26.05 -2.24
C VAL G 71 7.89 -24.68 -2.73
N GLU G 72 7.94 -24.48 -4.05
CA GLU G 72 8.34 -23.17 -4.58
C GLU G 72 7.35 -22.09 -4.19
N GLN G 73 6.05 -22.38 -4.30
CA GLN G 73 5.04 -21.41 -3.92
C GLN G 73 5.12 -21.09 -2.43
N MET G 74 5.34 -22.11 -1.59
CA MET G 74 5.46 -21.87 -0.17
C MET G 74 6.65 -20.98 0.15
N HIS G 75 7.76 -21.15 -0.57
CA HIS G 75 8.93 -20.33 -0.31
C HIS G 75 8.60 -18.85 -0.48
N THR G 76 7.85 -18.51 -1.52
CA THR G 76 7.43 -17.12 -1.70
C THR G 76 6.49 -16.67 -0.60
N ASP G 77 5.56 -17.54 -0.18
CA ASP G 77 4.55 -17.14 0.79
C ASP G 77 5.15 -16.87 2.16
N ILE G 78 6.10 -17.70 2.59
CA ILE G 78 6.72 -17.48 3.90
C ILE G 78 7.47 -16.16 3.94
N ILE G 79 8.22 -15.86 2.88
CA ILE G 79 8.91 -14.57 2.83
C ILE G 79 7.90 -13.42 2.80
N SER G 80 6.85 -13.57 2.01
CA SER G 80 5.85 -12.51 1.90
C SER G 80 5.15 -12.26 3.23
N LEU G 81 4.82 -13.34 3.96
CA LEU G 81 4.19 -13.19 5.26
C LEU G 81 5.12 -12.47 6.24
N TRP G 82 6.41 -12.82 6.21
CA TRP G 82 7.37 -12.17 7.10
C TRP G 82 7.51 -10.69 6.77
N ASP G 83 7.55 -10.34 5.47
CA ASP G 83 7.72 -8.94 5.09
C ASP G 83 6.55 -8.10 5.56
N GLN G 84 5.32 -8.62 5.44
CA GLN G 84 4.15 -7.85 5.84
C GLN G 84 4.10 -7.58 7.34
N SER G 85 4.78 -8.39 8.15
CA SER G 85 4.72 -8.24 9.60
C SER G 85 5.54 -7.06 10.09
N LEU G 86 6.72 -6.89 9.48
CA LEU G 86 7.66 -5.79 9.83
C LEU G 86 7.42 -4.62 8.88
N LYS G 87 6.16 -4.25 8.66
CA LYS G 87 5.84 -3.07 7.85
C LYS G 87 5.37 -1.97 8.78
N PRO G 88 4.80 -2.22 9.96
CA PRO G 88 4.47 -1.15 10.87
C PRO G 88 5.31 -1.04 12.14
N CYS G 89 6.61 -1.38 12.11
CA CYS G 89 7.40 -1.46 13.36
C CYS G 89 8.62 -0.54 13.32
N VAL G 90 9.17 -0.17 14.48
CA VAL G 90 10.25 0.86 14.56
C VAL G 90 11.39 0.58 13.58
N LYS G 91 11.64 1.49 12.68
CA LYS G 91 12.73 1.33 11.67
C LYS G 91 13.97 1.89 12.32
N LEU G 92 14.75 1.09 13.02
CA LEU G 92 15.89 1.50 13.86
C LEU G 92 16.93 2.30 13.06
N THR G 93 16.47 3.32 12.34
CA THR G 93 17.42 4.19 11.63
C THR G 93 18.31 4.97 12.58
N PRO G 94 17.80 5.59 13.65
CA PRO G 94 18.67 6.45 14.48
C PRO G 94 19.83 5.73 15.13
N LEU G 95 19.79 4.40 15.25
CA LEU G 95 20.79 3.70 16.03
C LEU G 95 22.18 3.72 15.40
N CYS G 96 22.32 4.16 14.14
CA CYS G 96 23.64 4.29 13.53
C CYS G 96 24.34 5.51 14.10
N VAL G 97 25.01 5.31 15.25
CA VAL G 97 25.83 6.32 15.89
C VAL G 97 27.11 5.66 16.35
N THR G 98 28.13 6.48 16.59
CA THR G 98 29.43 6.00 17.03
C THR G 98 29.31 5.43 18.45
N LEU G 99 29.33 4.11 18.57
CA LEU G 99 29.26 3.48 19.88
C LEU G 99 30.62 3.46 20.55
N GLN G 100 30.63 3.71 21.85
CA GLN G 100 31.85 3.66 22.67
C GLN G 100 31.71 2.44 23.59
N CYS G 101 32.24 1.31 23.14
CA CYS G 101 32.03 0.03 23.82
C CYS G 101 33.28 -0.41 24.57
N THR G 102 33.05 -1.17 25.64
CA THR G 102 34.12 -1.75 26.44
C THR G 102 33.71 -3.16 26.85
N ASN G 103 34.70 -3.98 27.18
CA ASN G 103 34.43 -5.35 27.57
C ASN G 103 33.67 -5.40 28.89
N VAL G 104 32.99 -6.53 29.10
CA VAL G 104 32.28 -6.81 30.35
C VAL G 104 33.05 -7.91 31.06
N THR G 105 33.46 -7.65 32.31
CA THR G 105 34.27 -8.58 33.08
C THR G 105 33.79 -8.64 34.52
N ASN G 106 32.48 -8.65 34.72
CA ASN G 106 31.94 -8.76 36.08
C ASN G 106 32.16 -10.16 36.63
N ASN G 107 31.60 -11.17 35.98
CA ASN G 107 31.80 -12.57 36.36
C ASN G 107 31.67 -13.41 35.09
N ILE G 108 32.82 -13.64 34.45
CA ILE G 108 32.88 -14.15 33.09
C ILE G 108 33.70 -15.44 33.09
N THR G 109 33.17 -16.47 32.42
CA THR G 109 33.91 -17.70 32.23
C THR G 109 35.03 -17.47 31.20
N ASP G 110 36.06 -18.31 31.29
CA ASP G 110 37.24 -18.12 30.44
C ASP G 110 36.87 -18.22 28.96
N ASP G 111 36.04 -19.20 28.60
CA ASP G 111 35.66 -19.37 27.20
C ASP G 111 34.87 -18.17 26.69
N MET G 112 33.96 -17.64 27.51
CA MET G 112 33.11 -16.52 27.11
C MET G 112 33.80 -15.18 27.39
N ARG G 113 35.03 -15.04 26.91
CA ARG G 113 35.85 -13.89 27.30
C ARG G 113 35.28 -12.58 26.77
N GLY G 114 34.98 -12.53 25.47
CA GLY G 114 34.56 -11.28 24.86
C GLY G 114 33.40 -11.44 23.88
N GLU G 115 32.51 -12.39 24.17
CA GLU G 115 31.40 -12.64 23.26
C GLU G 115 30.42 -11.46 23.22
N LEU G 116 30.34 -10.68 24.29
CA LEU G 116 29.44 -9.54 24.35
C LEU G 116 30.18 -8.34 24.92
N LYS G 117 29.72 -7.14 24.54
CA LYS G 117 30.34 -5.89 24.91
C LYS G 117 29.33 -4.99 25.61
N ASN G 118 29.86 -4.02 26.36
CA ASN G 118 29.06 -3.01 27.05
C ASN G 118 29.24 -1.69 26.30
N CYS G 119 28.17 -1.23 25.64
CA CYS G 119 28.23 -0.10 24.74
C CYS G 119 27.44 1.08 25.30
N SER G 120 27.98 2.28 25.10
CA SER G 120 27.34 3.53 25.50
C SER G 120 27.27 4.46 24.31
N PHE G 121 26.15 5.17 24.17
CA PHE G 121 25.94 6.04 23.02
C PHE G 121 24.89 7.08 23.37
N ASN G 122 24.89 8.17 22.60
CA ASN G 122 23.89 9.22 22.76
C ASN G 122 22.62 8.86 22.00
N MET G 123 21.52 9.47 22.42
CA MET G 123 20.25 9.29 21.74
C MET G 123 19.40 10.53 21.97
N THR G 124 18.23 10.55 21.32
CA THR G 124 17.31 11.68 21.38
C THR G 124 16.12 11.33 22.25
N THR G 125 15.79 12.22 23.18
CA THR G 125 14.58 12.10 23.97
C THR G 125 13.36 12.29 23.05
N GLU G 126 12.16 12.16 23.61
CA GLU G 126 10.96 12.43 22.84
C GLU G 126 10.99 13.83 22.23
N LEU G 127 11.65 14.77 22.88
CA LEU G 127 11.85 16.11 22.33
C LEU G 127 13.15 16.14 21.54
N ARG G 128 13.10 16.71 20.34
CA ARG G 128 14.26 16.71 19.46
C ARG G 128 15.43 17.48 20.08
N ASP G 129 15.14 18.62 20.71
CA ASP G 129 16.20 19.47 21.23
C ASP G 129 17.04 18.74 22.29
N LYS G 130 16.39 18.03 23.20
CA LYS G 130 17.09 17.36 24.27
C LYS G 130 17.76 16.08 23.76
N LYS G 131 18.86 15.72 24.40
CA LYS G 131 19.60 14.49 24.08
C LYS G 131 19.86 13.73 25.37
N GLN G 132 19.85 12.40 25.25
CA GLN G 132 20.01 11.50 26.38
C GLN G 132 21.12 10.50 26.09
N LYS G 133 21.92 10.20 27.10
CA LYS G 133 23.00 9.24 27.00
C LYS G 133 22.54 7.92 27.60
N VAL G 134 22.62 6.85 26.82
CA VAL G 134 22.15 5.54 27.22
C VAL G 134 23.23 4.50 26.92
N TYR G 135 23.07 3.32 27.52
CA TYR G 135 24.01 2.23 27.33
C TYR G 135 23.24 0.93 27.15
N SER G 136 23.88 -0.02 26.48
CA SER G 136 23.28 -1.32 26.22
C SER G 136 24.39 -2.34 26.01
N LEU G 137 24.02 -3.62 26.15
CA LEU G 137 24.94 -4.73 25.96
C LEU G 137 24.71 -5.33 24.59
N PHE G 138 25.72 -5.24 23.73
CA PHE G 138 25.64 -5.75 22.35
C PHE G 138 26.58 -6.93 22.20
N TYR G 139 26.08 -8.00 21.59
CA TYR G 139 26.91 -9.16 21.31
C TYR G 139 28.01 -8.79 20.33
N ARG G 140 29.16 -9.45 20.48
CA ARG G 140 30.31 -9.12 19.65
C ARG G 140 30.07 -9.39 18.17
N LEU G 141 29.07 -10.20 17.84
CA LEU G 141 28.75 -10.50 16.45
C LEU G 141 27.92 -9.40 15.79
N ASP G 142 27.49 -8.39 16.55
CA ASP G 142 26.66 -7.31 16.03
C ASP G 142 27.38 -5.97 15.98
N VAL G 143 28.63 -5.89 16.45
CA VAL G 143 29.39 -4.65 16.48
C VAL G 143 30.76 -4.90 15.88
N VAL G 144 31.25 -3.94 15.09
CA VAL G 144 32.57 -3.99 14.51
C VAL G 144 33.31 -2.70 14.85
N GLN G 145 34.64 -2.76 14.79
CA GLN G 145 35.48 -1.63 15.14
C GLN G 145 35.77 -0.78 13.91
N ILE G 146 36.07 0.50 14.15
CA ILE G 146 36.46 1.39 13.07
C ILE G 146 37.94 1.18 12.72
N ASN G 147 38.81 1.23 13.73
CA ASN G 147 40.24 1.03 13.51
C ASN G 147 40.86 0.26 14.67
N LYS G 159 37.93 3.72 20.85
CA LYS G 159 37.21 2.45 20.84
C LYS G 159 35.89 2.59 20.09
N GLU G 160 35.94 3.24 18.93
CA GLU G 160 34.75 3.45 18.13
C GLU G 160 34.20 2.12 17.62
N TYR G 161 32.89 1.95 17.72
CA TYR G 161 32.21 0.76 17.25
C TYR G 161 30.96 1.16 16.48
N ARG G 162 30.47 0.25 15.66
CA ARG G 162 29.27 0.49 14.87
C ARG G 162 28.59 -0.83 14.56
N LEU G 163 27.29 -0.76 14.30
CA LEU G 163 26.51 -1.94 14.01
C LEU G 163 26.83 -2.46 12.61
N ILE G 164 26.73 -3.79 12.46
CA ILE G 164 27.05 -4.41 11.17
C ILE G 164 26.08 -3.96 10.08
N ASN G 165 24.87 -3.56 10.46
CA ASN G 165 23.84 -3.24 9.48
C ASN G 165 23.97 -1.84 8.90
N CYS G 166 24.75 -0.97 9.53
CA CYS G 166 24.66 0.46 9.22
C CYS G 166 25.17 0.79 7.82
N ASN G 167 26.12 0.01 7.30
CA ASN G 167 26.62 0.23 5.95
C ASN G 167 25.91 -0.62 4.90
N THR G 168 24.90 -1.39 5.30
CA THR G 168 24.12 -2.20 4.36
C THR G 168 22.67 -1.76 4.28
N SER G 169 21.98 -1.64 5.41
CA SER G 169 20.61 -1.17 5.43
C SER G 169 20.16 -1.05 6.88
N ALA G 170 19.14 -0.23 7.11
CA ALA G 170 18.57 -0.08 8.44
C ALA G 170 17.71 -1.29 8.78
N CYS G 171 17.77 -1.71 10.04
CA CYS G 171 17.08 -2.90 10.51
C CYS G 171 15.75 -2.51 11.14
N THR G 172 14.65 -3.16 10.78
CA THR G 172 13.37 -2.90 11.48
C THR G 172 13.47 -3.58 12.85
N GLN G 173 12.57 -3.33 13.79
CA GLN G 173 12.76 -3.96 15.13
C GLN G 173 11.60 -4.87 15.47
N ALA G 174 11.64 -6.10 15.01
CA ALA G 174 10.57 -7.08 15.29
C ALA G 174 9.65 -6.55 16.37
N CYS G 175 8.40 -6.27 16.03
CA CYS G 175 7.45 -5.72 17.00
C CYS G 175 7.52 -6.63 18.20
N PRO G 176 7.24 -6.17 19.42
CA PRO G 176 7.48 -7.00 20.59
C PRO G 176 6.25 -7.84 20.92
N LYS G 177 5.19 -7.65 20.15
CA LYS G 177 3.94 -8.42 20.40
C LYS G 177 3.89 -9.63 19.46
N VAL G 178 3.94 -9.41 18.14
CA VAL G 178 3.85 -10.53 17.15
C VAL G 178 4.78 -11.63 17.62
N SER G 179 4.46 -12.90 17.37
CA SER G 179 5.19 -14.03 17.89
C SER G 179 5.74 -14.88 16.75
N PHE G 180 6.91 -15.47 16.97
CA PHE G 180 7.58 -16.28 15.96
C PHE G 180 7.27 -17.77 16.09
N GLU G 181 6.43 -18.17 17.03
CA GLU G 181 6.16 -19.58 17.24
C GLU G 181 5.45 -20.15 16.01
N PRO G 182 6.00 -21.17 15.35
CA PRO G 182 5.29 -21.75 14.20
C PRO G 182 3.96 -22.37 14.63
N ILE G 183 2.97 -22.27 13.74
CA ILE G 183 1.67 -22.89 13.94
C ILE G 183 1.34 -23.67 12.68
N PRO G 184 0.66 -24.82 12.77
CA PRO G 184 0.42 -25.62 11.56
C PRO G 184 -0.45 -24.86 10.57
N ILE G 185 -0.17 -25.07 9.28
CA ILE G 185 -0.95 -24.49 8.20
C ILE G 185 -1.24 -25.58 7.18
N HIS G 186 -2.33 -25.39 6.43
CA HIS G 186 -2.78 -26.34 5.42
C HIS G 186 -2.89 -25.62 4.09
N TYR G 187 -2.17 -26.10 3.08
CA TYR G 187 -2.20 -25.53 1.74
C TYR G 187 -3.25 -26.28 0.93
N CYS G 188 -4.35 -25.61 0.61
CA CYS G 188 -5.51 -26.25 0.02
C CYS G 188 -5.75 -25.68 -1.37
N ALA G 189 -6.13 -26.56 -2.30
CA ALA G 189 -6.31 -26.16 -3.69
C ALA G 189 -7.70 -25.59 -3.92
N PRO G 190 -7.86 -24.69 -4.90
CA PRO G 190 -9.21 -24.20 -5.23
C PRO G 190 -10.10 -25.27 -5.82
N ALA G 191 -11.33 -24.91 -6.16
CA ALA G 191 -12.20 -25.83 -6.88
C ALA G 191 -11.69 -26.06 -8.28
N GLY G 192 -11.91 -27.27 -8.80
CA GLY G 192 -11.36 -27.68 -10.07
C GLY G 192 -9.97 -28.26 -9.99
N PHE G 193 -9.38 -28.34 -8.80
CA PHE G 193 -8.09 -28.95 -8.58
C PHE G 193 -8.16 -29.86 -7.37
N ALA G 194 -7.28 -30.85 -7.33
CA ALA G 194 -7.24 -31.82 -6.24
C ALA G 194 -5.80 -32.12 -5.88
N ILE G 195 -5.61 -32.59 -4.66
CA ILE G 195 -4.30 -32.95 -4.13
C ILE G 195 -4.26 -34.45 -3.90
N LEU G 196 -3.22 -35.11 -4.39
CA LEU G 196 -3.04 -36.55 -4.27
C LEU G 196 -1.92 -36.84 -3.29
N LYS G 197 -2.19 -37.73 -2.33
CA LYS G 197 -1.21 -38.12 -1.32
C LYS G 197 -0.73 -39.54 -1.61
N CYS G 198 0.58 -39.72 -1.64
CA CYS G 198 1.18 -41.04 -1.87
C CYS G 198 1.31 -41.75 -0.53
N LYS G 199 0.47 -42.75 -0.31
CA LYS G 199 0.51 -43.53 0.92
C LYS G 199 1.60 -44.60 0.89
N ASP G 200 2.25 -44.82 -0.25
CA ASP G 200 3.28 -45.84 -0.34
C ASP G 200 4.37 -45.59 0.69
N LYS G 201 4.77 -46.65 1.39
CA LYS G 201 5.75 -46.56 2.45
C LYS G 201 7.18 -46.61 1.95
N LYS G 202 7.39 -46.82 0.64
CA LYS G 202 8.72 -46.91 0.07
C LYS G 202 8.97 -45.91 -1.04
N PHE G 203 8.02 -45.01 -1.31
CA PHE G 203 8.20 -44.00 -2.35
C PHE G 203 9.34 -43.07 -1.95
N ASN G 204 10.48 -43.16 -2.65
CA ASN G 204 11.67 -42.43 -2.21
C ASN G 204 11.63 -40.97 -2.68
N GLY G 205 11.77 -40.75 -3.99
CA GLY G 205 11.68 -39.41 -4.53
C GLY G 205 10.81 -39.31 -5.77
N THR G 206 10.60 -40.44 -6.45
CA THR G 206 10.00 -40.43 -7.78
C THR G 206 9.61 -41.84 -8.14
N GLY G 207 8.50 -41.97 -8.87
CA GLY G 207 8.04 -43.26 -9.34
C GLY G 207 6.55 -43.45 -9.12
N PRO G 208 6.00 -44.55 -9.65
CA PRO G 208 4.56 -44.80 -9.49
C PRO G 208 4.25 -45.31 -8.09
N CYS G 209 3.37 -44.58 -7.40
CA CYS G 209 2.91 -45.04 -6.09
C CYS G 209 1.84 -46.09 -6.27
N PRO G 210 2.01 -47.31 -5.74
CA PRO G 210 0.94 -48.31 -5.88
C PRO G 210 -0.36 -47.91 -5.21
N SER G 211 -0.31 -47.04 -4.20
CA SER G 211 -1.50 -46.57 -3.50
C SER G 211 -1.50 -45.05 -3.51
N VAL G 212 -2.56 -44.47 -4.07
CA VAL G 212 -2.73 -43.02 -4.12
C VAL G 212 -4.10 -42.69 -3.56
N SER G 213 -4.15 -41.72 -2.65
CA SER G 213 -5.39 -41.30 -2.02
C SER G 213 -5.52 -39.79 -2.13
N THR G 214 -6.65 -39.33 -2.67
CA THR G 214 -6.91 -37.90 -2.74
C THR G 214 -7.37 -37.41 -1.38
N VAL G 215 -6.97 -36.17 -1.04
CA VAL G 215 -7.29 -35.57 0.24
C VAL G 215 -7.84 -34.18 -0.03
N GLN G 216 -8.65 -33.69 0.91
CA GLN G 216 -9.17 -32.33 0.81
C GLN G 216 -8.01 -31.35 0.62
N CYS G 217 -7.02 -31.42 1.50
CA CYS G 217 -5.78 -30.68 1.34
C CYS G 217 -4.80 -31.13 2.42
N THR G 218 -3.58 -30.60 2.35
CA THR G 218 -2.48 -31.13 3.15
C THR G 218 -2.74 -30.92 4.63
N HIS G 219 -2.01 -31.70 5.44
CA HIS G 219 -2.12 -31.62 6.89
C HIS G 219 -1.38 -30.38 7.38
N GLY G 220 -1.28 -30.23 8.69
CA GLY G 220 -0.56 -29.10 9.27
C GLY G 220 0.92 -29.19 8.96
N ILE G 221 1.47 -28.11 8.41
CA ILE G 221 2.90 -28.01 8.08
C ILE G 221 3.49 -26.89 8.91
N LYS G 222 4.46 -27.24 9.75
CA LYS G 222 5.11 -26.24 10.60
C LYS G 222 6.17 -25.50 9.81
N PRO G 223 6.08 -24.17 9.66
CA PRO G 223 7.17 -23.44 8.97
C PRO G 223 8.38 -23.22 9.85
N VAL G 224 9.11 -24.30 10.11
CA VAL G 224 10.30 -24.28 10.97
C VAL G 224 11.52 -24.11 10.07
N VAL G 225 12.25 -23.02 10.27
CA VAL G 225 13.44 -22.71 9.50
C VAL G 225 14.66 -23.18 10.28
N SER G 226 15.50 -24.00 9.65
CA SER G 226 16.66 -24.56 10.32
C SER G 226 17.72 -24.87 9.29
N THR G 227 18.95 -25.06 9.77
CA THR G 227 20.08 -25.39 8.92
C THR G 227 20.75 -26.66 9.44
N GLN G 228 21.02 -27.60 8.53
CA GLN G 228 21.74 -28.83 8.84
C GLN G 228 20.91 -29.82 9.64
N LEU G 229 19.73 -29.42 10.08
CA LEU G 229 18.88 -30.28 10.90
C LEU G 229 17.45 -29.83 10.75
N LEU G 230 16.53 -30.79 10.68
CA LEU G 230 15.10 -30.52 10.59
C LEU G 230 14.46 -30.84 11.93
N LEU G 231 13.81 -29.85 12.54
CA LEU G 231 13.22 -29.97 13.86
C LEU G 231 11.70 -29.97 13.76
N ASN G 232 11.07 -30.71 14.67
CA ASN G 232 9.60 -30.76 14.75
C ASN G 232 8.99 -31.22 13.43
N GLY G 233 9.67 -32.11 12.71
CA GLY G 233 9.21 -32.58 11.43
C GLY G 233 8.33 -33.81 11.54
N SER G 234 8.06 -34.41 10.38
CA SER G 234 7.25 -35.61 10.29
C SER G 234 8.17 -36.82 10.13
N LEU G 235 8.01 -37.81 11.01
CA LEU G 235 8.89 -38.97 11.02
C LEU G 235 8.38 -40.04 10.07
N ALA G 236 9.31 -40.85 9.56
CA ALA G 236 8.94 -41.97 8.74
C ALA G 236 8.23 -43.03 9.57
N GLU G 237 7.26 -43.71 8.96
CA GLU G 237 6.52 -44.75 9.67
C GLU G 237 7.44 -45.89 10.08
N GLU G 238 8.40 -46.24 9.22
CA GLU G 238 9.36 -47.28 9.54
C GLU G 238 10.59 -47.10 8.66
N GLU G 239 11.75 -47.47 9.22
CA GLU G 239 13.00 -47.41 8.47
C GLU G 239 13.42 -45.98 8.19
N VAL G 240 14.71 -45.75 8.00
CA VAL G 240 15.23 -44.45 7.62
C VAL G 240 15.32 -44.40 6.10
N MET G 241 15.11 -43.21 5.53
CA MET G 241 15.03 -43.03 4.09
C MET G 241 16.01 -41.96 3.64
N ILE G 242 16.70 -42.24 2.53
CA ILE G 242 17.65 -41.32 1.92
C ILE G 242 17.04 -40.83 0.62
N ARG G 243 16.90 -39.51 0.48
CA ARG G 243 16.26 -38.90 -0.68
C ARG G 243 17.24 -38.00 -1.39
N SER G 244 17.28 -38.10 -2.71
CA SER G 244 18.12 -37.23 -3.54
C SER G 244 17.79 -37.48 -5.00
N GLU G 245 17.90 -36.43 -5.80
CA GLU G 245 17.66 -36.56 -7.24
C GLU G 245 18.71 -37.45 -7.90
N ASN G 246 19.96 -37.30 -7.50
CA ASN G 246 21.08 -37.90 -8.22
C ASN G 246 22.16 -38.22 -7.18
N ILE G 247 22.17 -39.47 -6.72
CA ILE G 247 23.06 -39.85 -5.63
C ILE G 247 24.52 -39.71 -6.05
N THR G 248 24.83 -40.03 -7.31
CA THR G 248 26.22 -40.02 -7.75
C THR G 248 26.80 -38.61 -7.68
N ASN G 249 26.03 -37.60 -8.04
CA ASN G 249 26.53 -36.24 -8.08
C ASN G 249 27.02 -35.80 -6.69
N ASN G 250 28.20 -35.21 -6.65
CA ASN G 250 28.78 -34.75 -5.39
C ASN G 250 28.21 -33.41 -4.94
N ALA G 251 27.65 -32.62 -5.86
CA ALA G 251 27.13 -31.29 -5.54
C ALA G 251 25.62 -31.31 -5.40
N LYS G 252 25.06 -32.39 -4.84
CA LYS G 252 23.62 -32.52 -4.64
C LYS G 252 23.36 -32.83 -3.17
N ASN G 253 22.44 -32.09 -2.58
CA ASN G 253 22.08 -32.32 -1.18
C ASN G 253 21.41 -33.67 -1.02
N ILE G 254 21.58 -34.25 0.17
CA ILE G 254 20.96 -35.52 0.53
C ILE G 254 20.06 -35.27 1.73
N LEU G 255 18.80 -35.71 1.63
CA LEU G 255 17.82 -35.55 2.68
C LEU G 255 17.60 -36.88 3.40
N VAL G 256 17.47 -36.81 4.72
CA VAL G 256 17.28 -37.98 5.56
C VAL G 256 16.05 -37.77 6.43
N GLN G 257 15.49 -38.86 6.91
CA GLN G 257 14.29 -38.80 7.75
C GLN G 257 14.37 -39.94 8.76
N PHE G 258 14.57 -39.60 10.03
CA PHE G 258 14.65 -40.63 11.07
C PHE G 258 13.29 -41.26 11.31
N ASN G 259 13.28 -42.57 11.53
CA ASN G 259 12.05 -43.26 11.91
C ASN G 259 11.66 -42.98 13.36
N THR G 260 12.59 -42.54 14.19
CA THR G 260 12.34 -42.19 15.57
C THR G 260 13.00 -40.86 15.88
N PRO G 261 12.43 -40.07 16.79
CA PRO G 261 13.01 -38.75 17.08
C PRO G 261 14.04 -38.81 18.19
N VAL G 262 14.97 -37.86 18.13
CA VAL G 262 16.00 -37.68 19.15
C VAL G 262 15.88 -36.27 19.69
N GLN G 263 15.73 -36.15 21.01
CA GLN G 263 15.49 -34.86 21.63
C GLN G 263 16.79 -34.08 21.81
N ILE G 264 16.71 -32.77 21.64
CA ILE G 264 17.81 -31.85 21.90
C ILE G 264 17.30 -30.74 22.78
N ASN G 265 18.00 -30.49 23.88
CA ASN G 265 17.63 -29.45 24.85
C ASN G 265 18.59 -28.29 24.69
N CYS G 266 18.08 -27.14 24.26
CA CYS G 266 18.87 -25.93 24.09
C CYS G 266 18.41 -24.89 25.10
N THR G 267 19.38 -24.26 25.77
CA THR G 267 19.08 -23.33 26.86
C THR G 267 20.04 -22.14 26.79
N ARG G 268 19.53 -20.98 27.22
CA ARG G 268 20.34 -19.78 27.39
C ARG G 268 20.31 -19.42 28.86
N PRO G 269 21.31 -19.82 29.64
CA PRO G 269 21.19 -19.70 31.11
C PRO G 269 21.36 -18.27 31.63
N ASN G 270 21.44 -17.29 30.74
CA ASN G 270 21.56 -15.92 31.18
C ASN G 270 20.22 -15.41 31.71
N ASN G 271 20.27 -14.26 32.38
CA ASN G 271 19.12 -13.64 33.02
C ASN G 271 18.96 -12.21 32.54
N ASN G 272 18.99 -12.04 31.21
CA ASN G 272 18.90 -10.71 30.62
C ASN G 272 17.62 -10.01 31.06
N THR G 273 17.75 -8.72 31.36
CA THR G 273 16.62 -7.87 31.74
C THR G 273 16.37 -6.86 30.64
N ARG G 274 15.13 -6.79 30.16
CA ARG G 274 14.79 -5.88 29.07
C ARG G 274 14.69 -4.47 29.58
N LYS G 275 15.34 -3.54 28.88
CA LYS G 275 15.33 -2.13 29.22
C LYS G 275 14.75 -1.34 28.05
N SER G 276 13.88 -0.38 28.36
CA SER G 276 13.18 0.40 27.34
C SER G 276 13.85 1.75 27.18
N ILE G 277 14.21 2.09 25.95
CA ILE G 277 14.82 3.37 25.61
C ILE G 277 13.86 4.10 24.68
N ARG G 278 13.54 5.35 25.03
CA ARG G 278 12.58 6.16 24.28
C ARG G 278 13.34 6.99 23.26
N ILE G 279 13.10 6.71 21.97
CA ILE G 279 13.66 7.48 20.87
C ILE G 279 12.51 8.00 20.03
N GLY G 280 12.51 9.29 19.74
CA GLY G 280 11.43 9.91 19.00
C GLY G 280 10.12 9.81 19.75
N PRO G 281 9.05 10.35 19.16
CA PRO G 281 7.74 10.33 19.84
C PRO G 281 7.00 9.02 19.56
N GLY G 282 6.75 8.26 20.63
CA GLY G 282 5.98 7.05 20.55
C GLY G 282 6.76 5.81 20.16
N GLN G 283 8.04 5.94 19.84
CA GLN G 283 8.87 4.84 19.38
C GLN G 283 9.87 4.47 20.48
N ALA G 284 9.98 3.18 20.77
CA ALA G 284 10.82 2.68 21.83
C ALA G 284 11.77 1.62 21.29
N PHE G 285 13.02 1.65 21.78
CA PHE G 285 14.04 0.69 21.42
C PHE G 285 14.35 -0.18 22.63
N TYR G 286 14.14 -1.48 22.50
CA TYR G 286 14.33 -2.42 23.60
C TYR G 286 15.74 -2.98 23.56
N ALA G 287 16.49 -2.80 24.65
CA ALA G 287 17.88 -3.23 24.72
C ALA G 287 18.12 -3.91 26.05
N THR G 288 19.12 -4.80 26.08
CA THR G 288 19.47 -5.49 27.30
C THR G 288 20.02 -4.50 28.32
N GLY G 289 19.44 -4.51 29.52
CA GLY G 289 19.85 -3.59 30.56
C GLY G 289 21.10 -4.05 31.29
N ASP G 290 21.03 -5.22 31.91
CA ASP G 290 22.13 -5.76 32.70
C ASP G 290 21.97 -7.28 32.76
N ILE G 291 22.92 -7.92 33.42
CA ILE G 291 22.91 -9.38 33.62
C ILE G 291 22.77 -9.64 35.11
N ILE G 292 21.82 -10.50 35.48
CA ILE G 292 21.60 -10.90 36.86
C ILE G 292 22.26 -12.25 37.06
N GLY G 293 23.17 -12.33 38.03
CA GLY G 293 23.84 -13.57 38.33
C GLY G 293 25.00 -13.85 37.39
N ASP G 294 25.44 -15.11 37.41
CA ASP G 294 26.60 -15.52 36.63
C ASP G 294 26.29 -15.50 35.14
N ILE G 295 27.36 -15.52 34.34
CA ILE G 295 27.27 -15.53 32.89
C ILE G 295 27.84 -16.86 32.40
N ARG G 296 27.03 -17.62 31.67
CA ARG G 296 27.44 -18.90 31.12
C ARG G 296 27.09 -18.98 29.65
N GLN G 297 27.91 -19.70 28.90
CA GLN G 297 27.71 -19.80 27.46
C GLN G 297 26.51 -20.67 27.15
N ALA G 298 25.81 -20.31 26.07
CA ALA G 298 24.67 -21.09 25.60
C ALA G 298 25.14 -22.46 25.12
N HIS G 299 24.27 -23.45 25.27
CA HIS G 299 24.62 -24.82 24.90
C HIS G 299 23.35 -25.60 24.57
N CYS G 300 23.54 -26.73 23.91
CA CYS G 300 22.47 -27.66 23.60
C CYS G 300 22.90 -29.07 24.02
N ASN G 301 21.99 -29.79 24.66
CA ASN G 301 22.27 -31.12 25.19
C ASN G 301 21.57 -32.17 24.34
N VAL G 302 22.33 -33.17 23.89
CA VAL G 302 21.80 -34.30 23.15
C VAL G 302 22.44 -35.57 23.69
N SER G 303 21.63 -36.60 23.92
CA SER G 303 22.12 -37.83 24.49
C SER G 303 23.00 -38.57 23.48
N LYS G 304 24.17 -39.02 23.94
CA LYS G 304 25.05 -39.78 23.05
C LYS G 304 24.50 -41.17 22.77
N ALA G 305 23.83 -41.78 23.75
CA ALA G 305 23.34 -43.14 23.56
C ALA G 305 22.35 -43.22 22.41
N THR G 306 21.41 -42.27 22.34
CA THR G 306 20.43 -42.30 21.27
C THR G 306 21.05 -41.88 19.93
N TRP G 307 21.89 -40.84 19.96
CA TRP G 307 22.43 -40.32 18.70
C TRP G 307 23.31 -41.34 18.00
N ASN G 308 24.20 -42.01 18.75
CA ASN G 308 25.04 -43.03 18.13
C ASN G 308 24.21 -44.18 17.58
N GLU G 309 23.18 -44.59 18.33
CA GLU G 309 22.25 -45.58 17.80
C GLU G 309 21.53 -45.06 16.57
N THR G 310 21.09 -43.80 16.61
CA THR G 310 20.43 -43.21 15.45
C THR G 310 21.39 -43.10 14.27
N LEU G 311 22.62 -42.66 14.52
CA LEU G 311 23.59 -42.52 13.44
C LEU G 311 23.92 -43.86 12.81
N GLY G 312 23.88 -44.94 13.60
CA GLY G 312 24.13 -46.26 13.03
C GLY G 312 23.11 -46.64 11.98
N LYS G 313 21.84 -46.30 12.21
CA LYS G 313 20.79 -46.58 11.23
C LYS G 313 21.05 -45.83 9.93
N VAL G 314 21.49 -44.58 10.02
CA VAL G 314 21.75 -43.79 8.82
C VAL G 314 22.84 -44.44 7.98
N VAL G 315 23.89 -44.94 8.64
CA VAL G 315 24.97 -45.58 7.90
C VAL G 315 24.49 -46.85 7.21
N LYS G 316 23.56 -47.57 7.83
CA LYS G 316 23.07 -48.82 7.24
C LYS G 316 22.43 -48.57 5.88
N GLN G 317 21.59 -47.54 5.78
CA GLN G 317 20.92 -47.24 4.52
C GLN G 317 21.86 -46.59 3.51
N LEU G 318 22.87 -45.86 3.99
CA LEU G 318 23.81 -45.22 3.07
C LEU G 318 24.60 -46.26 2.28
N ARG G 319 24.92 -47.38 2.92
CA ARG G 319 25.70 -48.42 2.24
C ARG G 319 24.94 -49.05 1.08
N LYS G 320 23.61 -48.91 1.04
CA LYS G 320 22.86 -49.49 -0.06
C LYS G 320 23.24 -48.88 -1.39
N HIS G 321 23.36 -47.56 -1.45
CA HIS G 321 23.65 -46.86 -2.69
C HIS G 321 25.14 -46.76 -3.01
N PHE G 322 26.02 -47.16 -2.08
CA PHE G 322 27.45 -47.06 -2.28
C PHE G 322 28.19 -48.38 -2.06
N GLY G 323 27.48 -49.48 -1.91
CA GLY G 323 28.10 -50.75 -1.62
C GLY G 323 28.15 -51.03 -0.14
N ASN G 324 28.12 -52.32 0.21
CA ASN G 324 28.06 -52.77 1.60
C ASN G 324 29.44 -53.15 2.12
N ASN G 325 30.49 -52.49 1.63
CA ASN G 325 31.85 -52.65 2.14
C ASN G 325 32.58 -51.32 2.33
N THR G 326 32.00 -50.21 1.88
CA THR G 326 32.68 -48.92 1.99
C THR G 326 32.72 -48.44 3.43
N ILE G 327 33.66 -47.53 3.70
CA ILE G 327 33.83 -46.92 5.02
C ILE G 327 33.14 -45.56 5.00
N ILE G 328 32.12 -45.40 5.84
CA ILE G 328 31.35 -44.17 5.91
C ILE G 328 31.91 -43.31 7.03
N ARG G 329 32.27 -42.07 6.71
CA ARG G 329 32.85 -41.13 7.66
C ARG G 329 32.04 -39.86 7.67
N PHE G 330 31.88 -39.27 8.86
CA PHE G 330 31.14 -38.03 9.04
C PHE G 330 32.11 -36.94 9.51
N ALA G 331 32.04 -35.78 8.87
CA ALA G 331 32.90 -34.65 9.20
C ALA G 331 32.08 -33.38 9.22
N ASN G 332 32.58 -32.38 9.96
CA ASN G 332 31.87 -31.12 10.09
C ASN G 332 32.00 -30.29 8.82
N SER G 333 31.29 -29.17 8.80
CA SER G 333 31.28 -28.31 7.63
C SER G 333 32.69 -27.80 7.34
N SER G 334 33.02 -27.70 6.05
CA SER G 334 34.38 -27.36 5.62
C SER G 334 34.61 -25.86 5.49
N GLY G 335 33.58 -25.04 5.59
CA GLY G 335 33.77 -23.60 5.50
C GLY G 335 32.45 -22.88 5.27
N GLY G 336 32.56 -21.57 5.20
CA GLY G 336 31.42 -20.68 5.04
C GLY G 336 31.31 -19.70 6.19
N ASP G 337 30.27 -18.87 6.12
CA ASP G 337 29.99 -17.91 7.18
C ASP G 337 29.29 -18.62 8.34
N LEU G 338 29.04 -17.86 9.41
CA LEU G 338 28.40 -18.46 10.59
C LEU G 338 27.01 -18.99 10.27
N GLU G 339 26.32 -18.38 9.31
CA GLU G 339 24.95 -18.79 9.01
C GLU G 339 24.90 -20.20 8.41
N VAL G 340 25.86 -20.53 7.56
CA VAL G 340 25.81 -21.80 6.84
C VAL G 340 26.65 -22.89 7.49
N THR G 341 27.59 -22.53 8.37
CA THR G 341 28.49 -23.49 8.99
C THR G 341 28.06 -23.93 10.38
N THR G 342 26.87 -23.52 10.82
CA THR G 342 26.37 -23.87 12.14
C THR G 342 24.88 -24.13 12.08
N HIS G 343 24.38 -24.85 13.07
CA HIS G 343 22.95 -25.14 13.17
C HIS G 343 22.24 -23.88 13.66
N SER G 344 21.40 -23.31 12.82
CA SER G 344 20.69 -22.06 13.11
C SER G 344 19.21 -22.33 13.32
N PHE G 345 18.62 -21.64 14.28
CA PHE G 345 17.20 -21.75 14.58
C PHE G 345 16.85 -20.64 15.58
N ASN G 346 15.57 -20.58 15.93
CA ASN G 346 15.09 -19.65 16.95
C ASN G 346 14.29 -20.43 17.99
N CYS G 347 14.43 -20.03 19.25
CA CYS G 347 13.77 -20.70 20.37
C CYS G 347 13.08 -19.64 21.21
N GLY G 348 11.79 -19.44 20.98
CA GLY G 348 11.04 -18.45 21.72
C GLY G 348 11.52 -17.04 21.51
N GLY G 349 11.76 -16.66 20.25
CA GLY G 349 12.14 -15.32 19.92
C GLY G 349 13.62 -15.01 20.04
N GLU G 350 14.45 -16.02 20.32
CA GLU G 350 15.90 -15.84 20.41
C GLU G 350 16.57 -16.79 19.43
N PHE G 351 17.49 -16.25 18.63
CA PHE G 351 18.12 -16.99 17.55
C PHE G 351 19.45 -17.57 18.02
N PHE G 352 19.65 -18.86 17.75
CA PHE G 352 20.84 -19.58 18.16
C PHE G 352 21.67 -19.97 16.93
N TYR G 353 22.98 -20.11 17.14
CA TYR G 353 23.90 -20.57 16.09
C TYR G 353 24.85 -21.57 16.76
N CYS G 354 24.50 -22.85 16.71
CA CYS G 354 25.17 -23.88 17.49
C CYS G 354 26.26 -24.55 16.67
N ASN G 355 27.45 -24.63 17.24
CA ASN G 355 28.60 -25.28 16.60
C ASN G 355 28.36 -26.78 16.64
N THR G 356 27.92 -27.34 15.51
CA THR G 356 27.50 -28.73 15.43
C THR G 356 28.63 -29.68 15.02
N SER G 357 29.87 -29.31 15.30
CA SER G 357 31.00 -30.16 14.94
C SER G 357 31.20 -31.32 15.92
N GLY G 358 30.46 -31.35 17.03
CA GLY G 358 30.58 -32.44 17.98
C GLY G 358 29.78 -33.68 17.64
N LEU G 359 28.97 -33.63 16.59
CA LEU G 359 28.15 -34.76 16.17
C LEU G 359 28.74 -35.51 15.00
N PHE G 360 29.09 -34.80 13.93
CA PHE G 360 29.58 -35.44 12.70
C PHE G 360 31.08 -35.66 12.79
N ASN G 361 31.45 -36.59 13.68
CA ASN G 361 32.86 -36.99 13.84
C ASN G 361 32.84 -38.46 14.27
N SER G 362 32.95 -39.35 13.29
CA SER G 362 32.92 -40.79 13.55
C SER G 362 33.41 -41.51 12.30
N THR G 363 33.71 -42.80 12.47
CA THR G 363 34.11 -43.66 11.37
C THR G 363 33.51 -45.04 11.58
N TRP G 364 33.05 -45.66 10.49
CA TRP G 364 32.40 -46.95 10.54
C TRP G 364 33.13 -47.89 9.58
N ILE G 365 33.59 -49.03 10.11
CA ILE G 365 34.36 -50.00 9.34
C ILE G 365 33.52 -51.24 9.09
N SER G 366 32.20 -51.10 9.11
CA SER G 366 31.28 -52.21 8.88
C SER G 366 31.54 -53.34 9.86
N ASN G 367 31.47 -53.00 11.15
CA ASN G 367 31.69 -53.97 12.22
C ASN G 367 30.99 -53.53 13.50
N SER G 378 27.61 -42.53 30.92
CA SER G 378 26.85 -43.04 29.79
C SER G 378 26.00 -41.93 29.18
N ASN G 379 25.00 -41.47 29.93
CA ASN G 379 24.10 -40.42 29.46
C ASN G 379 24.73 -39.05 29.69
N ASP G 380 25.86 -38.82 29.03
CA ASP G 380 26.61 -37.59 29.23
C ASP G 380 25.92 -36.38 28.59
N SER G 381 25.00 -36.58 27.65
CA SER G 381 24.24 -35.49 27.05
C SER G 381 25.19 -34.48 26.38
N ILE G 382 25.76 -34.94 25.26
CA ILE G 382 26.74 -34.17 24.50
C ILE G 382 26.34 -32.71 24.42
N THR G 383 27.29 -31.82 24.70
CA THR G 383 27.04 -30.38 24.72
C THR G 383 27.58 -29.75 23.44
N LEU G 384 26.76 -28.90 22.82
CA LEU G 384 27.13 -28.17 21.61
C LEU G 384 27.11 -26.68 21.91
N PRO G 385 28.26 -26.02 22.05
CA PRO G 385 28.24 -24.59 22.36
C PRO G 385 27.56 -23.79 21.26
N CYS G 386 26.85 -22.75 21.65
CA CYS G 386 26.07 -21.94 20.72
C CYS G 386 26.32 -20.46 20.98
N ARG G 387 25.98 -19.66 19.97
CA ARG G 387 26.09 -18.21 20.05
C ARG G 387 24.76 -17.59 19.62
N ILE G 388 24.50 -16.38 20.09
CA ILE G 388 23.25 -15.69 19.86
C ILE G 388 23.53 -14.39 19.12
N LYS G 389 22.71 -14.10 18.11
CA LYS G 389 22.86 -12.93 17.25
C LYS G 389 21.57 -12.12 17.27
N GLN G 390 21.71 -10.80 17.29
CA GLN G 390 20.55 -9.90 17.31
C GLN G 390 20.25 -9.31 15.95
N ILE G 391 21.27 -9.10 15.11
CA ILE G 391 21.10 -8.57 13.76
C ILE G 391 21.14 -9.75 12.81
N ILE G 392 20.01 -10.04 12.16
CA ILE G 392 19.87 -11.23 11.33
C ILE G 392 19.21 -10.88 10.00
N ASN G 393 19.41 -11.75 9.01
CA ASN G 393 18.78 -11.65 7.71
C ASN G 393 17.88 -12.85 7.42
N MET G 394 18.42 -14.05 7.54
CA MET G 394 17.69 -15.33 7.49
C MET G 394 16.85 -15.51 6.24
N TRP G 395 17.11 -14.75 5.17
CA TRP G 395 16.52 -15.02 3.87
C TRP G 395 17.55 -14.96 2.75
N GLN G 396 18.84 -14.90 3.08
CA GLN G 396 19.90 -14.77 2.08
C GLN G 396 19.65 -13.56 1.18
N ARG G 397 19.18 -12.47 1.78
CA ARG G 397 18.84 -11.25 1.06
C ARG G 397 19.70 -10.10 1.54
N ILE G 398 20.09 -9.24 0.61
CA ILE G 398 20.89 -8.06 0.92
C ILE G 398 19.98 -6.85 0.95
N GLY G 399 20.12 -6.02 1.98
CA GLY G 399 19.28 -4.85 2.18
C GLY G 399 18.10 -5.07 3.09
N GLN G 400 17.82 -6.30 3.50
CA GLN G 400 16.74 -6.61 4.43
C GLN G 400 17.35 -7.11 5.73
N CYS G 401 16.76 -6.69 6.85
CA CYS G 401 17.27 -7.05 8.16
C CYS G 401 16.17 -6.93 9.20
N MET G 402 16.46 -7.41 10.40
CA MET G 402 15.51 -7.36 11.51
C MET G 402 16.29 -7.49 12.82
N TYR G 403 15.84 -6.77 13.84
CA TYR G 403 16.49 -6.77 15.15
C TYR G 403 15.55 -7.43 16.16
N ALA G 404 16.03 -8.47 16.83
CA ALA G 404 15.22 -9.21 17.79
C ALA G 404 15.46 -8.66 19.19
N PRO G 405 14.45 -8.10 19.86
CA PRO G 405 14.68 -7.58 21.21
C PRO G 405 14.94 -8.70 22.20
N PRO G 406 15.61 -8.41 23.32
CA PRO G 406 15.91 -9.48 24.28
C PRO G 406 14.68 -9.98 24.99
N ILE G 407 14.81 -11.17 25.56
CA ILE G 407 13.73 -11.83 26.30
C ILE G 407 14.09 -11.82 27.77
N GLN G 408 13.15 -11.39 28.61
CA GLN G 408 13.39 -11.34 30.04
C GLN G 408 13.54 -12.74 30.62
N GLY G 409 14.48 -12.89 31.56
CA GLY G 409 14.65 -14.14 32.26
C GLY G 409 15.31 -15.21 31.40
N VAL G 410 15.37 -16.41 31.98
CA VAL G 410 15.94 -17.55 31.28
C VAL G 410 14.95 -18.08 30.25
N ILE G 411 15.48 -18.80 29.27
CA ILE G 411 14.67 -19.41 28.20
C ILE G 411 15.20 -20.80 27.92
N ARG G 412 14.29 -21.76 27.79
CA ARG G 412 14.65 -23.15 27.52
C ARG G 412 13.59 -23.77 26.64
N CYS G 413 14.01 -24.72 25.80
CA CYS G 413 13.08 -25.41 24.92
C CYS G 413 13.66 -26.77 24.55
N VAL G 414 12.77 -27.68 24.19
CA VAL G 414 13.12 -29.04 23.78
C VAL G 414 12.52 -29.29 22.41
N SER G 415 13.31 -29.87 21.51
CA SER G 415 12.95 -30.06 20.12
C SER G 415 12.94 -31.55 19.78
N ASN G 416 12.64 -31.84 18.52
CA ASN G 416 12.60 -33.21 17.99
C ASN G 416 13.38 -33.22 16.69
N ILE G 417 14.63 -33.67 16.75
CA ILE G 417 15.48 -33.75 15.56
C ILE G 417 15.03 -34.97 14.76
N THR G 418 14.25 -34.72 13.70
CA THR G 418 13.72 -35.79 12.86
C THR G 418 14.50 -35.96 11.57
N GLY G 419 14.90 -34.87 10.92
CA GLY G 419 15.59 -34.92 9.66
C GLY G 419 17.07 -34.62 9.78
N LEU G 420 17.75 -34.66 8.63
CA LEU G 420 19.18 -34.43 8.56
C LEU G 420 19.60 -34.20 7.11
N ILE G 421 20.30 -33.09 6.85
CA ILE G 421 20.75 -32.74 5.51
C ILE G 421 22.26 -32.99 5.45
N LEU G 422 22.70 -33.74 4.44
CA LEU G 422 24.09 -34.08 4.26
C LEU G 422 24.50 -33.85 2.82
N THR G 423 25.80 -33.60 2.62
CA THR G 423 26.35 -33.34 1.28
C THR G 423 27.71 -34.04 1.19
N ARG G 424 27.73 -35.19 0.54
CA ARG G 424 29.00 -35.87 0.28
C ARG G 424 29.86 -35.04 -0.65
N ASP G 425 31.15 -34.99 -0.35
CA ASP G 425 32.09 -34.16 -1.11
C ASP G 425 33.41 -34.90 -1.28
N GLY G 426 34.18 -34.47 -2.28
CA GLY G 426 35.48 -35.04 -2.55
C GLY G 426 35.42 -36.18 -3.55
N GLY G 427 36.61 -36.56 -4.01
CA GLY G 427 36.74 -37.66 -4.96
C GLY G 427 38.19 -37.98 -5.26
N SER G 428 38.52 -39.27 -5.26
CA SER G 428 39.90 -39.69 -5.52
C SER G 428 39.95 -40.93 -6.42
N THR G 429 38.89 -41.20 -7.19
CA THR G 429 38.83 -42.37 -8.06
C THR G 429 38.99 -43.67 -7.26
N ASN G 430 38.52 -43.67 -6.01
CA ASN G 430 38.62 -44.84 -5.16
C ASN G 430 37.42 -44.85 -4.21
N SER G 431 36.71 -45.97 -4.17
CA SER G 431 35.54 -46.12 -3.31
C SER G 431 35.88 -46.73 -1.96
N THR G 432 37.12 -46.55 -1.49
CA THR G 432 37.51 -47.13 -0.21
C THR G 432 36.69 -46.53 0.93
N THR G 433 36.43 -45.23 0.88
CA THR G 433 35.68 -44.57 1.93
C THR G 433 34.97 -43.35 1.36
N GLU G 434 33.81 -43.04 1.93
CA GLU G 434 33.02 -41.88 1.55
C GLU G 434 32.80 -41.00 2.77
N THR G 435 32.98 -39.69 2.59
CA THR G 435 32.85 -38.72 3.67
C THR G 435 31.62 -37.86 3.44
N PHE G 436 30.82 -37.68 4.49
CA PHE G 436 29.60 -36.89 4.43
C PHE G 436 29.69 -35.73 5.40
N ARG G 437 29.27 -34.54 4.95
CA ARG G 437 29.29 -33.34 5.77
C ARG G 437 27.91 -32.69 5.76
N PRO G 438 27.56 -31.98 6.82
CA PRO G 438 26.27 -31.27 6.83
C PRO G 438 26.27 -30.11 5.85
N GLY G 439 25.07 -29.78 5.37
CA GLY G 439 24.92 -28.69 4.43
C GLY G 439 23.53 -28.08 4.44
N GLY G 440 23.46 -26.77 4.51
CA GLY G 440 22.18 -26.07 4.55
C GLY G 440 22.11 -24.91 3.59
N GLY G 441 22.75 -25.05 2.42
CA GLY G 441 22.77 -23.98 1.45
C GLY G 441 21.38 -23.60 0.97
N ASP G 442 20.55 -24.61 0.68
CA ASP G 442 19.18 -24.38 0.22
C ASP G 442 18.27 -24.32 1.44
N MET G 443 17.67 -23.16 1.68
CA MET G 443 16.85 -22.94 2.86
C MET G 443 15.40 -23.36 2.68
N ARG G 444 15.01 -23.78 1.48
CA ARG G 444 13.67 -24.29 1.23
C ARG G 444 13.60 -25.81 1.31
N ASP G 445 14.71 -26.48 1.61
CA ASP G 445 14.69 -27.93 1.79
C ASP G 445 13.99 -28.33 3.08
N ASN G 446 13.77 -27.40 4.00
CA ASN G 446 13.05 -27.73 5.23
C ASN G 446 11.63 -28.15 4.91
N TRP G 447 10.96 -27.46 3.99
CA TRP G 447 9.58 -27.75 3.65
C TRP G 447 9.44 -28.84 2.60
N ARG G 448 10.45 -29.02 1.75
CA ARG G 448 10.39 -30.11 0.77
C ARG G 448 10.30 -31.46 1.46
N SER G 449 10.85 -31.58 2.67
CA SER G 449 10.77 -32.84 3.41
C SER G 449 9.36 -33.13 3.92
N GLU G 450 8.46 -32.16 3.85
CA GLU G 450 7.08 -32.34 4.29
C GLU G 450 6.07 -32.39 3.14
N LEU G 451 6.36 -31.71 2.03
CA LEU G 451 5.46 -31.65 0.88
C LEU G 451 5.81 -32.66 -0.19
N TYR G 452 6.74 -33.58 0.08
CA TYR G 452 7.15 -34.55 -0.92
C TYR G 452 6.05 -35.54 -1.28
N LYS G 453 5.03 -35.68 -0.43
CA LYS G 453 3.97 -36.65 -0.64
C LYS G 453 2.80 -36.11 -1.45
N TYR G 454 2.81 -34.83 -1.80
CA TYR G 454 1.65 -34.17 -2.40
C TYR G 454 1.94 -33.72 -3.82
N LYS G 455 0.89 -33.70 -4.64
CA LYS G 455 0.94 -33.14 -5.97
C LYS G 455 -0.44 -32.61 -6.33
N VAL G 456 -0.48 -31.54 -7.11
CA VAL G 456 -1.71 -30.86 -7.48
C VAL G 456 -2.01 -31.19 -8.94
N VAL G 457 -3.27 -31.52 -9.22
CA VAL G 457 -3.72 -31.88 -10.56
C VAL G 457 -5.00 -31.11 -10.86
N LYS G 458 -5.25 -30.90 -12.15
CA LYS G 458 -6.45 -30.22 -12.63
C LYS G 458 -7.36 -31.23 -13.32
N ILE G 459 -8.63 -31.23 -12.95
CA ILE G 459 -9.59 -32.19 -13.48
C ILE G 459 -10.02 -31.77 -14.87
N GLU G 460 -10.38 -32.76 -15.70
CA GLU G 460 -10.76 -32.55 -17.09
C GLU G 460 -12.10 -33.25 -17.32
N PRO G 461 -13.20 -32.66 -16.85
CA PRO G 461 -14.49 -33.37 -16.92
C PRO G 461 -14.94 -33.71 -18.33
N LEU G 462 -14.63 -32.88 -19.32
CA LEU G 462 -15.10 -33.15 -20.68
C LEU G 462 -14.38 -34.36 -21.27
N GLY G 463 -15.14 -35.17 -22.01
CA GLY G 463 -14.57 -36.33 -22.65
C GLY G 463 -15.54 -36.90 -23.67
N VAL G 464 -14.99 -37.66 -24.61
CA VAL G 464 -15.76 -38.28 -25.67
C VAL G 464 -15.40 -39.75 -25.76
N ALA G 465 -16.35 -40.56 -26.23
CA ALA G 465 -16.13 -41.99 -26.38
C ALA G 465 -17.14 -42.58 -27.35
N PRO G 466 -16.70 -43.29 -28.40
CA PRO G 466 -17.67 -43.86 -29.34
C PRO G 466 -18.56 -44.91 -28.70
N THR G 467 -19.79 -44.99 -29.20
CA THR G 467 -20.75 -45.98 -28.73
C THR G 467 -21.77 -46.21 -29.84
N ARG G 468 -22.74 -47.08 -29.56
CA ARG G 468 -23.79 -47.41 -30.52
C ARG G 468 -24.99 -46.50 -30.43
N CYS G 469 -25.02 -45.57 -29.47
CA CYS G 469 -26.12 -44.64 -29.35
C CYS G 469 -26.09 -43.64 -30.51
N LYS G 470 -27.26 -43.43 -31.13
CA LYS G 470 -27.43 -42.45 -32.19
C LYS G 470 -28.54 -41.49 -31.80
N ARG G 471 -28.26 -40.19 -31.90
CA ARG G 471 -29.25 -39.19 -31.52
C ARG G 471 -30.44 -39.26 -32.46
N ARG G 472 -31.62 -39.58 -31.89
CA ARG G 472 -32.81 -39.72 -32.71
C ARG G 472 -33.17 -38.40 -33.38
N VAL G 473 -33.10 -37.30 -32.64
CA VAL G 473 -33.44 -35.98 -33.18
C VAL G 473 -32.99 -34.89 -32.22
N ASN H 3 -48.87 -11.68 -39.28
CA ASN H 3 -48.76 -13.12 -39.43
C ASN H 3 -47.40 -13.62 -38.96
N LEU H 4 -46.38 -12.77 -39.07
CA LEU H 4 -45.05 -13.12 -38.63
C LEU H 4 -44.98 -13.16 -37.10
N TRP H 5 -43.95 -13.84 -36.59
CA TRP H 5 -43.77 -14.03 -35.16
C TRP H 5 -42.34 -13.65 -34.77
N VAL H 6 -42.21 -13.13 -33.56
CA VAL H 6 -40.90 -12.70 -33.07
C VAL H 6 -39.99 -13.92 -32.90
N THR H 7 -38.76 -13.79 -33.38
CA THR H 7 -37.75 -14.83 -33.27
C THR H 7 -36.46 -14.21 -32.76
N VAL H 8 -35.77 -14.92 -31.88
CA VAL H 8 -34.57 -14.41 -31.22
C VAL H 8 -33.35 -15.08 -31.84
N TYR H 9 -32.24 -14.34 -31.85
CA TYR H 9 -30.95 -14.83 -32.34
C TYR H 9 -29.89 -14.50 -31.31
N TYR H 10 -28.88 -15.38 -31.22
CA TYR H 10 -27.77 -15.21 -30.29
C TYR H 10 -26.47 -15.34 -31.06
N GLY H 11 -25.56 -14.39 -30.83
CA GLY H 11 -24.28 -14.39 -31.50
C GLY H 11 -24.23 -13.63 -32.80
N VAL H 12 -25.21 -12.78 -33.07
CA VAL H 12 -25.25 -12.03 -34.33
C VAL H 12 -24.11 -11.02 -34.33
N PRO H 13 -23.54 -10.67 -35.49
CA PRO H 13 -22.44 -9.69 -35.54
C PRO H 13 -22.92 -8.23 -35.51
N VAL H 14 -23.19 -7.74 -34.31
CA VAL H 14 -23.60 -6.36 -34.08
C VAL H 14 -22.79 -5.79 -32.94
N TRP H 15 -22.34 -4.55 -33.09
CA TRP H 15 -21.52 -3.89 -32.08
C TRP H 15 -22.00 -2.46 -31.88
N LYS H 16 -21.67 -1.92 -30.70
CA LYS H 16 -21.94 -0.53 -30.38
C LYS H 16 -20.73 0.07 -29.69
N ASP H 17 -20.50 1.36 -29.92
CA ASP H 17 -19.38 2.04 -29.30
C ASP H 17 -19.52 2.00 -27.77
N ALA H 18 -18.40 1.76 -27.09
CA ALA H 18 -18.41 1.66 -25.64
C ALA H 18 -17.01 1.96 -25.12
N GLU H 19 -16.93 2.19 -23.81
CA GLU H 19 -15.68 2.49 -23.13
C GLU H 19 -15.37 1.36 -22.16
N THR H 20 -14.14 0.86 -22.21
CA THR H 20 -13.71 -0.23 -21.34
C THR H 20 -12.27 0.04 -20.91
N THR H 21 -11.64 -0.97 -20.30
CA THR H 21 -10.29 -0.87 -19.77
C THR H 21 -9.42 -1.89 -20.50
N LEU H 22 -8.78 -1.44 -21.58
CA LEU H 22 -7.86 -2.30 -22.31
C LEU H 22 -6.66 -2.64 -21.44
N PHE H 23 -6.17 -3.88 -21.56
CA PHE H 23 -5.04 -4.34 -20.78
C PHE H 23 -3.80 -4.48 -21.65
N CYS H 24 -2.65 -4.35 -21.01
CA CYS H 24 -1.38 -4.37 -21.72
C CYS H 24 -1.04 -5.77 -22.23
N ALA H 25 -0.13 -5.80 -23.20
CA ALA H 25 0.36 -7.06 -23.76
C ALA H 25 1.66 -6.75 -24.48
N SER H 26 2.74 -7.43 -24.09
CA SER H 26 4.06 -7.18 -24.64
C SER H 26 4.73 -8.49 -25.02
N ASP H 27 5.63 -8.42 -26.00
CA ASP H 27 6.36 -9.59 -26.44
C ASP H 27 7.31 -10.08 -25.35
N ALA H 28 7.47 -11.41 -25.29
CA ALA H 28 8.34 -12.04 -24.31
C ALA H 28 9.76 -12.24 -24.83
N LYS H 29 10.07 -11.78 -26.04
CA LYS H 29 11.40 -11.97 -26.60
C LYS H 29 12.46 -11.30 -25.73
N ALA H 30 12.19 -10.07 -25.28
CA ALA H 30 13.10 -9.33 -24.43
C ALA H 30 12.81 -9.52 -22.94
N TYR H 31 11.79 -10.31 -22.60
CA TYR H 31 11.45 -10.50 -21.18
C TYR H 31 12.59 -11.16 -20.42
N GLU H 32 13.24 -12.16 -21.03
CA GLU H 32 14.32 -12.88 -20.37
C GLU H 32 15.57 -12.03 -20.17
N THR H 33 15.66 -10.87 -20.81
CA THR H 33 16.84 -10.02 -20.68
C THR H 33 16.96 -9.42 -19.29
N GLU H 34 15.87 -9.40 -18.51
CA GLU H 34 15.89 -8.83 -17.17
C GLU H 34 16.30 -7.36 -17.20
N LYS H 35 15.82 -6.64 -18.22
CA LYS H 35 16.15 -5.23 -18.35
C LYS H 35 15.49 -4.40 -17.25
N HIS H 36 14.33 -4.84 -16.75
CA HIS H 36 13.61 -4.12 -15.69
C HIS H 36 13.28 -2.70 -16.13
N ASN H 37 12.50 -2.60 -17.21
CA ASN H 37 12.12 -1.30 -17.75
C ASN H 37 11.15 -0.61 -16.79
N VAL H 38 11.09 0.72 -16.92
CA VAL H 38 10.17 1.50 -16.08
C VAL H 38 8.73 1.08 -16.34
N TRP H 39 8.40 0.77 -17.58
CA TRP H 39 7.09 0.19 -17.91
C TRP H 39 7.17 -1.32 -17.66
N ALA H 40 6.43 -1.78 -16.66
CA ALA H 40 6.53 -3.17 -16.21
C ALA H 40 5.86 -4.07 -17.23
N THR H 41 6.57 -4.31 -18.33
CA THR H 41 6.09 -5.24 -19.35
C THR H 41 6.16 -6.69 -18.88
N HIS H 42 6.79 -6.97 -17.75
CA HIS H 42 6.83 -8.34 -17.24
C HIS H 42 5.45 -8.81 -16.82
N ALA H 43 4.62 -7.92 -16.30
CA ALA H 43 3.26 -8.25 -15.91
C ALA H 43 2.28 -8.24 -17.07
N CYS H 44 2.72 -7.84 -18.27
CA CYS H 44 1.85 -7.84 -19.43
C CYS H 44 1.74 -9.24 -20.02
N VAL H 45 0.53 -9.63 -20.39
CA VAL H 45 0.31 -10.96 -20.96
C VAL H 45 1.03 -11.06 -22.30
N PRO H 46 1.73 -12.16 -22.59
CA PRO H 46 2.36 -12.27 -23.92
C PRO H 46 1.33 -12.25 -25.03
N THR H 47 1.69 -11.62 -26.13
CA THR H 47 0.81 -11.46 -27.27
C THR H 47 1.01 -12.60 -28.27
N ASP H 48 0.10 -12.67 -29.24
CA ASP H 48 0.17 -13.70 -30.27
C ASP H 48 1.37 -13.46 -31.18
N PRO H 49 1.86 -14.51 -31.85
CA PRO H 49 3.00 -14.31 -32.77
C PRO H 49 2.73 -13.29 -33.85
N ASN H 50 1.49 -13.20 -34.34
CA ASN H 50 1.12 -12.22 -35.34
C ASN H 50 -0.34 -11.85 -35.11
N PRO H 51 -0.71 -10.57 -35.26
CA PRO H 51 -2.12 -10.20 -35.07
C PRO H 51 -3.03 -10.91 -36.06
N GLN H 52 -4.24 -11.22 -35.61
CA GLN H 52 -5.25 -11.85 -36.46
C GLN H 52 -5.98 -10.75 -37.23
N GLU H 53 -5.39 -10.34 -38.34
CA GLU H 53 -5.97 -9.29 -39.18
C GLU H 53 -7.18 -9.88 -39.91
N ILE H 54 -8.37 -9.53 -39.47
CA ILE H 54 -9.62 -9.94 -40.11
C ILE H 54 -10.23 -8.72 -40.77
N HIS H 55 -10.51 -8.82 -42.07
CA HIS H 55 -11.02 -7.71 -42.86
C HIS H 55 -12.54 -7.80 -42.92
N LEU H 56 -13.20 -6.68 -42.62
CA LEU H 56 -14.65 -6.59 -42.67
C LEU H 56 -15.04 -5.80 -43.92
N GLU H 57 -15.84 -6.42 -44.78
CA GLU H 57 -16.21 -5.84 -46.06
C GLU H 57 -17.59 -5.22 -46.00
N ASN H 58 -17.83 -4.24 -46.88
CA ASN H 58 -19.12 -3.58 -47.03
C ASN H 58 -19.60 -2.92 -45.74
N VAL H 59 -18.69 -2.62 -44.81
CA VAL H 59 -19.03 -2.01 -43.53
C VAL H 59 -18.24 -0.72 -43.40
N THR H 60 -18.93 0.36 -43.04
CA THR H 60 -18.31 1.66 -42.80
C THR H 60 -18.52 2.02 -41.34
N GLU H 61 -17.44 2.44 -40.67
CA GLU H 61 -17.48 2.79 -39.26
C GLU H 61 -17.01 4.22 -39.07
N GLU H 62 -17.74 4.98 -38.25
CA GLU H 62 -17.33 6.34 -37.94
C GLU H 62 -16.15 6.33 -36.99
N PHE H 63 -15.24 7.29 -37.18
CA PHE H 63 -14.03 7.40 -36.37
C PHE H 63 -13.87 8.83 -35.90
N ASN H 64 -13.27 8.99 -34.71
CA ASN H 64 -13.02 10.31 -34.14
C ASN H 64 -11.77 10.20 -33.27
N MET H 65 -10.63 10.60 -33.83
CA MET H 65 -9.35 10.48 -33.13
C MET H 65 -9.21 11.47 -31.99
N TRP H 66 -10.12 12.44 -31.87
CA TRP H 66 -10.02 13.45 -30.81
C TRP H 66 -10.85 13.07 -29.59
N LYS H 67 -12.00 12.44 -29.79
CA LYS H 67 -12.82 11.93 -28.70
C LYS H 67 -12.51 10.47 -28.36
N ASN H 68 -11.55 9.86 -29.04
CA ASN H 68 -11.20 8.48 -28.74
C ASN H 68 -10.67 8.38 -27.32
N ASN H 69 -11.20 7.41 -26.56
CA ASN H 69 -10.81 7.25 -25.17
C ASN H 69 -9.52 6.45 -25.02
N MET H 70 -9.07 5.76 -26.07
CA MET H 70 -7.84 5.00 -25.97
C MET H 70 -6.66 5.90 -25.64
N VAL H 71 -6.67 7.15 -26.11
CA VAL H 71 -5.59 8.08 -25.80
C VAL H 71 -5.62 8.45 -24.33
N GLU H 72 -6.80 8.80 -23.81
CA GLU H 72 -6.91 9.24 -22.42
C GLU H 72 -6.51 8.14 -21.46
N GLN H 73 -6.94 6.91 -21.72
CA GLN H 73 -6.56 5.80 -20.85
C GLN H 73 -5.06 5.58 -20.86
N MET H 74 -4.43 5.68 -22.03
CA MET H 74 -2.99 5.42 -22.12
C MET H 74 -2.20 6.40 -21.26
N HIS H 75 -2.64 7.66 -21.20
CA HIS H 75 -1.89 8.67 -20.44
C HIS H 75 -1.79 8.29 -18.97
N THR H 76 -2.91 7.86 -18.38
CA THR H 76 -2.88 7.51 -16.96
C THR H 76 -2.08 6.24 -16.71
N ASP H 77 -2.03 5.31 -17.67
CA ASP H 77 -1.19 4.13 -17.50
C ASP H 77 0.28 4.50 -17.46
N ILE H 78 0.71 5.43 -18.33
CA ILE H 78 2.11 5.83 -18.35
C ILE H 78 2.48 6.53 -17.05
N ILE H 79 1.62 7.44 -16.59
CA ILE H 79 1.89 8.15 -15.35
C ILE H 79 1.92 7.18 -14.17
N SER H 80 0.95 6.27 -14.11
CA SER H 80 0.91 5.32 -13.00
C SER H 80 2.14 4.42 -13.00
N LEU H 81 2.56 3.96 -14.17
CA LEU H 81 3.76 3.13 -14.24
C LEU H 81 5.00 3.90 -13.80
N TRP H 82 5.11 5.17 -14.24
CA TRP H 82 6.27 5.97 -13.88
C TRP H 82 6.36 6.16 -12.37
N ASP H 83 5.24 6.50 -11.73
CA ASP H 83 5.23 6.68 -10.28
C ASP H 83 5.50 5.37 -9.56
N GLN H 84 4.95 4.27 -10.07
CA GLN H 84 5.13 2.97 -9.41
C GLN H 84 6.59 2.56 -9.37
N SER H 85 7.38 2.98 -10.36
CA SER H 85 8.79 2.57 -10.43
C SER H 85 9.70 3.41 -9.56
N LEU H 86 9.25 4.57 -9.08
CA LEU H 86 10.06 5.43 -8.23
C LEU H 86 9.87 5.17 -6.74
N LYS H 87 8.94 4.30 -6.37
CA LYS H 87 8.71 4.02 -4.95
C LYS H 87 9.94 3.44 -4.25
N PRO H 88 10.63 2.43 -4.80
CA PRO H 88 11.75 1.82 -4.06
C PRO H 88 13.04 2.62 -4.11
N CYS H 89 13.15 3.59 -5.02
CA CYS H 89 14.40 4.33 -5.15
C CYS H 89 14.59 5.28 -3.97
N VAL H 90 15.85 5.63 -3.70
CA VAL H 90 16.18 6.44 -2.54
C VAL H 90 15.77 7.88 -2.78
N LYS H 91 15.14 8.48 -1.77
CA LYS H 91 14.75 9.88 -1.84
C LYS H 91 15.92 10.77 -1.46
N LEU H 92 16.21 11.75 -2.31
CA LEU H 92 17.32 12.68 -2.07
C LEU H 92 16.83 13.88 -1.25
N THR H 93 16.31 13.57 -0.06
CA THR H 93 15.90 14.61 0.86
C THR H 93 17.07 15.33 1.51
N PRO H 94 18.21 14.69 1.80
CA PRO H 94 19.29 15.40 2.49
C PRO H 94 20.18 16.24 1.59
N LEU H 95 19.79 16.47 0.34
CA LEU H 95 20.57 17.28 -0.58
C LEU H 95 20.21 18.75 -0.54
N CYS H 96 19.24 19.14 0.29
CA CYS H 96 18.85 20.55 0.42
C CYS H 96 19.74 21.21 1.46
N VAL H 97 20.90 21.68 1.02
CA VAL H 97 21.89 22.33 1.86
C VAL H 97 22.38 23.58 1.14
N THR H 98 22.95 24.50 1.89
CA THR H 98 23.49 25.73 1.33
C THR H 98 24.73 25.38 0.51
N LEU H 99 24.56 25.28 -0.81
CA LEU H 99 25.68 24.97 -1.69
C LEU H 99 26.64 26.16 -1.79
N GLN H 100 27.91 25.85 -2.03
CA GLN H 100 28.96 26.85 -2.22
C GLN H 100 29.65 26.53 -3.54
N CYS H 101 29.18 27.14 -4.62
CA CYS H 101 29.60 26.78 -5.96
C CYS H 101 30.49 27.87 -6.57
N THR H 102 31.32 27.45 -7.52
CA THR H 102 32.17 28.37 -8.27
C THR H 102 32.16 27.97 -9.74
N ASN H 103 32.42 28.94 -10.60
CA ASN H 103 32.49 28.67 -12.02
C ASN H 103 33.65 27.74 -12.34
N VAL H 104 33.45 26.86 -13.32
CA VAL H 104 34.48 25.94 -13.78
C VAL H 104 35.07 26.49 -15.07
N THR H 105 36.39 26.62 -15.11
CA THR H 105 37.09 27.15 -16.27
C THR H 105 38.35 26.35 -16.55
N ASN H 106 38.25 25.02 -16.49
CA ASN H 106 39.39 24.16 -16.79
C ASN H 106 39.61 24.08 -18.30
N ASN H 107 38.60 23.60 -19.04
CA ASN H 107 38.65 23.50 -20.49
C ASN H 107 37.26 23.89 -21.01
N ILE H 108 37.10 25.18 -21.32
CA ILE H 108 35.81 25.77 -21.62
C ILE H 108 35.88 26.53 -22.93
N THR H 109 34.84 26.40 -23.74
CA THR H 109 34.68 27.18 -24.95
C THR H 109 33.97 28.49 -24.65
N ASP H 110 34.03 29.41 -25.62
CA ASP H 110 33.52 30.76 -25.39
C ASP H 110 32.01 30.74 -25.12
N ASP H 111 31.26 30.01 -25.95
CA ASP H 111 29.80 30.02 -25.81
C ASP H 111 29.36 29.37 -24.51
N MET H 112 29.98 28.26 -24.13
CA MET H 112 29.60 27.50 -22.94
C MET H 112 30.39 28.00 -21.73
N ARG H 113 30.10 29.25 -21.35
CA ARG H 113 30.90 29.92 -20.33
C ARG H 113 30.51 29.44 -18.93
N GLY H 114 29.27 29.67 -18.52
CA GLY H 114 28.83 29.37 -17.18
C GLY H 114 27.66 28.41 -17.13
N GLU H 115 27.69 27.39 -17.99
CA GLU H 115 26.57 26.46 -18.07
C GLU H 115 26.55 25.47 -16.92
N LEU H 116 27.68 25.25 -16.24
CA LEU H 116 27.73 24.31 -15.12
C LEU H 116 28.65 24.87 -14.04
N LYS H 117 28.46 24.37 -12.83
CA LYS H 117 29.11 24.89 -11.63
C LYS H 117 29.86 23.78 -10.90
N ASN H 118 30.93 24.18 -10.22
CA ASN H 118 31.62 23.30 -9.28
C ASN H 118 31.11 23.58 -7.87
N CYS H 119 30.33 22.64 -7.34
CA CYS H 119 29.61 22.85 -6.08
C CYS H 119 30.18 21.94 -5.00
N SER H 120 30.26 22.49 -3.79
CA SER H 120 30.72 21.75 -2.62
C SER H 120 29.69 21.93 -1.51
N PHE H 121 29.34 20.82 -0.85
CA PHE H 121 28.33 20.85 0.19
C PHE H 121 28.65 19.78 1.23
N ASN H 122 28.40 20.08 2.51
CA ASN H 122 28.68 19.15 3.63
C ASN H 122 27.50 18.21 3.76
N MET H 123 27.70 16.91 3.93
CA MET H 123 26.65 15.89 3.96
C MET H 123 26.96 15.07 5.18
N THR H 124 26.17 14.12 5.64
CA THR H 124 26.47 13.22 6.77
C THR H 124 26.67 11.80 6.25
N THR H 125 27.59 11.02 6.81
CA THR H 125 27.97 9.67 6.36
C THR H 125 26.97 8.65 6.90
N GLU H 126 27.23 7.36 6.77
CA GLU H 126 26.34 6.30 7.29
C GLU H 126 26.17 6.53 8.76
N LEU H 127 27.24 6.82 9.49
CA LEU H 127 27.08 7.20 10.89
C LEU H 127 26.52 8.62 10.94
N ARG H 128 25.40 8.81 11.64
CA ARG H 128 24.65 10.09 11.67
C ARG H 128 25.24 11.11 12.63
N ASP H 129 26.53 11.06 12.98
CA ASP H 129 27.16 12.09 13.77
C ASP H 129 28.56 12.38 13.23
N LYS H 130 28.73 12.43 11.90
CA LYS H 130 30.04 12.78 11.31
C LYS H 130 29.88 13.41 9.93
N LYS H 131 30.10 14.71 9.77
CA LYS H 131 29.97 15.43 8.48
C LYS H 131 31.11 15.06 7.54
N GLN H 132 30.83 14.92 6.24
CA GLN H 132 31.82 14.56 5.20
C GLN H 132 31.69 15.55 4.07
N LYS H 133 32.72 16.29 3.73
CA LYS H 133 32.67 17.33 2.70
C LYS H 133 32.81 16.67 1.34
N VAL H 134 31.82 16.91 0.47
CA VAL H 134 31.79 16.35 -0.87
C VAL H 134 31.52 17.47 -1.86
N TYR H 135 31.81 17.18 -3.14
CA TYR H 135 31.60 18.15 -4.20
C TYR H 135 31.00 17.45 -5.40
N SER H 136 30.35 18.24 -6.26
CA SER H 136 29.70 17.73 -7.45
C SER H 136 29.57 18.85 -8.47
N LEU H 137 29.37 18.47 -9.73
CA LEU H 137 29.17 19.42 -10.81
C LEU H 137 27.68 19.49 -11.13
N PHE H 138 27.13 20.71 -11.12
CA PHE H 138 25.72 20.94 -11.36
C PHE H 138 25.55 21.90 -12.53
N TYR H 139 24.56 21.64 -13.37
CA TYR H 139 24.27 22.53 -14.48
C TYR H 139 23.63 23.83 -13.97
N ARG H 140 23.74 24.88 -14.78
CA ARG H 140 23.21 26.18 -14.38
C ARG H 140 21.71 26.16 -14.19
N LEU H 141 21.01 25.20 -14.79
CA LEU H 141 19.55 25.14 -14.70
C LEU H 141 19.06 24.45 -13.43
N ASP H 142 19.96 23.92 -12.61
CA ASP H 142 19.58 23.16 -11.42
C ASP H 142 20.06 23.83 -10.13
N VAL H 143 20.40 25.12 -10.18
CA VAL H 143 20.85 25.84 -9.00
C VAL H 143 20.40 27.29 -9.14
N VAL H 144 20.05 27.89 -8.00
CA VAL H 144 19.66 29.29 -7.93
C VAL H 144 20.37 29.95 -6.76
N GLN H 145 20.49 31.27 -6.82
CA GLN H 145 21.15 32.01 -5.76
C GLN H 145 20.20 32.26 -4.59
N ILE H 146 20.79 32.59 -3.44
CA ILE H 146 20.02 32.95 -2.26
C ILE H 146 19.68 34.43 -2.23
N ASN H 147 20.67 35.29 -2.47
CA ASN H 147 20.44 36.73 -2.49
C ASN H 147 19.97 37.18 -3.86
N LYS H 159 27.03 33.92 -4.01
CA LYS H 159 28.17 33.06 -3.77
C LYS H 159 27.72 31.65 -3.42
N GLU H 160 26.63 31.55 -2.67
CA GLU H 160 26.06 30.28 -2.25
C GLU H 160 24.74 30.04 -2.97
N TYR H 161 24.58 28.84 -3.50
CA TYR H 161 23.41 28.45 -4.28
C TYR H 161 22.60 27.42 -3.52
N ARG H 162 21.52 26.95 -4.15
CA ARG H 162 20.71 25.86 -3.65
C ARG H 162 19.99 25.23 -4.83
N LEU H 163 19.63 23.96 -4.68
CA LEU H 163 18.91 23.27 -5.73
C LEU H 163 17.55 23.94 -5.95
N ILE H 164 17.13 24.00 -7.22
CA ILE H 164 15.92 24.73 -7.56
C ILE H 164 14.68 24.09 -6.93
N ASN H 165 14.71 22.77 -6.75
CA ASN H 165 13.54 22.03 -6.29
C ASN H 165 13.38 22.05 -4.77
N CYS H 166 14.29 22.67 -4.03
CA CYS H 166 14.23 22.61 -2.57
C CYS H 166 12.96 23.26 -2.05
N ASN H 167 12.54 24.36 -2.65
CA ASN H 167 11.35 25.08 -2.18
C ASN H 167 10.06 24.54 -2.76
N THR H 168 10.12 23.49 -3.58
CA THR H 168 8.93 22.84 -4.14
C THR H 168 8.69 21.47 -3.54
N SER H 169 9.68 20.58 -3.58
CA SER H 169 9.54 19.24 -3.03
C SER H 169 10.89 18.54 -3.13
N ALA H 170 11.04 17.46 -2.37
CA ALA H 170 12.20 16.60 -2.48
C ALA H 170 12.06 15.70 -3.70
N CYS H 171 13.21 15.29 -4.25
CA CYS H 171 13.26 14.50 -5.48
C CYS H 171 13.82 13.12 -5.18
N THR H 172 13.25 12.11 -5.84
CA THR H 172 13.72 10.73 -5.75
C THR H 172 14.53 10.42 -7.01
N GLN H 173 15.81 10.10 -6.83
CA GLN H 173 16.66 9.80 -7.97
C GLN H 173 16.25 8.46 -8.58
N ALA H 174 16.32 8.38 -9.91
CA ALA H 174 16.00 7.13 -10.59
C ALA H 174 17.10 6.11 -10.35
N CYS H 175 16.71 4.90 -9.97
CA CYS H 175 17.68 3.85 -9.74
C CYS H 175 18.39 3.49 -11.05
N PRO H 176 19.71 3.31 -11.03
CA PRO H 176 20.40 2.94 -12.28
C PRO H 176 19.91 1.62 -12.86
N LYS H 177 19.41 0.71 -12.03
CA LYS H 177 19.01 -0.60 -12.52
C LYS H 177 17.89 -0.50 -13.56
N VAL H 178 16.89 0.33 -13.31
CA VAL H 178 15.79 0.51 -14.25
C VAL H 178 16.25 1.41 -15.38
N SER H 179 15.65 1.20 -16.57
CA SER H 179 16.03 1.92 -17.77
C SER H 179 14.81 2.60 -18.37
N PHE H 180 15.05 3.74 -19.02
CA PHE H 180 14.01 4.52 -19.66
C PHE H 180 13.88 4.23 -21.15
N GLU H 181 14.48 3.14 -21.63
CA GLU H 181 14.39 2.80 -23.04
C GLU H 181 12.93 2.49 -23.38
N PRO H 182 12.33 3.20 -24.33
CA PRO H 182 10.96 2.84 -24.74
C PRO H 182 10.94 1.47 -25.40
N ILE H 183 9.85 0.73 -25.16
CA ILE H 183 9.63 -0.55 -25.82
C ILE H 183 8.17 -0.67 -26.21
N PRO H 184 7.89 -1.44 -27.26
CA PRO H 184 6.50 -1.54 -27.73
C PRO H 184 5.60 -2.19 -26.70
N ILE H 185 4.36 -1.71 -26.65
CA ILE H 185 3.32 -2.28 -25.79
C ILE H 185 2.02 -2.32 -26.57
N HIS H 186 1.30 -3.43 -26.47
CA HIS H 186 0.07 -3.65 -27.19
C HIS H 186 -1.11 -3.57 -26.23
N TYR H 187 -2.11 -2.76 -26.57
CA TYR H 187 -3.31 -2.60 -25.77
C TYR H 187 -4.40 -3.48 -26.35
N CYS H 188 -4.77 -4.54 -25.63
CA CYS H 188 -5.74 -5.52 -26.09
C CYS H 188 -6.97 -5.49 -25.20
N ALA H 189 -8.15 -5.46 -25.83
CA ALA H 189 -9.40 -5.32 -25.11
C ALA H 189 -9.84 -6.66 -24.51
N PRO H 190 -10.72 -6.63 -23.51
CA PRO H 190 -11.18 -7.88 -22.89
C PRO H 190 -12.04 -8.71 -23.83
N ALA H 191 -12.52 -9.86 -23.34
CA ALA H 191 -13.46 -10.66 -24.09
C ALA H 191 -14.82 -9.96 -24.14
N GLY H 192 -15.50 -10.12 -25.27
CA GLY H 192 -16.77 -9.46 -25.50
C GLY H 192 -16.66 -8.07 -26.11
N PHE H 193 -15.44 -7.56 -26.27
CA PHE H 193 -15.18 -6.29 -26.94
C PHE H 193 -14.40 -6.55 -28.22
N ALA H 194 -14.19 -5.49 -28.98
CA ALA H 194 -13.46 -5.59 -30.24
C ALA H 194 -12.76 -4.27 -30.53
N ILE H 195 -11.73 -4.34 -31.36
CA ILE H 195 -10.97 -3.18 -31.80
C ILE H 195 -11.05 -3.12 -33.33
N LEU H 196 -11.39 -1.95 -33.85
CA LEU H 196 -11.54 -1.74 -35.28
C LEU H 196 -10.41 -0.87 -35.80
N LYS H 197 -9.74 -1.33 -36.86
CA LYS H 197 -8.65 -0.60 -37.49
C LYS H 197 -9.13 -0.01 -38.80
N CYS H 198 -8.89 1.28 -39.00
CA CYS H 198 -9.27 1.97 -40.23
C CYS H 198 -8.13 1.85 -41.23
N LYS H 199 -8.30 1.00 -42.23
CA LYS H 199 -7.27 0.76 -43.23
C LYS H 199 -7.28 1.78 -44.36
N ASP H 200 -8.21 2.73 -44.33
CA ASP H 200 -8.27 3.75 -45.37
C ASP H 200 -6.98 4.57 -45.37
N LYS H 201 -6.42 4.79 -46.54
CA LYS H 201 -5.20 5.59 -46.66
C LYS H 201 -5.48 7.08 -46.53
N LYS H 202 -6.62 7.55 -47.02
CA LYS H 202 -6.96 8.97 -47.05
C LYS H 202 -7.75 9.43 -45.84
N PHE H 203 -8.04 8.54 -44.90
CA PHE H 203 -8.79 8.93 -43.70
C PHE H 203 -8.03 10.00 -42.94
N ASN H 204 -8.55 11.23 -42.93
CA ASN H 204 -7.76 12.36 -42.43
C ASN H 204 -7.81 12.46 -40.91
N GLY H 205 -8.97 12.86 -40.36
CA GLY H 205 -9.13 12.94 -38.93
C GLY H 205 -10.40 12.28 -38.41
N THR H 206 -11.42 12.21 -39.26
CA THR H 206 -12.76 11.87 -38.80
C THR H 206 -13.64 11.63 -40.03
N GLY H 207 -14.61 10.74 -39.87
CA GLY H 207 -15.56 10.44 -40.92
C GLY H 207 -15.62 8.96 -41.24
N PRO H 208 -16.45 8.59 -42.21
CA PRO H 208 -16.56 7.18 -42.58
C PRO H 208 -15.23 6.62 -43.07
N CYS H 209 -14.97 5.36 -42.72
CA CYS H 209 -13.78 4.65 -43.16
C CYS H 209 -14.21 3.49 -44.07
N PRO H 210 -14.11 3.62 -45.40
CA PRO H 210 -14.61 2.54 -46.26
C PRO H 210 -14.00 1.18 -45.98
N SER H 211 -12.71 1.13 -45.66
CA SER H 211 -12.00 -0.11 -45.40
C SER H 211 -11.77 -0.22 -43.89
N VAL H 212 -12.53 -1.09 -43.23
CA VAL H 212 -12.45 -1.29 -41.79
C VAL H 212 -12.13 -2.76 -41.54
N SER H 213 -11.19 -3.01 -40.62
CA SER H 213 -10.81 -4.36 -40.24
C SER H 213 -10.70 -4.43 -38.72
N THR H 214 -10.88 -5.63 -38.19
CA THR H 214 -10.74 -5.89 -36.76
C THR H 214 -9.53 -6.79 -36.52
N VAL H 215 -8.81 -6.51 -35.44
CA VAL H 215 -7.59 -7.21 -35.09
C VAL H 215 -7.68 -7.71 -33.66
N GLN H 216 -6.83 -8.68 -33.33
CA GLN H 216 -6.77 -9.17 -31.97
C GLN H 216 -6.49 -8.02 -31.00
N CYS H 217 -5.51 -7.19 -31.33
CA CYS H 217 -5.30 -5.91 -30.64
C CYS H 217 -4.21 -5.14 -31.37
N THR H 218 -3.95 -3.93 -30.88
CA THR H 218 -3.15 -2.96 -31.60
C THR H 218 -1.69 -3.42 -31.71
N HIS H 219 -0.98 -2.80 -32.65
CA HIS H 219 0.43 -3.04 -32.82
C HIS H 219 1.23 -2.31 -31.73
N GLY H 220 2.50 -2.69 -31.61
CA GLY H 220 3.36 -2.11 -30.60
C GLY H 220 3.49 -0.60 -30.73
N ILE H 221 3.28 0.11 -29.61
CA ILE H 221 3.38 1.57 -29.57
C ILE H 221 4.46 1.92 -28.56
N LYS H 222 5.46 2.67 -29.01
CA LYS H 222 6.54 3.07 -28.13
C LYS H 222 6.13 4.31 -27.35
N PRO H 223 6.16 4.28 -26.00
CA PRO H 223 5.80 5.51 -25.25
C PRO H 223 6.93 6.53 -25.25
N VAL H 224 7.12 7.17 -26.40
CA VAL H 224 8.15 8.19 -26.57
C VAL H 224 7.57 9.54 -26.20
N VAL H 225 8.25 10.26 -25.31
CA VAL H 225 7.84 11.59 -24.88
C VAL H 225 8.77 12.61 -25.54
N SER H 226 8.17 13.58 -26.22
CA SER H 226 8.94 14.58 -26.95
C SER H 226 8.16 15.89 -26.93
N THR H 227 8.65 16.87 -27.69
CA THR H 227 8.02 18.19 -27.74
C THR H 227 8.37 18.83 -29.08
N GLN H 228 7.35 19.18 -29.86
CA GLN H 228 7.50 19.83 -31.16
C GLN H 228 8.00 18.89 -32.25
N LEU H 229 8.34 17.66 -31.89
CA LEU H 229 8.88 16.72 -32.87
C LEU H 229 8.60 15.31 -32.37
N LEU H 230 7.92 14.51 -33.19
CA LEU H 230 7.59 13.13 -32.84
C LEU H 230 8.70 12.22 -33.34
N LEU H 231 9.40 11.56 -32.41
CA LEU H 231 10.49 10.67 -32.74
C LEU H 231 10.05 9.21 -32.60
N ASN H 232 10.61 8.36 -33.45
CA ASN H 232 10.35 6.92 -33.41
C ASN H 232 8.85 6.63 -33.53
N GLY H 233 8.15 7.42 -34.35
CA GLY H 233 6.74 7.26 -34.55
C GLY H 233 6.40 6.53 -35.84
N SER H 234 5.10 6.28 -36.02
CA SER H 234 4.62 5.65 -37.24
C SER H 234 4.65 6.62 -38.40
N LEU H 235 4.75 6.08 -39.61
CA LEU H 235 4.88 6.87 -40.84
C LEU H 235 3.67 6.64 -41.72
N ALA H 236 3.08 7.73 -42.22
CA ALA H 236 1.98 7.66 -43.17
C ALA H 236 2.56 7.53 -44.57
N GLU H 237 2.17 6.48 -45.27
CA GLU H 237 2.77 6.14 -46.56
C GLU H 237 2.00 6.76 -47.71
N GLU H 238 2.75 7.11 -48.76
CA GLU H 238 2.29 7.65 -50.03
C GLU H 238 1.87 9.12 -49.93
N GLU H 239 1.82 9.71 -48.75
CA GLU H 239 1.48 11.11 -48.59
C GLU H 239 1.93 11.58 -47.22
N VAL H 240 2.02 12.91 -47.07
CA VAL H 240 2.28 13.53 -45.78
C VAL H 240 0.95 14.07 -45.27
N MET H 241 0.50 13.54 -44.14
CA MET H 241 -0.84 13.79 -43.63
C MET H 241 -0.85 14.94 -42.62
N ILE H 242 -1.98 15.63 -42.55
CA ILE H 242 -2.20 16.72 -41.62
C ILE H 242 -3.50 16.46 -40.88
N ARG H 243 -3.46 16.49 -39.55
CA ARG H 243 -4.61 16.20 -38.70
C ARG H 243 -4.94 17.40 -37.85
N SER H 244 -6.22 17.73 -37.76
CA SER H 244 -6.68 18.82 -36.90
C SER H 244 -8.20 18.77 -36.78
N GLU H 245 -8.70 18.84 -35.54
CA GLU H 245 -10.14 18.73 -35.33
C GLU H 245 -10.88 19.90 -35.96
N ASN H 246 -10.32 21.11 -35.86
CA ASN H 246 -10.90 22.30 -36.47
C ASN H 246 -9.75 23.11 -37.07
N ILE H 247 -9.60 23.02 -38.38
CA ILE H 247 -8.51 23.73 -39.06
C ILE H 247 -8.69 25.24 -38.91
N THR H 248 -9.93 25.72 -39.04
CA THR H 248 -10.18 27.15 -38.98
C THR H 248 -9.80 27.72 -37.61
N ASN H 249 -10.07 26.98 -36.54
CA ASN H 249 -9.76 27.46 -35.20
C ASN H 249 -8.25 27.64 -35.04
N ASN H 250 -7.86 28.79 -34.48
CA ASN H 250 -6.43 29.08 -34.30
C ASN H 250 -5.83 28.28 -33.16
N ALA H 251 -6.55 28.14 -32.05
CA ALA H 251 -6.02 27.49 -30.85
C ALA H 251 -6.25 25.98 -30.88
N LYS H 252 -5.81 25.33 -31.95
CA LYS H 252 -5.89 23.88 -32.09
C LYS H 252 -4.60 23.39 -32.72
N ASN H 253 -3.87 22.57 -31.97
CA ASN H 253 -2.59 22.07 -32.46
C ASN H 253 -2.80 21.24 -33.74
N ILE H 254 -1.93 21.48 -34.72
CA ILE H 254 -1.99 20.78 -36.01
C ILE H 254 -0.91 19.70 -36.01
N LEU H 255 -1.30 18.47 -36.29
CA LEU H 255 -0.40 17.33 -36.27
C LEU H 255 -0.03 16.96 -37.71
N VAL H 256 1.28 16.88 -37.97
CA VAL H 256 1.81 16.54 -39.28
C VAL H 256 2.55 15.22 -39.16
N GLN H 257 2.27 14.30 -40.08
CA GLN H 257 2.88 12.98 -40.10
C GLN H 257 3.62 12.79 -41.40
N PHE H 258 4.95 12.66 -41.32
CA PHE H 258 5.77 12.53 -42.50
C PHE H 258 5.60 11.14 -43.13
N ASN H 259 6.09 11.01 -44.37
CA ASN H 259 6.09 9.72 -45.06
C ASN H 259 7.48 9.11 -45.20
N THR H 260 8.53 9.93 -45.12
CA THR H 260 9.90 9.45 -45.12
C THR H 260 10.61 10.04 -43.92
N PRO H 261 11.25 9.23 -43.07
CA PRO H 261 11.83 9.77 -41.83
C PRO H 261 12.99 10.70 -42.11
N VAL H 262 13.18 11.67 -41.22
CA VAL H 262 14.30 12.60 -41.26
C VAL H 262 15.23 12.23 -40.10
N GLN H 263 16.41 11.73 -40.43
CA GLN H 263 17.33 11.29 -39.40
C GLN H 263 17.88 12.49 -38.61
N ILE H 264 18.06 12.28 -37.32
CA ILE H 264 18.63 13.29 -36.43
C ILE H 264 19.65 12.61 -35.53
N ASN H 265 20.85 13.19 -35.42
CA ASN H 265 21.91 12.68 -34.56
C ASN H 265 22.13 13.66 -33.43
N CYS H 266 22.14 13.16 -32.20
CA CYS H 266 22.39 13.98 -31.01
C CYS H 266 23.50 13.34 -30.19
N THR H 267 24.39 14.17 -29.66
CA THR H 267 25.54 13.67 -28.92
C THR H 267 25.89 14.66 -27.80
N ARG H 268 26.52 14.13 -26.75
CA ARG H 268 27.06 14.92 -25.65
C ARG H 268 28.56 14.69 -25.60
N PRO H 269 29.37 15.61 -26.15
CA PRO H 269 30.82 15.33 -26.23
C PRO H 269 31.50 15.13 -24.89
N ASN H 270 30.90 15.60 -23.79
CA ASN H 270 31.53 15.47 -22.49
C ASN H 270 31.70 14.00 -22.12
N ASN H 271 32.72 13.73 -21.31
CA ASN H 271 33.08 12.38 -20.88
C ASN H 271 33.14 12.30 -19.36
N ASN H 272 32.09 12.81 -18.72
CA ASN H 272 32.06 12.85 -17.26
C ASN H 272 32.05 11.43 -16.68
N THR H 273 32.60 11.30 -15.48
CA THR H 273 32.70 10.02 -14.78
C THR H 273 31.82 10.08 -13.54
N ARG H 274 30.89 9.13 -13.43
CA ARG H 274 29.99 9.09 -12.30
C ARG H 274 30.76 8.81 -11.01
N LYS H 275 30.37 9.51 -9.94
CA LYS H 275 30.98 9.36 -8.63
C LYS H 275 29.90 9.07 -7.61
N SER H 276 30.10 8.04 -6.80
CA SER H 276 29.11 7.59 -5.83
C SER H 276 29.42 8.16 -4.46
N ILE H 277 28.40 8.70 -3.79
CA ILE H 277 28.51 9.25 -2.45
C ILE H 277 27.58 8.46 -1.54
N ARG H 278 28.10 7.98 -0.42
CA ARG H 278 27.33 7.15 0.51
C ARG H 278 26.67 8.05 1.55
N ILE H 279 25.34 8.02 1.58
CA ILE H 279 24.56 8.78 2.56
C ILE H 279 23.60 7.81 3.24
N GLY H 280 23.52 7.87 4.56
CA GLY H 280 22.66 7.00 5.31
C GLY H 280 22.99 5.53 5.09
N PRO H 281 22.18 4.63 5.64
CA PRO H 281 22.45 3.19 5.50
C PRO H 281 21.87 2.65 4.20
N GLY H 282 22.75 2.17 3.32
CA GLY H 282 22.34 1.50 2.10
C GLY H 282 21.93 2.41 0.96
N GLN H 283 22.04 3.72 1.12
CA GLN H 283 21.62 4.68 0.11
C GLN H 283 22.84 5.43 -0.42
N ALA H 284 22.94 5.53 -1.74
CA ALA H 284 24.07 6.17 -2.40
C ALA H 284 23.55 7.21 -3.39
N PHE H 285 24.21 8.36 -3.41
CA PHE H 285 23.88 9.45 -4.33
C PHE H 285 25.03 9.62 -5.32
N TYR H 286 24.71 9.55 -6.61
CA TYR H 286 25.72 9.58 -7.65
C TYR H 286 25.96 11.01 -8.10
N ALA H 287 27.16 11.52 -7.86
CA ALA H 287 27.52 12.87 -8.25
C ALA H 287 27.98 12.86 -9.70
N THR H 288 28.52 13.99 -10.17
CA THR H 288 28.94 14.12 -11.56
C THR H 288 30.41 13.79 -11.75
N GLY H 289 31.25 14.14 -10.79
CA GLY H 289 32.68 13.83 -10.88
C GLY H 289 33.41 14.75 -11.84
N ASP H 290 34.72 14.53 -11.92
CA ASP H 290 35.56 15.35 -12.78
C ASP H 290 35.28 15.04 -14.24
N ILE H 291 35.67 15.97 -15.11
CA ILE H 291 35.46 15.86 -16.55
C ILE H 291 36.77 15.43 -17.19
N ILE H 292 36.69 14.44 -18.08
CA ILE H 292 37.84 13.97 -18.83
C ILE H 292 37.85 14.66 -20.18
N GLY H 293 38.93 15.38 -20.47
CA GLY H 293 39.03 16.11 -21.71
C GLY H 293 38.32 17.44 -21.66
N ASP H 294 38.19 18.06 -22.83
CA ASP H 294 37.58 19.38 -22.94
C ASP H 294 36.06 19.28 -22.78
N ILE H 295 35.44 20.43 -22.55
CA ILE H 295 34.00 20.53 -22.36
C ILE H 295 33.41 21.24 -23.58
N ARG H 296 32.46 20.59 -24.24
CA ARG H 296 31.80 21.14 -25.42
C ARG H 296 30.30 21.03 -25.27
N GLN H 297 29.58 21.97 -25.86
CA GLN H 297 28.13 21.98 -25.77
C GLN H 297 27.53 20.86 -26.60
N ALA H 298 26.45 20.27 -26.10
CA ALA H 298 25.74 19.24 -26.83
C ALA H 298 24.97 19.87 -27.99
N HIS H 299 24.74 19.07 -29.03
CA HIS H 299 24.07 19.57 -30.22
C HIS H 299 23.42 18.40 -30.94
N CYS H 300 22.48 18.72 -31.84
CA CYS H 300 21.79 17.74 -32.65
C CYS H 300 21.92 18.14 -34.12
N ASN H 301 22.19 17.16 -34.97
CA ASN H 301 22.44 17.38 -36.39
C ASN H 301 21.27 16.83 -37.21
N VAL H 302 20.79 17.62 -38.16
CA VAL H 302 19.84 17.18 -39.16
C VAL H 302 20.27 17.75 -40.50
N SER H 303 20.36 16.88 -41.51
CA SER H 303 20.80 17.32 -42.83
C SER H 303 19.80 18.31 -43.42
N LYS H 304 20.31 19.42 -43.95
CA LYS H 304 19.43 20.42 -44.55
C LYS H 304 18.87 19.96 -45.89
N ALA H 305 19.61 19.11 -46.60
CA ALA H 305 19.14 18.63 -47.89
C ALA H 305 17.85 17.83 -47.73
N THR H 306 17.81 16.95 -46.74
CA THR H 306 16.64 16.11 -46.50
C THR H 306 15.58 16.78 -45.63
N TRP H 307 15.88 17.93 -45.03
CA TRP H 307 14.92 18.68 -44.25
C TRP H 307 14.24 19.79 -45.04
N ASN H 308 15.00 20.50 -45.89
CA ASN H 308 14.39 21.56 -46.68
C ASN H 308 13.33 21.00 -47.62
N GLU H 309 13.61 19.87 -48.27
CA GLU H 309 12.63 19.26 -49.15
C GLU H 309 11.43 18.73 -48.38
N THR H 310 11.64 18.29 -47.14
CA THR H 310 10.53 17.83 -46.32
C THR H 310 9.53 18.95 -46.06
N LEU H 311 10.03 20.16 -45.80
CA LEU H 311 9.13 21.30 -45.63
C LEU H 311 8.36 21.57 -46.91
N GLY H 312 9.02 21.44 -48.06
CA GLY H 312 8.33 21.64 -49.33
C GLY H 312 7.14 20.71 -49.48
N LYS H 313 7.30 19.45 -49.10
CA LYS H 313 6.17 18.52 -49.12
C LYS H 313 5.09 18.96 -48.15
N VAL H 314 5.48 19.41 -46.95
CA VAL H 314 4.50 19.84 -45.96
C VAL H 314 3.76 21.06 -46.44
N VAL H 315 4.48 22.02 -47.03
CA VAL H 315 3.84 23.25 -47.50
C VAL H 315 2.82 22.95 -48.59
N LYS H 316 3.13 21.98 -49.45
CA LYS H 316 2.21 21.64 -50.53
C LYS H 316 0.87 21.16 -49.99
N GLN H 317 0.90 20.31 -48.98
CA GLN H 317 -0.35 19.84 -48.38
C GLN H 317 -1.00 20.89 -47.49
N LEU H 318 -0.20 21.74 -46.83
CA LEU H 318 -0.77 22.80 -46.00
C LEU H 318 -1.59 23.77 -46.83
N ARG H 319 -1.29 23.91 -48.12
CA ARG H 319 -2.01 24.84 -48.97
C ARG H 319 -3.40 24.34 -49.35
N LYS H 320 -3.65 23.03 -49.28
CA LYS H 320 -4.97 22.51 -49.63
C LYS H 320 -6.04 23.06 -48.69
N HIS H 321 -5.75 23.10 -47.39
CA HIS H 321 -6.69 23.61 -46.40
C HIS H 321 -6.60 25.12 -46.22
N PHE H 322 -5.72 25.79 -46.98
CA PHE H 322 -5.51 27.23 -46.82
C PHE H 322 -5.44 27.99 -48.14
N GLY H 323 -5.68 27.34 -49.27
CA GLY H 323 -5.62 28.01 -50.55
C GLY H 323 -4.28 27.80 -51.23
N ASN H 324 -4.28 27.93 -52.55
CA ASN H 324 -3.10 27.68 -53.38
C ASN H 324 -2.30 28.94 -53.66
N ASN H 325 -2.69 30.09 -53.09
CA ASN H 325 -2.00 31.35 -53.32
C ASN H 325 -1.53 32.01 -52.03
N THR H 326 -1.74 31.38 -50.87
CA THR H 326 -1.32 31.96 -49.60
C THR H 326 0.19 31.83 -49.43
N ILE H 327 0.74 32.72 -48.61
CA ILE H 327 2.17 32.72 -48.29
C ILE H 327 2.35 31.98 -46.97
N ILE H 328 3.17 30.94 -46.98
CA ILE H 328 3.40 30.10 -45.81
C ILE H 328 4.70 30.54 -45.15
N ARG H 329 4.65 30.73 -43.84
CA ARG H 329 5.80 31.17 -43.06
C ARG H 329 5.97 30.28 -41.84
N PHE H 330 7.22 30.08 -41.43
CA PHE H 330 7.55 29.31 -40.25
C PHE H 330 8.42 30.15 -39.32
N ALA H 331 8.06 30.17 -38.04
CA ALA H 331 8.80 30.91 -37.03
C ALA H 331 9.00 30.03 -35.81
N ASN H 332 10.02 30.37 -35.02
CA ASN H 332 10.34 29.59 -33.83
C ASN H 332 9.24 29.74 -32.79
N SER H 333 9.40 29.04 -31.68
CA SER H 333 8.37 29.00 -30.65
C SER H 333 8.14 30.39 -30.05
N SER H 334 6.94 30.59 -29.54
CA SER H 334 6.58 31.89 -28.99
C SER H 334 7.47 32.27 -27.81
N GLY H 335 7.74 31.31 -26.92
CA GLY H 335 8.57 31.57 -25.76
C GLY H 335 7.86 31.29 -24.46
N GLY H 336 8.62 31.20 -23.37
CA GLY H 336 8.05 30.93 -22.06
C GLY H 336 8.88 29.93 -21.27
N ASP H 337 8.21 28.91 -20.73
CA ASP H 337 8.91 27.88 -19.97
C ASP H 337 9.79 27.05 -20.90
N LEU H 338 10.94 26.62 -20.38
CA LEU H 338 11.91 25.92 -21.20
C LEU H 338 11.35 24.60 -21.72
N GLU H 339 10.62 23.86 -20.87
CA GLU H 339 10.18 22.52 -21.24
C GLU H 339 9.18 22.54 -22.39
N VAL H 340 8.50 23.66 -22.63
CA VAL H 340 7.44 23.72 -23.64
C VAL H 340 7.95 24.45 -24.88
N THR H 341 8.88 25.37 -24.70
CA THR H 341 9.38 26.20 -25.80
C THR H 341 10.60 25.62 -26.50
N THR H 342 11.08 24.45 -26.07
CA THR H 342 12.26 23.83 -26.67
C THR H 342 12.01 22.34 -26.85
N HIS H 343 12.48 21.80 -27.97
CA HIS H 343 12.38 20.37 -28.20
C HIS H 343 13.11 19.62 -27.10
N SER H 344 12.43 18.66 -26.48
CA SER H 344 12.96 17.92 -25.35
C SER H 344 12.77 16.43 -25.57
N PHE H 345 13.69 15.64 -25.04
CA PHE H 345 13.67 14.20 -25.17
C PHE H 345 14.79 13.65 -24.30
N ASN H 346 14.92 12.32 -24.29
CA ASN H 346 16.00 11.65 -23.61
C ASN H 346 16.51 10.50 -24.45
N CYS H 347 17.84 10.39 -24.54
CA CYS H 347 18.47 9.25 -25.20
C CYS H 347 19.71 8.89 -24.40
N GLY H 348 19.85 7.60 -24.07
CA GLY H 348 20.89 7.18 -23.17
C GLY H 348 20.65 7.49 -21.72
N GLY H 349 19.44 7.90 -21.36
CA GLY H 349 19.11 8.25 -20.00
C GLY H 349 19.40 9.68 -19.60
N GLU H 350 19.80 10.52 -20.53
CA GLU H 350 20.10 11.93 -20.27
C GLU H 350 19.10 12.80 -21.02
N PHE H 351 18.47 13.74 -20.30
CA PHE H 351 17.41 14.55 -20.85
C PHE H 351 17.98 15.78 -21.55
N PHE H 352 17.58 15.98 -22.80
CA PHE H 352 18.04 17.09 -23.62
C PHE H 352 16.93 18.12 -23.79
N TYR H 353 17.33 19.36 -24.04
CA TYR H 353 16.39 20.45 -24.34
C TYR H 353 17.01 21.28 -25.46
N CYS H 354 16.58 21.03 -26.69
CA CYS H 354 17.23 21.56 -27.88
C CYS H 354 16.50 22.79 -28.39
N ASN H 355 17.28 23.74 -28.91
CA ASN H 355 16.75 24.99 -29.44
C ASN H 355 16.52 24.82 -30.95
N THR H 356 15.26 24.72 -31.35
CA THR H 356 14.90 24.42 -32.73
C THR H 356 14.63 25.68 -33.55
N SER H 357 15.30 26.79 -33.24
CA SER H 357 15.09 28.01 -34.01
C SER H 357 15.68 27.92 -35.41
N GLY H 358 16.66 27.03 -35.62
CA GLY H 358 17.28 26.91 -36.93
C GLY H 358 16.48 26.17 -37.97
N LEU H 359 15.43 25.46 -37.56
CA LEU H 359 14.61 24.71 -38.50
C LEU H 359 13.42 25.53 -38.99
N PHE H 360 12.64 26.08 -38.07
CA PHE H 360 11.42 26.81 -38.41
C PHE H 360 11.74 28.29 -38.60
N ASN H 361 12.46 28.55 -39.69
CA ASN H 361 12.81 29.93 -40.06
C ASN H 361 12.95 29.97 -41.58
N SER H 362 11.87 30.34 -42.25
CA SER H 362 11.84 30.39 -43.71
C SER H 362 10.53 31.02 -44.15
N THR H 363 10.45 31.33 -45.44
CA THR H 363 9.24 31.87 -46.04
C THR H 363 9.16 31.38 -47.47
N TRP H 364 7.94 31.15 -47.94
CA TRP H 364 7.67 30.62 -49.28
C TRP H 364 6.83 31.63 -50.06
N ILE H 365 7.18 31.81 -51.33
CA ILE H 365 6.60 32.87 -52.15
C ILE H 365 5.47 32.34 -53.03
N SER H 366 4.88 31.20 -52.69
CA SER H 366 3.77 30.63 -53.44
C SER H 366 4.18 30.33 -54.88
N ASN H 367 5.15 29.43 -55.01
CA ASN H 367 5.64 29.01 -56.32
C ASN H 367 6.30 27.64 -56.24
N SER H 378 26.20 19.99 -50.43
CA SER H 378 26.26 20.96 -49.35
C SER H 378 25.52 20.47 -48.12
N ASN H 379 26.00 19.37 -47.54
CA ASN H 379 25.38 18.77 -46.36
C ASN H 379 25.82 19.55 -45.12
N ASP H 380 25.28 20.76 -44.99
CA ASP H 380 25.68 21.63 -43.89
C ASP H 380 25.33 21.02 -42.53
N SER H 381 24.30 20.17 -42.48
CA SER H 381 23.96 19.45 -41.26
C SER H 381 23.66 20.41 -40.11
N ILE H 382 22.54 21.13 -40.27
CA ILE H 382 22.09 22.14 -39.31
C ILE H 382 22.27 21.63 -37.88
N THR H 383 22.94 22.42 -37.04
CA THR H 383 23.23 22.05 -35.66
C THR H 383 22.32 22.84 -34.73
N LEU H 384 21.63 22.13 -33.84
CA LEU H 384 20.71 22.74 -32.89
C LEU H 384 21.32 22.67 -31.50
N PRO H 385 21.75 23.78 -30.89
CA PRO H 385 22.32 23.70 -29.55
C PRO H 385 21.29 23.19 -28.55
N CYS H 386 21.76 22.40 -27.59
CA CYS H 386 20.89 21.80 -26.58
C CYS H 386 21.53 21.93 -25.21
N ARG H 387 20.68 21.88 -24.19
CA ARG H 387 21.09 21.97 -22.80
C ARG H 387 20.53 20.78 -22.03
N ILE H 388 21.20 20.41 -20.95
CA ILE H 388 20.85 19.23 -20.17
C ILE H 388 20.40 19.68 -18.79
N LYS H 389 19.32 19.05 -18.30
CA LYS H 389 18.76 19.32 -16.99
C LYS H 389 18.67 18.02 -16.20
N GLN H 390 19.05 18.08 -14.93
CA GLN H 390 19.02 16.90 -14.07
C GLN H 390 17.78 16.82 -13.19
N ILE H 391 17.14 17.96 -12.89
CA ILE H 391 15.90 17.99 -12.11
C ILE H 391 14.76 18.21 -13.10
N ILE H 392 13.83 17.26 -13.16
CA ILE H 392 12.75 17.28 -14.14
C ILE H 392 11.42 16.92 -13.48
N ASN H 393 10.34 17.30 -14.16
CA ASN H 393 8.99 16.91 -13.79
C ASN H 393 8.32 16.09 -14.87
N MET H 394 8.37 16.55 -16.13
CA MET H 394 8.05 15.75 -17.31
C MET H 394 6.56 15.49 -17.46
N TRP H 395 5.75 15.88 -16.47
CA TRP H 395 4.31 15.73 -16.55
C TRP H 395 3.56 17.01 -16.21
N GLN H 396 4.25 18.15 -16.17
CA GLN H 396 3.63 19.42 -15.79
C GLN H 396 2.97 19.30 -14.43
N ARG H 397 3.64 18.63 -13.50
CA ARG H 397 3.14 18.38 -12.16
C ARG H 397 4.00 19.11 -11.14
N ILE H 398 3.33 19.68 -10.13
CA ILE H 398 4.00 20.39 -9.05
C ILE H 398 4.00 19.50 -7.81
N GLY H 399 5.15 19.38 -7.17
CA GLY H 399 5.29 18.56 -5.98
C GLY H 399 5.99 17.23 -6.20
N GLN H 400 6.16 16.81 -7.45
CA GLN H 400 6.85 15.57 -7.78
C GLN H 400 8.00 15.88 -8.74
N CYS H 401 9.18 15.36 -8.44
CA CYS H 401 10.35 15.59 -9.26
C CYS H 401 11.23 14.35 -9.25
N MET H 402 12.09 14.25 -10.26
CA MET H 402 13.02 13.14 -10.39
C MET H 402 14.41 13.69 -10.70
N TYR H 403 15.44 12.95 -10.27
CA TYR H 403 16.83 13.33 -10.47
C TYR H 403 17.51 12.23 -11.27
N ALA H 404 17.76 12.48 -12.54
CA ALA H 404 18.40 11.48 -13.40
C ALA H 404 19.90 11.48 -13.13
N PRO H 405 20.49 10.36 -12.68
CA PRO H 405 21.91 10.37 -12.38
C PRO H 405 22.73 10.50 -13.65
N PRO H 406 23.94 11.06 -13.56
CA PRO H 406 24.77 11.20 -14.77
C PRO H 406 25.21 9.86 -15.30
N ILE H 407 25.42 9.80 -16.62
CA ILE H 407 25.83 8.59 -17.31
C ILE H 407 27.33 8.64 -17.56
N GLN H 408 27.95 7.47 -17.61
CA GLN H 408 29.38 7.36 -17.82
C GLN H 408 29.68 7.28 -19.31
N GLY H 409 30.69 8.05 -19.74
CA GLY H 409 31.11 8.02 -21.13
C GLY H 409 30.25 8.89 -22.02
N VAL H 410 30.67 8.98 -23.28
CA VAL H 410 29.95 9.76 -24.28
C VAL H 410 28.73 8.98 -24.73
N ILE H 411 27.64 9.71 -25.01
CA ILE H 411 26.38 9.12 -25.45
C ILE H 411 26.01 9.75 -26.79
N ARG H 412 25.67 8.90 -27.75
CA ARG H 412 25.24 9.35 -29.07
C ARG H 412 24.03 8.52 -29.49
N CYS H 413 23.03 9.20 -30.05
CA CYS H 413 21.77 8.55 -30.43
C CYS H 413 21.35 9.04 -31.81
N VAL H 414 20.71 8.15 -32.55
CA VAL H 414 20.19 8.44 -33.89
C VAL H 414 18.71 8.09 -33.90
N SER H 415 17.89 8.98 -34.44
CA SER H 415 16.44 8.83 -34.39
C SER H 415 15.81 9.37 -35.67
N ASN H 416 14.59 8.93 -35.92
CA ASN H 416 13.78 9.42 -37.03
C ASN H 416 12.82 10.48 -36.54
N ILE H 417 12.65 11.54 -37.34
CA ILE H 417 11.59 12.51 -37.09
C ILE H 417 10.40 12.14 -37.95
N THR H 418 9.55 11.26 -37.44
CA THR H 418 8.36 10.80 -38.16
C THR H 418 7.12 11.52 -37.65
N GLY H 419 7.15 12.84 -37.72
CA GLY H 419 6.03 13.64 -37.26
C GLY H 419 6.47 15.04 -36.91
N LEU H 420 5.48 15.88 -36.65
CA LEU H 420 5.72 17.29 -36.37
C LEU H 420 4.41 17.92 -35.94
N ILE H 421 4.50 18.90 -35.03
CA ILE H 421 3.35 19.61 -34.51
C ILE H 421 3.51 21.09 -34.86
N LEU H 422 2.38 21.75 -35.10
CA LEU H 422 2.36 23.16 -35.45
C LEU H 422 1.23 23.85 -34.72
N THR H 423 1.39 25.17 -34.54
CA THR H 423 0.34 26.01 -33.96
C THR H 423 0.31 27.30 -34.75
N ARG H 424 -0.79 27.55 -35.46
CA ARG H 424 -0.92 28.74 -36.27
C ARG H 424 -0.94 29.98 -35.37
N ASP H 425 -0.60 31.12 -35.96
CA ASP H 425 -0.67 32.40 -35.26
C ASP H 425 -1.13 33.48 -36.22
N GLY H 426 -1.69 34.55 -35.65
CA GLY H 426 -2.11 35.70 -36.43
C GLY H 426 -3.57 35.65 -36.82
N GLY H 427 -3.85 35.97 -38.08
CA GLY H 427 -5.20 36.01 -38.59
C GLY H 427 -5.85 37.37 -38.65
N SER H 428 -5.10 38.44 -38.38
CA SER H 428 -5.68 39.79 -38.44
C SER H 428 -6.19 40.10 -39.84
N THR H 429 -5.40 39.80 -40.86
CA THR H 429 -5.81 39.99 -42.24
C THR H 429 -6.78 38.89 -42.66
N ASN H 430 -7.62 39.20 -43.64
CA ASN H 430 -8.59 38.24 -44.14
C ASN H 430 -7.88 37.02 -44.71
N SER H 431 -7.14 37.20 -45.81
CA SER H 431 -6.30 36.15 -46.36
C SER H 431 -5.12 36.81 -47.07
N THR H 432 -4.03 36.98 -46.34
CA THR H 432 -2.79 37.52 -46.89
C THR H 432 -1.63 36.55 -46.77
N THR H 433 -1.36 36.05 -45.56
CA THR H 433 -0.28 35.11 -45.34
C THR H 433 -0.55 34.35 -44.06
N GLU H 434 0.16 33.22 -43.90
CA GLU H 434 0.01 32.36 -42.74
C GLU H 434 1.38 32.13 -42.10
N THR H 435 1.40 32.09 -40.77
CA THR H 435 2.62 31.83 -40.02
C THR H 435 2.36 30.66 -39.08
N PHE H 436 3.30 29.71 -39.06
CA PHE H 436 3.18 28.49 -38.26
C PHE H 436 4.35 28.41 -37.29
N ARG H 437 4.04 27.99 -36.06
CA ARG H 437 5.04 27.81 -35.03
C ARG H 437 4.87 26.45 -34.36
N PRO H 438 5.95 25.87 -33.84
CA PRO H 438 5.82 24.59 -33.13
C PRO H 438 5.16 24.77 -31.77
N GLY H 439 4.70 23.65 -31.21
CA GLY H 439 4.06 23.67 -29.92
C GLY H 439 3.85 22.29 -29.32
N GLY H 440 4.23 22.12 -28.06
CA GLY H 440 4.02 20.87 -27.35
C GLY H 440 3.15 21.04 -26.12
N GLY H 441 2.07 21.82 -26.26
CA GLY H 441 1.26 22.15 -25.10
C GLY H 441 0.68 20.93 -24.40
N ASP H 442 0.12 20.01 -25.18
CA ASP H 442 -0.52 18.81 -24.64
C ASP H 442 0.40 17.61 -24.82
N MET H 443 0.44 16.75 -23.82
CA MET H 443 1.29 15.57 -23.83
C MET H 443 0.65 14.37 -24.51
N ARG H 444 -0.63 14.44 -24.85
CA ARG H 444 -1.30 13.32 -25.50
C ARG H 444 -1.06 13.26 -27.00
N ASP H 445 -0.51 14.31 -27.61
CA ASP H 445 -0.32 14.32 -29.06
C ASP H 445 0.66 13.25 -29.49
N ASN H 446 1.63 12.91 -28.64
CA ASN H 446 2.61 11.90 -29.02
C ASN H 446 1.96 10.55 -29.26
N TRP H 447 1.02 10.15 -28.40
CA TRP H 447 0.33 8.88 -28.54
C TRP H 447 -0.93 8.97 -29.36
N ARG H 448 -1.50 10.17 -29.53
CA ARG H 448 -2.67 10.31 -30.39
C ARG H 448 -2.33 9.96 -31.83
N SER H 449 -1.15 10.35 -32.30
CA SER H 449 -0.76 10.07 -33.67
C SER H 449 -0.60 8.57 -33.92
N GLU H 450 -0.47 7.76 -32.86
CA GLU H 450 -0.33 6.32 -33.01
C GLU H 450 -1.65 5.57 -32.84
N LEU H 451 -2.60 6.14 -32.09
CA LEU H 451 -3.86 5.48 -31.80
C LEU H 451 -5.01 6.02 -32.65
N TYR H 452 -4.72 6.83 -33.67
CA TYR H 452 -5.79 7.42 -34.47
C TYR H 452 -6.50 6.38 -35.33
N LYS H 453 -5.90 5.21 -35.55
CA LYS H 453 -6.48 4.18 -36.40
C LYS H 453 -7.41 3.23 -35.66
N TYR H 454 -7.48 3.30 -34.35
CA TYR H 454 -8.15 2.29 -33.54
C TYR H 454 -9.37 2.84 -32.85
N LYS H 455 -10.38 1.99 -32.68
CA LYS H 455 -11.58 2.30 -31.94
C LYS H 455 -12.05 1.03 -31.23
N VAL H 456 -12.56 1.19 -30.01
CA VAL H 456 -12.99 0.07 -29.18
C VAL H 456 -14.52 0.05 -29.15
N VAL H 457 -15.10 -1.12 -29.42
CA VAL H 457 -16.54 -1.30 -29.44
C VAL H 457 -16.88 -2.59 -28.71
N LYS H 458 -18.12 -2.67 -28.24
CA LYS H 458 -18.63 -3.83 -27.52
C LYS H 458 -19.67 -4.56 -28.36
N ILE H 459 -19.68 -5.88 -28.25
CA ILE H 459 -20.56 -6.73 -29.03
C ILE H 459 -21.91 -6.83 -28.36
N GLU H 460 -22.96 -7.00 -29.17
CA GLU H 460 -24.34 -7.13 -28.70
C GLU H 460 -24.94 -8.38 -29.34
N PRO H 461 -24.63 -9.56 -28.81
CA PRO H 461 -25.04 -10.80 -29.49
C PRO H 461 -26.55 -10.94 -29.66
N LEU H 462 -27.35 -10.49 -28.70
CA LEU H 462 -28.79 -10.69 -28.78
C LEU H 462 -29.38 -9.90 -29.94
N GLY H 463 -30.40 -10.47 -30.57
CA GLY H 463 -31.09 -9.80 -31.66
C GLY H 463 -32.41 -10.47 -31.94
N VAL H 464 -33.36 -9.69 -32.45
CA VAL H 464 -34.71 -10.15 -32.74
C VAL H 464 -35.04 -9.80 -34.19
N ALA H 465 -35.61 -10.77 -34.91
CA ALA H 465 -36.01 -10.55 -36.29
C ALA H 465 -37.20 -11.44 -36.58
N PRO H 466 -38.27 -10.91 -37.19
CA PRO H 466 -39.43 -11.75 -37.47
C PRO H 466 -39.13 -12.80 -38.54
N THR H 467 -39.83 -13.92 -38.46
CA THR H 467 -39.72 -14.98 -39.45
C THR H 467 -40.93 -15.89 -39.34
N ARG H 468 -41.16 -16.68 -40.38
CA ARG H 468 -42.30 -17.59 -40.45
C ARG H 468 -41.96 -18.86 -39.69
N CYS H 469 -42.06 -18.78 -38.37
CA CYS H 469 -41.77 -19.92 -37.50
C CYS H 469 -42.70 -19.88 -36.30
N LYS H 470 -42.92 -21.05 -35.71
CA LYS H 470 -43.78 -21.20 -34.55
C LYS H 470 -43.16 -22.18 -33.57
N ARG H 471 -43.47 -22.00 -32.29
CA ARG H 471 -43.09 -23.00 -31.30
C ARG H 471 -43.96 -24.24 -31.45
N ARG H 472 -43.38 -25.41 -31.18
CA ARG H 472 -44.09 -26.66 -31.41
C ARG H 472 -45.33 -26.75 -30.53
N VAL H 473 -45.23 -26.32 -29.28
CA VAL H 473 -46.35 -26.37 -28.36
C VAL H 473 -46.34 -25.14 -27.46
C1 NAG I . 2.09 11.71 28.61
C2 NAG I . 1.80 10.40 29.35
C3 NAG I . 0.41 10.44 29.98
C4 NAG I . 0.26 11.69 30.84
C5 NAG I . 0.61 12.93 30.04
C6 NAG I . 0.59 14.19 30.88
C7 NAG I . 2.89 8.33 28.58
C8 NAG I . 2.87 7.23 27.58
N2 NAG I . 1.93 9.25 28.46
O3 NAG I . 0.22 9.28 30.76
O4 NAG I . -1.10 11.78 31.30
O5 NAG I . 1.94 12.81 29.50
O6 NAG I . -0.74 14.62 31.14
O7 NAG I . 3.75 8.40 29.46
C1 NAG I . -1.12 12.11 32.70
C2 NAG I . -2.57 12.29 33.11
C3 NAG I . -2.67 12.59 34.61
C4 NAG I . -1.94 11.52 35.41
C5 NAG I . -0.51 11.36 34.91
C6 NAG I . 0.23 10.24 35.58
C7 NAG I . -4.50 13.37 32.04
C8 NAG I . -4.98 14.54 31.24
N2 NAG I . -3.20 13.35 32.34
O3 NAG I . -4.03 12.66 35.00
O4 NAG I . -1.91 11.89 36.78
O5 NAG I . -0.52 11.07 33.50
O6 NAG I . 1.36 9.82 34.81
O7 NAG I . -5.27 12.48 32.40
C1 NAG J . -25.53 20.87 12.13
C2 NAG J . -24.07 20.64 11.69
C3 NAG J . -23.49 21.82 10.92
C4 NAG J . -24.31 22.16 9.68
C5 NAG J . -25.75 22.33 10.14
C6 NAG J . -26.65 22.40 8.95
C7 NAG J . -22.46 19.26 12.85
C8 NAG J . -21.76 18.85 11.60
N2 NAG J . -23.15 20.39 12.78
O3 NAG J . -22.16 21.50 10.55
O4 NAG J . -23.95 23.48 9.33
O5 NAG J . -26.20 21.21 10.92
O6 NAG J . -25.99 23.07 7.90
O7 NAG J . -22.37 18.61 13.88
C1 NAG J . -23.24 23.83 8.14
C2 NAG J . -23.67 25.22 7.67
C3 NAG J . -23.03 25.55 6.33
C4 NAG J . -21.52 25.52 6.49
C5 NAG J . -21.15 24.14 7.00
C6 NAG J . -19.68 24.02 7.29
C7 NAG J . -25.52 26.75 7.67
C8 NAG J . -26.98 26.97 7.48
N2 NAG J . -25.09 25.48 7.65
O3 NAG J . -23.47 26.82 5.88
O4 NAG J . -20.96 25.70 5.20
O5 NAG J . -21.82 23.87 8.24
O6 NAG J . -18.93 23.99 6.07
O7 NAG J . -24.74 27.69 7.85
C1 BMA J . -19.90 26.66 5.25
C2 BMA J . -18.95 26.55 4.08
C3 BMA J . -17.85 27.58 4.21
C4 BMA J . -18.46 28.95 4.31
C5 BMA J . -19.41 29.00 5.47
C6 BMA J . -20.15 30.30 5.51
O2 BMA J . -19.67 26.72 2.86
O3 BMA J . -16.96 27.55 3.09
O4 BMA J . -17.43 29.91 4.54
O5 BMA J . -20.42 27.99 5.31
O6 BMA J . -21.07 30.29 4.43
C1 MAN J . -15.65 27.70 3.65
C2 MAN J . -14.67 28.15 2.62
C3 MAN J . -14.55 27.13 1.53
C4 MAN J . -14.14 25.80 2.14
C5 MAN J . -15.14 25.40 3.20
C6 MAN J . -14.77 24.14 3.93
O2 MAN J . -13.39 28.28 3.20
O3 MAN J . -13.58 27.55 0.57
O4 MAN J . -14.10 24.78 1.16
O5 MAN J . -15.23 26.44 4.19
O6 MAN J . -15.75 23.80 4.91
C1 MAN J . -13.07 29.59 3.71
C2 MAN J . -12.64 30.44 2.54
C3 MAN J . -11.52 29.76 1.79
C4 MAN J . -10.37 29.48 2.75
C5 MAN J . -10.88 28.65 3.92
C6 MAN J . -9.83 28.39 4.96
O2 MAN J . -12.21 31.72 2.99
O3 MAN J . -11.07 30.61 0.73
O4 MAN J . -9.36 28.72 2.08
O5 MAN J . -11.97 29.34 4.57
O6 MAN J . -10.34 27.53 5.96
C1 MAN J . -21.97 31.39 4.61
C2 MAN J . -23.28 30.88 4.07
C3 MAN J . -23.06 30.35 2.67
C4 MAN J . -22.48 31.45 1.80
C5 MAN J . -21.18 31.95 2.43
C6 MAN J . -20.56 33.12 1.70
O2 MAN J . -24.25 31.93 4.10
O3 MAN J . -24.31 29.88 2.15
O4 MAN J . -22.22 30.97 0.49
O5 MAN J . -21.45 32.41 3.76
O6 MAN J . -19.45 33.63 2.44
C1 NAG K . -30.33 31.07 16.15
C2 NAG K . -31.10 32.16 16.92
C3 NAG K . -32.47 32.41 16.29
C4 NAG K . -32.31 32.70 14.80
C5 NAG K . -31.51 31.60 14.13
C6 NAG K . -31.23 31.87 12.67
C7 NAG K . -31.63 30.73 18.93
C8 NAG K . -32.00 29.59 18.03
N2 NAG K . -31.22 31.88 18.35
O3 NAG K . -33.08 33.52 16.94
O4 NAG K . -33.59 32.81 14.19
O5 NAG K . -30.24 31.45 14.78
O6 NAG K . -30.28 32.92 12.53
O7 NAG K . -31.69 30.62 20.15
C1 NAG K . -33.96 34.21 14.15
C2 NAG K . -34.79 34.46 12.89
C3 NAG K . -35.25 35.91 12.84
C4 NAG K . -35.99 36.27 14.12
C5 NAG K . -35.11 35.95 15.33
C6 NAG K . -35.81 36.18 16.65
C7 NAG K . -32.85 34.68 11.39
C8 NAG K . -32.21 34.22 10.12
N2 NAG K . -34.04 34.13 11.69
O3 NAG K . -36.12 36.09 11.73
O4 NAG K . -36.30 37.67 14.13
O5 NAG K . -34.73 34.57 15.30
O6 NAG K . -35.59 37.50 17.14
O7 NAG K . -32.32 35.51 12.13
C1 NAG L . -21.63 18.99 37.22
C2 NAG L . -20.16 19.18 36.87
C3 NAG L . -19.33 19.20 38.14
C4 NAG L . -19.86 20.24 39.11
C5 NAG L . -21.35 20.03 39.36
C6 NAG L . -21.97 21.12 40.21
C7 NAG L . -18.81 18.36 34.99
C8 NAG L . -18.45 17.18 34.15
N2 NAG L . -19.70 18.14 35.96
O3 NAG L . -17.97 19.49 37.81
O4 NAG L . -19.16 20.15 40.35
O5 NAG L . -22.06 20.02 38.11
O6 NAG L . -22.08 22.33 39.48
O7 NAG L . -18.32 19.47 34.80
C1 NAG L . -18.55 21.42 40.64
C2 NAG L . -18.03 21.41 42.08
C3 NAG L . -17.33 22.72 42.40
C4 NAG L . -16.25 23.01 41.37
C5 NAG L . -16.84 22.97 39.96
C6 NAG L . -15.80 23.13 38.88
C7 NAG L . -19.40 19.95 43.51
C8 NAG L . -20.56 19.89 44.47
N2 NAG L . -19.12 21.16 43.01
O3 NAG L . -16.76 22.64 43.70
O4 NAG L . -15.69 24.30 41.60
O5 NAG L . -17.46 21.69 39.74
O6 NAG L . -15.41 24.49 38.73
O7 NAG L . -18.76 18.96 43.20
C1 NAG M . -19.97 23.48 33.54
C2 NAG M . -18.70 23.66 34.40
C3 NAG M . -19.07 23.71 35.88
C4 NAG M . -20.12 24.78 36.13
C5 NAG M . -21.33 24.52 35.25
C6 NAG M . -22.40 25.57 35.37
C7 NAG M . -16.43 22.78 34.14
C8 NAG M . -15.60 21.56 33.86
N2 NAG M . -17.76 22.59 34.15
O3 NAG M . -17.90 24.00 36.65
O4 NAG M . -20.51 24.76 37.50
O5 NAG M . -20.93 24.51 33.88
O6 NAG M . -21.86 26.84 35.71
O7 NAG M . -15.93 23.88 34.35
C1 NAG M . -20.34 26.08 38.10
C2 NAG M . -20.69 25.97 39.58
C3 NAG M . -20.47 27.31 40.28
C4 NAG M . -19.06 27.82 40.01
C5 NAG M . -18.78 27.85 38.52
C6 NAG M . -17.36 28.24 38.19
C7 NAG M . -23.12 26.17 39.27
C8 NAG M . -24.46 25.56 39.54
N2 NAG M . -22.06 25.51 39.76
O3 NAG M . -20.68 27.16 41.67
O4 NAG M . -18.91 29.13 40.55
O5 NAG M . -18.99 26.54 37.95
O6 NAG M . -16.85 29.18 39.13
O7 NAG M . -23.00 27.20 38.62
C1 NAG N . 16.89 28.37 19.62
C2 NAG N . 16.88 28.22 21.15
C3 NAG N . 17.69 29.33 21.81
C4 NAG N . 19.08 29.42 21.19
C5 NAG N . 19.00 29.50 19.67
C6 NAG N . 20.34 29.44 19.00
C7 NAG N . 14.61 29.14 21.56
C8 NAG N . 15.02 30.38 20.82
N2 NAG N . 15.52 28.17 21.68
O3 NAG N . 17.79 29.09 23.20
O4 NAG N . 19.75 30.57 21.67
O5 NAG N . 18.24 28.39 19.16
O6 NAG N . 20.23 29.64 17.59
O7 NAG N . 13.48 29.02 22.03
C1 NAG N . 20.93 30.18 22.40
C2 NAG N . 21.75 31.44 22.69
C3 NAG N . 22.98 31.08 23.51
C4 NAG N . 22.59 30.29 24.75
C5 NAG N . 21.74 29.09 24.37
C6 NAG N . 21.22 28.33 25.58
C7 NAG N . 21.33 32.98 20.83
C8 NAG N . 21.88 33.59 19.58
N2 NAG N . 22.12 32.12 21.47
O3 NAG N . 23.67 32.27 23.89
O4 NAG N . 23.77 29.83 25.42
O5 NAG N . 20.60 29.53 23.62
O6 NAG N . 22.25 28.07 26.50
O7 NAG N . 20.21 33.27 21.26
C1 BMA N . 24.02 30.63 26.59
C2 BMA N . 24.94 29.81 27.51
C3 BMA N . 25.48 30.65 28.66
C4 BMA N . 25.97 32.02 28.19
C5 BMA N . 24.90 32.71 27.35
C6 BMA N . 25.35 34.07 26.85
O2 BMA N . 26.08 29.35 26.79
O3 BMA N . 26.55 29.98 29.33
O4 BMA N . 26.30 32.83 29.30
O5 BMA N . 24.60 31.88 26.24
O6 BMA N . 24.81 34.28 25.55
C1 MAN N . 26.02 29.13 30.38
C2 MAN N . 27.21 28.64 31.22
C3 MAN N . 28.04 27.64 30.42
C4 MAN N . 27.14 26.52 29.90
C5 MAN N . 26.04 27.12 29.03
C6 MAN N . 25.07 26.08 28.51
O2 MAN N . 26.76 27.90 32.36
O3 MAN N . 29.10 27.09 31.19
O4 MAN N . 27.90 25.61 29.12
O5 MAN N . 25.28 28.05 29.82
O6 MAN N . 25.75 24.83 28.48
C1 MAN N . 26.77 28.76 33.52
C2 MAN N . 27.31 27.92 34.70
C3 MAN N . 26.30 26.83 35.08
C4 MAN N . 24.91 27.43 35.28
C5 MAN N . 24.49 28.20 34.03
C6 MAN N . 23.14 28.87 34.16
O2 MAN N . 27.46 28.73 35.88
O3 MAN N . 26.71 26.12 36.24
O4 MAN N . 23.97 26.40 35.54
O5 MAN N . 25.47 29.23 33.77
O6 MAN N . 22.79 29.42 32.89
C1 MAN N . 24.99 35.67 25.20
C2 MAN N . 24.53 36.51 26.42
C3 MAN N . 23.02 36.38 26.60
C4 MAN N . 22.30 36.72 25.28
C5 MAN N . 22.83 35.82 24.16
C6 MAN N . 22.22 36.16 22.81
O2 MAN N . 24.79 37.90 26.22
O3 MAN N . 22.54 37.22 27.64
O4 MAN N . 20.91 36.51 25.44
O5 MAN N . 24.25 35.99 24.04
O6 MAN N . 20.83 36.41 23.00
C1 NAG O . -32.39 -6.21 32.53
C2 NAG O . -33.07 -7.57 32.54
C3 NAG O . -33.45 -7.95 33.96
C4 NAG O . -32.20 -7.91 34.84
C5 NAG O . -31.56 -6.53 34.76
C6 NAG O . -30.26 -6.44 35.52
C7 NAG O . -34.24 -8.17 30.49
C8 NAG O . -35.52 -8.11 29.72
N2 NAG O . -34.22 -7.54 31.67
O3 NAG O . -34.04 -9.24 33.98
O4 NAG O . -32.60 -8.16 36.20
O5 NAG O . -31.25 -6.21 33.38
O6 NAG O . -29.30 -7.36 35.03
O7 NAG O . -33.24 -8.75 30.06
C1 NAG O . -31.69 -9.11 36.76
C2 NAG O . -31.73 -9.09 38.29
C3 NAG O . -30.69 -10.08 38.82
C4 NAG O . -30.93 -11.46 38.24
C5 NAG O . -30.91 -11.38 36.71
C6 NAG O . -31.25 -12.70 36.05
C7 NAG O . -32.18 -6.68 38.56
C8 NAG O . -31.55 -5.39 38.96
N2 NAG O . -31.50 -7.78 38.86
O3 NAG O . -30.75 -10.09 40.24
O4 NAG O . -29.88 -12.33 38.67
O5 NAG O . -31.89 -10.42 36.26
O6 NAG O . -30.33 -13.72 36.45
O7 NAG O . -33.28 -6.73 38.01
C1 BMA O . -30.41 -13.21 39.67
C2 BMA O . -29.45 -14.36 39.88
C3 BMA O . -29.98 -15.30 40.95
C4 BMA O . -30.24 -14.52 42.23
C5 BMA O . -31.19 -13.36 41.95
C6 BMA O . -31.39 -12.47 43.16
O2 BMA O . -28.16 -13.86 40.22
O3 BMA O . -29.03 -16.33 41.18
O4 BMA O . -30.83 -15.38 43.21
O5 BMA O . -30.65 -12.53 40.91
O6 BMA O . -32.24 -11.36 42.84
C1 NAG P . 30.17 -3.17 5.66
C2 NAG P . 30.54 -3.68 4.27
C3 NAG P . 31.02 -5.13 4.35
C4 NAG P . 32.14 -5.26 5.37
C5 NAG P . 31.72 -4.67 6.71
C6 NAG P . 32.84 -4.64 7.72
C7 NAG P . 29.56 -3.31 2.06
C8 NAG P . 28.29 -3.22 1.27
N2 NAG P . 29.42 -3.56 3.36
O3 NAG P . 31.47 -5.54 3.08
O4 NAG P . 32.46 -6.64 5.56
O5 NAG P . 31.30 -3.31 6.54
O6 NAG P . 33.40 -3.34 7.85
O7 NAG P . 30.66 -3.15 1.54
C1 NAG P . 33.82 -6.87 5.15
C2 NAG P . 34.38 -8.05 5.96
C3 NAG P . 35.80 -8.36 5.52
C4 NAG P . 35.87 -8.57 4.01
C5 NAG P . 35.25 -7.38 3.29
C6 NAG P . 35.18 -7.56 1.79
C7 NAG P . 33.24 -8.00 8.13
C8 NAG P . 33.35 -7.66 9.58
N2 NAG P . 34.32 -7.77 7.38
O3 NAG P . 36.25 -9.53 6.20
O4 NAG P . 37.22 -8.72 3.61
O5 NAG P . 33.91 -7.16 3.75
O6 NAG P . 35.93 -6.57 1.11
O7 NAG P . 32.20 -8.46 7.65
C1 NAG Q . 9.44 -27.30 18.27
C2 NAG Q . 9.26 -25.79 18.35
C3 NAG Q . 9.44 -25.30 19.78
C4 NAG Q . 8.49 -26.03 20.70
C5 NAG Q . 8.69 -27.54 20.56
C6 NAG Q . 7.69 -28.34 21.35
C7 NAG Q . 11.46 -25.03 17.37
C8 NAG Q . 12.20 -25.81 18.42
N2 NAG Q . 10.11 -25.07 17.41
O3 NAG Q . 9.18 -23.89 19.83
O4 NAG Q . 8.72 -25.67 22.06
O5 NAG Q . 8.54 -27.94 19.19
O6 NAG Q . 6.86 -29.12 20.51
O7 NAG Q . 12.06 -24.38 16.53
C1 NAG Q . 7.91 -24.52 22.38
C2 NAG Q . 7.28 -24.74 23.75
C3 NAG Q . 6.44 -23.52 24.14
C4 NAG Q . 7.28 -22.25 24.05
C5 NAG Q . 7.94 -22.15 22.67
C6 NAG Q . 8.89 -20.98 22.56
C7 NAG Q . 6.72 -27.00 24.53
C8 NAG Q . 5.76 -28.14 24.42
N2 NAG Q . 6.46 -25.94 23.76
O3 NAG Q . 5.96 -23.68 25.48
O4 NAG Q . 6.44 -21.11 24.24
O5 NAG Q . 8.70 -23.33 22.40
O6 NAG Q . 9.70 -20.84 23.71
O7 NAG Q . 7.69 -27.04 25.29
C1 BMA Q . 6.70 -20.54 25.53
C2 BMA Q . 5.98 -19.18 25.58
C3 BMA Q . 6.05 -18.58 26.98
C4 BMA Q . 5.63 -19.61 28.04
C5 BMA Q . 6.44 -20.90 27.88
C6 BMA Q . 6.03 -21.98 28.87
O2 BMA Q . 4.60 -19.31 25.26
O3 BMA Q . 5.24 -17.42 27.08
O4 BMA Q . 5.84 -19.07 29.34
O5 BMA Q . 6.22 -21.40 26.56
O6 BMA Q . 4.82 -22.55 28.41
C1 MAN Q . 6.08 -16.24 27.08
C2 MAN Q . 5.19 -15.03 27.47
C3 MAN Q . 4.23 -14.69 26.34
C4 MAN Q . 4.99 -14.53 25.02
C5 MAN Q . 5.79 -15.81 24.71
C6 MAN Q . 6.62 -15.69 23.45
O2 MAN Q . 5.98 -13.85 27.67
O3 MAN Q . 3.48 -13.53 26.63
O4 MAN Q . 4.08 -14.28 23.96
O5 MAN Q . 6.69 -16.07 25.81
O6 MAN Q . 7.53 -16.78 23.42
C1 MAN Q . 6.00 -13.54 29.08
C2 MAN Q . 6.67 -12.15 29.24
C3 MAN Q . 8.19 -12.25 28.99
C4 MAN Q . 8.79 -13.40 29.81
C5 MAN Q . 8.07 -14.70 29.48
C6 MAN Q . 8.60 -15.89 30.27
O2 MAN Q . 6.54 -11.66 30.58
O3 MAN Q . 8.85 -11.03 29.28
O4 MAN Q . 10.18 -13.52 29.50
O5 MAN Q . 6.68 -14.55 29.81
O6 MAN Q . 8.04 -17.08 29.71
C1 MAN Q . 4.23 -23.31 29.49
C2 MAN Q . 3.30 -24.38 28.86
C3 MAN Q . 2.06 -23.72 28.25
C4 MAN Q . 1.38 -22.80 29.27
C5 MAN Q . 2.39 -21.76 29.76
C6 MAN Q . 1.81 -20.82 30.81
O2 MAN Q . 2.81 -25.29 29.84
O3 MAN Q . 1.13 -24.70 27.79
O4 MAN Q . 0.28 -22.14 28.67
O5 MAN Q . 3.51 -22.45 30.36
O6 MAN Q . 1.60 -21.58 32.00
C1 NAG R . 24.37 -37.02 -11.85
C2 NAG R . 24.20 -38.12 -12.88
C3 NAG R . 25.52 -38.40 -13.58
C4 NAG R . 26.11 -37.12 -14.14
C5 NAG R . 26.14 -36.01 -13.08
C6 NAG R . 26.53 -34.66 -13.66
C7 NAG R . 23.00 -40.27 -12.93
C8 NAG R . 22.55 -41.46 -12.13
N2 NAG R . 23.69 -39.34 -12.26
O3 NAG R . 25.32 -39.35 -14.62
O4 NAG R . 27.47 -37.34 -14.54
O5 NAG R . 24.84 -35.84 -12.49
O6 NAG R . 27.90 -34.39 -13.45
O7 NAG R . 22.76 -40.16 -14.12
C1 NAG R . 27.59 -37.92 -15.84
C2 NAG R . 28.02 -36.84 -16.84
C3 NAG R . 28.30 -37.44 -18.21
C4 NAG R . 29.31 -38.57 -18.08
C5 NAG R . 28.79 -39.60 -17.08
C6 NAG R . 29.77 -40.73 -16.82
C7 NAG R . 27.28 -34.55 -17.36
C8 NAG R . 26.12 -33.60 -17.41
N2 NAG R . 27.01 -35.79 -16.95
O3 NAG R . 28.80 -36.44 -19.08
O4 NAG R . 29.52 -39.19 -19.34
O5 NAG R . 28.56 -38.97 -15.81
O6 NAG R . 30.26 -41.27 -18.04
O7 NAG R . 28.42 -34.20 -17.68
C1 BMA R . 30.86 -38.86 -19.76
C2 BMA R . 31.32 -39.90 -20.82
C3 BMA R . 32.68 -39.49 -21.39
C4 BMA R . 32.69 -38.02 -21.83
C5 BMA R . 32.23 -37.12 -20.68
C6 BMA R . 32.16 -35.65 -21.05
O2 BMA R . 30.42 -39.94 -21.91
O3 BMA R . 33.07 -40.32 -22.47
O4 BMA R . 34.00 -37.64 -22.22
O5 BMA R . 30.91 -37.54 -20.29
O6 BMA R . 31.12 -35.48 -22.00
C1 NAG S . 15.63 -32.61 28.07
C2 NAG S . 16.37 -33.64 28.92
C3 NAG S . 15.46 -34.81 29.27
C4 NAG S . 14.20 -34.29 29.94
C5 NAG S . 13.53 -33.24 29.06
C6 NAG S . 12.33 -32.60 29.71
C7 NAG S . 17.77 -34.70 27.11
C8 NAG S . 16.53 -34.98 26.30
N2 NAG S . 17.62 -34.10 28.30
O3 NAG S . 16.15 -35.69 30.15
O4 NAG S . 13.28 -35.35 30.17
O5 NAG S . 14.46 -32.18 28.77
O6 NAG S . 12.72 -31.73 30.77
O7 NAG S . 18.89 -35.04 26.70
C1 NAG S . 13.48 -35.89 31.50
C2 NAG S . 12.12 -36.18 32.11
C3 NAG S . 12.29 -36.80 33.50
C4 NAG S . 13.21 -38.02 33.43
C5 NAG S . 14.53 -37.65 32.76
C6 NAG S . 15.43 -38.83 32.54
C7 NAG S . 11.69 -33.87 32.82
C8 NAG S . 10.72 -32.73 32.80
N2 NAG S . 11.30 -34.98 32.18
O3 NAG S . 11.02 -37.18 34.01
O4 NAG S . 13.47 -38.51 34.74
O5 NAG S . 14.27 -37.08 31.46
O6 NAG S . 16.30 -38.64 31.43
O7 NAG S . 12.78 -33.78 33.38
C1 NAG T . 35.70 -28.69 12.04
C2 NAG T . 35.80 -27.19 12.28
C3 NAG T . 37.25 -26.75 12.22
C4 NAG T . 38.10 -27.58 13.18
C5 NAG T . 37.90 -29.07 12.92
C6 NAG T . 38.59 -29.95 13.92
C7 NAG T . 34.11 -25.51 11.67
C8 NAG T . 33.39 -24.84 10.54
N2 NAG T . 35.01 -26.44 11.32
O3 NAG T . 37.35 -25.37 12.56
O4 NAG T . 39.47 -27.26 13.03
O5 NAG T . 36.50 -29.39 12.99
O6 NAG T . 39.98 -29.67 13.98
O7 NAG T . 33.90 -25.22 12.84
C1 NAG T . 39.82 -26.21 13.96
C2 NAG T . 41.34 -26.20 14.15
C3 NAG T . 41.73 -25.08 15.09
C4 NAG T . 41.18 -23.75 14.60
C5 NAG T . 39.67 -23.85 14.38
C6 NAG T . 39.08 -22.60 13.77
C7 NAG T . 42.95 -28.03 14.30
C8 NAG T . 43.28 -29.36 14.92
N2 NAG T . 41.80 -27.48 14.66
O3 NAG T . 43.15 -25.01 15.17
O4 NAG T . 41.44 -22.72 15.55
O5 NAG T . 39.39 -24.93 13.48
O6 NAG T . 39.88 -22.09 12.72
O7 NAG T . 43.71 -27.49 13.50
C1 NAG U . 33.44 -26.15 17.23
C2 NAG U . 34.47 -25.09 16.86
C3 NAG U . 35.82 -25.74 16.58
C4 NAG U . 36.25 -26.60 17.76
C5 NAG U . 35.15 -27.61 18.09
C6 NAG U . 35.46 -28.42 19.32
C7 NAG U . 34.14 -22.97 15.65
C8 NAG U . 33.65 -22.34 14.39
N2 NAG U . 34.03 -24.31 15.71
O3 NAG U . 36.79 -24.72 16.34
O4 NAG U . 37.46 -27.28 17.46
O5 NAG U . 33.92 -26.93 18.33
O6 NAG U . 34.41 -28.29 20.29
O7 NAG U . 34.64 -22.32 16.57
C1 NAG U . 38.43 -26.94 18.48
C2 NAG U . 39.48 -28.05 18.53
C3 NAG U . 40.55 -27.71 19.56
C4 NAG U . 41.14 -26.34 19.28
C5 NAG U . 40.03 -25.30 19.18
C6 NAG U . 40.53 -23.92 18.80
C7 NAG U . 39.45 -30.51 18.61
C8 NAG U . 38.66 -31.73 19.00
N2 NAG U . 38.86 -29.33 18.85
O3 NAG U . 41.59 -28.69 19.52
O4 NAG U . 42.04 -25.97 20.31
O5 NAG U . 39.08 -25.69 18.18
O6 NAG U . 40.14 -23.59 17.47
O7 NAG U . 40.56 -30.58 18.10
C1 NAG V . 27.91 11.73 23.07
C2 NAG V . 29.16 11.13 22.41
C3 NAG V . 30.42 11.76 22.99
C4 NAG V . 30.35 13.28 22.87
C5 NAG V . 29.09 13.78 23.55
C6 NAG V . 28.89 15.27 23.41
C7 NAG V . 29.19 9.09 23.77
C8 NAG V . 29.23 7.59 23.76
N2 NAG V . 29.20 9.69 22.58
O3 NAG V . 31.56 11.28 22.28
O4 NAG V . 31.50 13.88 23.46
O5 NAG V . 27.94 13.16 22.95
O6 NAG V . 27.52 15.62 23.39
O7 NAG V . 29.16 9.73 24.81
C1 NAG V . 32.40 14.24 22.40
C2 NAG V . 32.98 15.63 22.68
C3 NAG V . 33.96 16.02 21.59
C4 NAG V . 35.03 14.95 21.43
C5 NAG V . 34.39 13.58 21.21
C6 NAG V . 35.39 12.45 21.18
C7 NAG V . 31.79 17.44 23.84
C8 NAG V . 30.64 18.39 23.79
N2 NAG V . 31.92 16.62 22.79
O3 NAG V . 34.57 17.26 21.92
O4 NAG V . 35.86 15.25 20.31
O5 NAG V . 33.48 13.29 22.28
O6 NAG V . 36.29 12.53 22.27
O7 NAG V . 32.57 17.40 24.78
C1 BMA V . 37.21 15.49 20.76
C2 BMA V . 38.04 14.22 20.45
C3 BMA V . 39.52 14.47 20.75
C4 BMA V . 40.00 15.77 20.10
C5 BMA V . 39.10 16.93 20.53
C6 BMA V . 39.50 18.25 19.90
O2 BMA V . 37.95 13.88 19.08
O3 BMA V . 40.33 13.38 20.33
O4 BMA V . 41.34 16.03 20.49
O5 BMA V . 37.76 16.63 20.12
O6 BMA V . 40.92 18.40 20.03
C1 NAG W . 11.12 28.40 -5.80
C2 NAG W . 9.91 29.28 -6.13
C3 NAG W . 9.96 29.74 -7.58
C4 NAG W . 11.30 30.40 -7.89
C5 NAG W . 12.44 29.47 -7.49
C6 NAG W . 13.81 30.12 -7.65
C7 NAG W . 7.89 28.78 -4.81
C8 NAG W . 6.65 27.95 -4.70
N2 NAG W . 8.67 28.56 -5.87
O3 NAG W . 8.90 30.65 -7.83
O4 NAG W . 11.39 30.70 -9.27
O5 NAG W . 12.32 29.12 -6.10
O6 NAG W . 13.84 31.42 -7.07
O7 NAG W . 8.17 29.64 -3.97
C1 NAG W . 11.45 32.12 -9.44
C2 NAG W . 11.88 32.42 -10.88
C3 NAG W . 11.88 33.93 -11.12
C4 NAG W . 10.54 34.54 -10.74
C5 NAG W . 10.18 34.15 -9.31
C6 NAG W . 8.81 34.63 -8.90
C7 NAG W . 13.39 30.55 -11.36
C8 NAG W . 14.81 30.14 -11.65
N2 NAG W . 13.19 31.85 -11.18
O3 NAG W . 12.16 34.19 -12.50
O4 NAG W . 10.60 35.96 -10.84
O5 NAG W . 10.18 32.72 -9.17
O6 NAG W . 8.85 35.29 -7.64
O7 NAG W . 12.47 29.73 -11.29
C1 NAG X . 14.37 6.41 -30.63
C2 NAG X . 14.71 6.15 -29.16
C3 NAG X . 16.22 6.11 -28.94
C4 NAG X . 16.86 5.10 -29.89
C5 NAG X . 16.45 5.40 -31.33
C6 NAG X . 16.95 4.36 -32.31
C7 NAG X . 14.05 8.43 -28.31
C8 NAG X . 14.77 9.07 -29.47
N2 NAG X . 14.06 7.09 -28.25
O3 NAG X . 16.49 5.73 -27.60
O4 NAG X . 18.28 5.16 -29.78
O5 NAG X . 15.02 5.43 -31.45
O6 NAG X . 15.85 3.75 -33.00
O7 NAG X . 13.48 9.11 -27.47
C1 NAG X . 18.72 4.05 -28.95
C2 NAG X . 20.00 3.49 -29.53
C3 NAG X . 20.49 2.33 -28.68
C4 NAG X . 20.62 2.75 -27.22
C5 NAG X . 19.34 3.41 -26.73
C6 NAG X . 19.47 4.00 -25.34
C7 NAG X . 20.63 3.40 -31.91
C8 NAG X . 20.28 2.86 -33.26
N2 NAG X . 19.81 3.05 -30.91
O3 NAG X . 21.75 1.86 -29.16
O4 NAG X . 20.89 1.62 -26.41
O5 NAG X . 18.95 4.48 -27.61
O6 NAG X . 18.51 5.02 -25.11
O7 NAG X . 21.62 4.10 -31.72
C1 BMA X . 22.12 1.79 -25.67
C2 BMA X . 22.06 0.80 -24.49
C3 BMA X . 23.42 0.73 -23.78
C4 BMA X . 24.59 0.63 -24.76
C5 BMA X . 24.49 1.70 -25.86
C6 BMA X . 25.57 1.58 -26.91
O2 BMA X . 21.80 -0.52 -24.95
O3 BMA X . 23.47 -0.37 -22.87
O4 BMA X . 25.82 0.78 -24.07
O5 BMA X . 23.23 1.56 -26.51
O6 BMA X . 25.23 0.50 -27.77
C1 MAN X . 23.30 0.10 -21.52
C2 MAN X . 23.73 -1.06 -20.58
C3 MAN X . 22.71 -2.20 -20.65
C4 MAN X . 21.29 -1.66 -20.41
C5 MAN X . 20.98 -0.56 -21.42
C6 MAN X . 19.61 0.07 -21.22
O2 MAN X . 23.75 -0.65 -19.22
O3 MAN X . 23.01 -3.23 -19.72
O4 MAN X . 20.35 -2.71 -20.54
O5 MAN X . 21.96 0.49 -21.30
O6 MAN X . 19.62 0.74 -19.96
C1 MAN X . 25.07 -0.15 -18.91
C2 MAN X . 25.18 -0.06 -17.37
C3 MAN X . 24.27 1.06 -16.84
C4 MAN X . 24.53 2.37 -17.59
C5 MAN X . 24.36 2.14 -19.09
C6 MAN X . 24.66 3.38 -19.92
O2 MAN X . 26.50 0.30 -16.95
O3 MAN X . 24.44 1.25 -15.44
O4 MAN X . 23.61 3.37 -17.15
O5 MAN X . 25.26 1.12 -19.52
O6 MAN X . 26.06 3.60 -19.89
C1 MAN X . 26.33 -0.44 -27.81
C2 MAN X . 26.44 -0.98 -29.27
C3 MAN X . 25.30 -1.95 -29.57
C4 MAN X . 25.19 -3.02 -28.48
C5 MAN X . 25.00 -2.34 -27.13
C6 MAN X . 24.91 -3.32 -25.97
O2 MAN X . 27.64 -1.72 -29.47
O3 MAN X . 25.46 -2.56 -30.84
O4 MAN X . 24.10 -3.88 -28.74
O5 MAN X . 26.13 -1.48 -26.88
O6 MAN X . 26.20 -3.90 -25.78
C1 NAG Y . -13.91 26.15 -35.83
C2 NAG Y . -15.43 25.94 -35.89
C3 NAG Y . -16.10 27.18 -36.48
C4 NAG Y . -15.68 28.43 -35.72
C5 NAG Y . -14.16 28.52 -35.65
C6 NAG Y . -13.67 29.67 -34.78
C7 NAG Y . -16.43 23.72 -36.16
C8 NAG Y . -16.69 22.59 -37.11
N2 NAG Y . -15.77 24.77 -36.66
O3 NAG Y . -17.51 27.03 -36.41
O4 NAG Y . -16.17 29.59 -36.37
O5 NAG Y . -13.62 27.32 -35.07
O6 NAG Y . -14.08 30.92 -35.30
O7 NAG Y . -16.82 23.70 -35.00
C1 NAG Y . -17.47 29.92 -35.84
C2 NAG Y . -17.38 31.24 -35.07
C3 NAG Y . -18.76 31.65 -34.56
C4 NAG Y . -19.77 31.67 -35.71
C5 NAG Y . -19.76 30.34 -36.44
C6 NAG Y . -20.66 30.33 -37.66
C7 NAG Y . -15.94 32.22 -33.36
C8 NAG Y . -14.97 31.93 -32.24
N2 NAG Y . -16.44 31.14 -33.99
O3 NAG Y . -18.68 32.94 -33.96
O4 NAG Y . -21.08 31.92 -35.19
O5 NAG Y . -18.43 30.04 -36.90
O6 NAG Y . -20.12 31.15 -38.70
O7 NAG Y . -16.24 33.36 -33.67
C1 NAG Z . 24.10 10.50 -38.43
C2 NAG Z . 24.89 11.07 -39.60
C3 NAG Z . 24.86 10.12 -40.79
C4 NAG Z . 25.29 8.73 -40.37
C5 NAG Z . 24.49 8.26 -39.16
C6 NAG Z . 24.97 6.94 -38.60
C7 NAG Z . 23.23 12.86 -40.21
C8 NAG Z . 22.10 11.87 -40.05
N2 NAG Z . 24.48 12.43 -39.99
O3 NAG Z . 25.73 10.61 -41.81
O4 NAG Z . 25.06 7.80 -41.42
O5 NAG Z . 24.61 9.22 -38.09
O6 NAG Z . 25.92 7.13 -37.56
O7 NAG Z . 23.01 14.03 -40.53
C1 NAG Z . 26.14 7.83 -42.37
C2 NAG Z . 26.73 6.43 -42.50
C3 NAG Z . 27.84 6.41 -43.56
C4 NAG Z . 27.32 6.96 -44.88
C5 NAG Z . 26.71 8.35 -44.65
C6 NAG Z . 26.06 8.92 -45.90
C7 NAG Z . 28.19 6.61 -40.52
C8 NAG Z . 28.60 5.98 -39.23
N2 NAG Z . 27.25 5.97 -41.22
O3 NAG Z . 28.29 5.07 -43.74
O4 NAG Z . 28.38 7.07 -45.81
O5 NAG Z . 25.67 8.27 -43.66
O6 NAG Z . 26.83 9.99 -46.44
O7 NAG Z . 28.67 7.66 -40.92
C1 NAG AA . 12.76 33.06 -31.34
C2 NAG AA . 13.42 33.05 -29.96
C3 NAG AA . 13.56 34.47 -29.42
C4 NAG AA . 14.27 35.36 -30.43
C5 NAG AA . 13.58 35.28 -31.79
C6 NAG AA . 14.31 36.04 -32.87
C7 NAG AA . 12.99 30.96 -28.74
C8 NAG AA . 12.11 30.26 -27.76
N2 NAG AA . 12.67 32.22 -29.03
O3 NAG AA . 14.27 34.45 -28.20
O4 NAG AA . 14.27 36.71 -29.99
O5 NAG AA . 13.51 33.91 -32.22
O6 NAG AA . 15.69 35.72 -32.88
O7 NAG AA . 13.96 30.40 -29.27
C1 NAG AA . 15.49 36.94 -29.26
C2 NAG AA . 15.98 38.35 -29.57
C3 NAG AA . 17.25 38.65 -28.77
C4 NAG AA . 17.01 38.41 -27.29
C5 NAG AA . 16.47 37.00 -27.06
C6 NAG AA . 16.09 36.75 -25.62
C7 NAG AA . 15.50 39.30 -31.77
C8 NAG AA . 15.89 39.34 -33.23
N2 NAG AA . 16.23 38.51 -30.99
O3 NAG AA . 17.64 40.01 -28.99
O4 NAG AA . 18.24 38.56 -26.57
O5 NAG AA . 15.27 36.81 -27.84
O6 NAG AA . 16.92 37.47 -24.73
O7 NAG AA . 14.55 39.95 -31.35
C1 NAG BA . 17.84 29.80 -30.07
C2 NAG BA . 18.08 30.85 -28.97
C3 NAG BA . 17.88 32.25 -29.54
C4 NAG BA . 18.73 32.45 -30.77
C5 NAG BA . 18.44 31.36 -31.79
C6 NAG BA . 19.34 31.43 -33.01
C7 NAG BA . 17.65 30.10 -26.68
C8 NAG BA . 16.62 29.94 -25.60
N2 NAG BA . 17.22 30.62 -27.83
O3 NAG BA . 18.21 33.21 -28.54
O4 NAG BA . 18.48 33.73 -31.35
O5 NAG BA . 18.67 30.08 -31.20
O6 NAG BA . 20.71 31.26 -32.66
O7 NAG BA . 18.82 29.77 -26.51
C1 NAG BA . 19.61 34.58 -31.08
C2 NAG BA . 19.77 35.57 -32.23
C3 NAG BA . 20.93 36.53 -31.95
C4 NAG BA . 20.75 37.19 -30.59
C5 NAG BA . 20.55 36.14 -29.51
C6 NAG BA . 20.26 36.74 -28.15
C7 NAG BA . 19.55 35.34 -34.67
C8 NAG BA . 19.85 34.49 -35.86
N2 NAG BA . 19.97 34.87 -33.49
O3 NAG BA . 20.99 37.51 -32.97
O4 NAG BA . 21.90 37.97 -30.28
O5 NAG BA . 19.43 35.30 -29.84
O6 NAG BA . 20.40 38.15 -28.16
O7 NAG BA . 18.94 36.40 -34.75
C1 NAG CA . 14.05 4.99 -39.16
C2 NAG CA . 14.14 3.75 -38.29
C3 NAG CA . 14.83 2.62 -39.04
C4 NAG CA . 14.12 2.36 -40.37
C5 NAG CA . 14.04 3.65 -41.17
C6 NAG CA . 13.24 3.50 -42.45
C7 NAG CA . 16.10 4.51 -37.02
C8 NAG CA . 16.67 4.74 -35.65
N2 NAG CA . 14.85 4.04 -37.05
O3 NAG CA . 14.81 1.44 -38.25
O4 NAG CA . 14.82 1.38 -41.12
O5 NAG CA . 13.38 4.67 -40.40
O6 NAG CA . 11.84 3.46 -42.19
O7 NAG CA . 16.75 4.73 -38.05
C1 NAG CA . 14.04 0.17 -41.13
C2 NAG CA . 14.02 -0.40 -42.54
C3 NAG CA . 13.26 -1.73 -42.57
C4 NAG CA . 13.83 -2.69 -41.53
C5 NAG CA . 13.85 -2.02 -40.17
C6 NAG CA . 14.51 -2.88 -39.10
C7 NAG CA . 14.09 1.06 -44.52
C8 NAG CA . 13.32 2.02 -45.37
N2 NAG CA . 13.42 0.55 -43.47
O3 NAG CA . 13.34 -2.29 -43.87
O4 NAG CA . 13.05 -3.87 -41.48
O5 NAG CA . 14.60 -0.80 -40.22
O6 NAG CA . 15.89 -2.56 -38.96
O7 NAG CA . 15.26 0.77 -44.75
C1 BMA CA . 13.80 -4.92 -42.10
C2 BMA CA . 13.46 -6.26 -41.40
C3 BMA CA . 14.12 -7.42 -42.13
C4 BMA CA . 13.88 -7.37 -43.64
C5 BMA CA . 14.28 -5.99 -44.19
C6 BMA CA . 14.01 -5.85 -45.68
O2 BMA CA . 12.06 -6.50 -41.45
O3 BMA CA . 13.71 -8.68 -41.61
O4 BMA CA . 14.62 -8.38 -44.30
O5 BMA CA . 13.52 -5.00 -43.50
O6 BMA CA . 14.56 -4.61 -46.12
C1 NAG DA . 30.80 22.74 6.13
C2 NAG DA . 30.17 24.08 5.75
C3 NAG DA . 31.14 25.23 6.01
C4 NAG DA . 31.64 25.18 7.45
C5 NAG DA . 32.24 23.81 7.75
C6 NAG DA . 32.67 23.65 9.18
C7 NAG DA . 30.61 23.96 3.34
C8 NAG DA . 30.00 23.98 1.97
N2 NAG DA . 29.74 24.09 4.36
O3 NAG DA . 30.49 26.47 5.76
O4 NAG DA . 32.62 26.19 7.66
O5 NAG DA . 31.26 22.80 7.49
O6 NAG DA . 31.73 24.24 10.07
O7 NAG DA . 31.81 23.83 3.51
C1 NAG DA . 32.03 27.19 8.52
C2 NAG DA . 33.01 28.36 8.63
C3 NAG DA . 32.42 29.45 9.51
C4 NAG DA . 31.04 29.85 9.01
C5 NAG DA . 30.15 28.62 8.85
C6 NAG DA . 28.81 28.94 8.22
C7 NAG DA . 34.44 27.29 10.31
C8 NAG DA . 35.84 26.91 10.68
N2 NAG DA . 34.30 27.92 9.14
O3 NAG DA . 33.28 30.58 9.50
O4 NAG DA . 30.43 30.74 9.94
O5 NAG DA . 30.78 27.66 8.01
O6 NAG DA . 28.05 29.82 9.04
O7 NAG DA . 33.48 27.04 11.03
C1 BMA DA . 30.09 31.98 9.30
C2 BMA DA . 29.10 32.74 10.21
C3 BMA DA . 28.87 34.16 9.69
C4 BMA DA . 30.19 34.87 9.37
C5 BMA DA . 31.01 34.00 8.40
C6 BMA DA . 32.34 34.64 8.03
O2 BMA DA . 29.64 32.88 11.53
O3 BMA DA . 28.10 34.93 10.60
O4 BMA DA . 29.93 36.13 8.77
O5 BMA DA . 31.27 32.75 9.04
O6 BMA DA . 33.20 34.55 9.16
C1 NAG EA . 36.03 21.37 -8.29
C2 NAG EA . 37.41 21.27 -8.94
C3 NAG EA . 38.21 20.14 -8.29
C4 NAG EA . 38.26 20.33 -6.77
C5 NAG EA . 36.84 20.51 -6.22
C6 NAG EA . 36.83 20.84 -4.74
C7 NAG EA . 36.69 20.02 -10.92
C8 NAG EA . 36.68 19.97 -12.41
N2 NAG EA . 37.31 21.06 -10.37
O3 NAG EA . 39.53 20.13 -8.81
O4 NAG EA . 38.86 19.20 -6.16
O5 NAG EA . 36.17 21.58 -6.89
O6 NAG EA . 35.66 20.36 -4.11
O7 NAG EA . 36.17 19.14 -10.23
C1 NAG EA . 40.14 19.58 -5.63
C2 NAG EA . 40.68 18.41 -4.80
C3 NAG EA . 42.07 18.75 -4.27
C4 NAG EA . 43.00 19.17 -5.40
C5 NAG EA . 42.36 20.30 -6.20
C6 NAG EA . 43.17 20.69 -7.42
C7 NAG EA . 38.79 17.20 -3.82
C8 NAG EA . 37.96 16.97 -2.60
N2 NAG EA . 39.78 18.09 -3.71
O3 NAG EA . 42.61 17.62 -3.59
O4 NAG EA . 44.24 19.62 -4.88
O5 NAG EA . 41.06 19.89 -6.68
O6 NAG EA . 43.22 19.61 -8.37
O7 NAG EA . 38.58 16.59 -4.87
C1 NAG FA . -40.85 -41.15 4.67
C2 NAG FA . -40.66 -42.60 4.21
C3 NAG FA . -40.64 -43.53 5.41
C4 NAG FA . -39.59 -43.07 6.42
C5 NAG FA . -39.82 -41.61 6.79
C6 NAG FA . -38.74 -41.06 7.69
C7 NAG FA . -41.56 -43.93 2.35
C8 NAG FA . -42.75 -44.20 1.49
N2 NAG FA . -41.72 -42.99 3.28
O3 NAG FA . -40.34 -44.85 4.97
O4 NAG FA . -39.67 -43.87 7.59
O5 NAG FA . -39.82 -40.80 5.60
O6 NAG FA . -37.98 -42.09 8.29
O7 NAG FA . -40.50 -44.54 2.21
C1 NAG GA . -36.32 -29.91 12.65
C2 NAG GA . -37.43 -30.58 13.45
C3 NAG GA . -37.56 -29.91 14.82
C4 NAG GA . -36.21 -29.88 15.53
C5 NAG GA . -35.15 -29.26 14.64
C6 NAG GA . -33.76 -29.31 15.23
C7 NAG GA . -39.64 -31.47 12.86
C8 NAG GA . -40.88 -31.26 12.06
N2 NAG GA . -38.70 -30.53 12.75
O3 NAG GA . -38.50 -30.62 15.61
O4 NAG GA . -36.30 -29.15 16.74
O5 NAG GA . -35.09 -29.95 13.38
O6 NAG GA . -32.81 -28.64 14.40
O7 NAG GA . -39.49 -32.45 13.60
C1 NAG HA . -10.76 -40.05 -41.36
C2 NAG HA . -11.38 -39.31 -42.54
C3 NAG HA . -10.52 -39.51 -43.79
C4 NAG HA . -9.08 -39.11 -43.51
C5 NAG HA . -8.55 -39.85 -42.28
C6 NAG HA . -7.16 -39.40 -41.88
C7 NAG HA . -13.71 -38.96 -43.23
C8 NAG HA . -15.05 -39.59 -43.42
N2 NAG HA . -12.74 -39.76 -42.78
O3 NAG HA . -11.04 -38.73 -44.86
O4 NAG HA . -8.26 -39.43 -44.63
O5 NAG HA . -9.41 -39.60 -41.16
O6 NAG HA . -7.09 -38.00 -41.73
O7 NAG HA . -13.51 -37.77 -43.47
C1 NAG IA . 0.83 -38.00 -30.25
C2 NAG IA . 1.19 -39.41 -30.74
C3 NAG IA . 2.50 -39.87 -30.08
C4 NAG IA . 3.60 -38.85 -30.31
C5 NAG IA . 3.14 -37.46 -29.85
C6 NAG IA . 4.13 -36.37 -30.17
C7 NAG IA . -0.19 -41.35 -31.27
C8 NAG IA . -1.33 -42.23 -30.84
N2 NAG IA . 0.13 -40.35 -30.46
O3 NAG IA . 2.88 -41.13 -30.63
O4 NAG IA . 4.77 -39.21 -29.58
O5 NAG IA . 1.91 -37.11 -30.52
O6 NAG IA . 5.47 -36.79 -29.87
O7 NAG IA . 0.40 -41.55 -32.33
C1 NAG JA . -52.85 -9.86 1.40
C2 NAG JA . -52.90 -10.53 0.02
C3 NAG JA . -54.12 -10.06 -0.75
C4 NAG JA . -55.39 -10.27 0.06
C5 NAG JA . -55.24 -9.60 1.44
C6 NAG JA . -56.41 -9.88 2.35
C7 NAG JA . -51.26 -9.05 -1.05
C8 NAG JA . -49.97 -8.97 -1.83
N2 NAG JA . -51.68 -10.28 -0.72
O3 NAG JA . -54.21 -10.77 -1.98
O4 NAG JA . -56.50 -9.71 -0.61
O5 NAG JA . -54.07 -10.11 2.10
O6 NAG JA . -56.24 -11.09 3.06
O7 NAG JA . -51.88 -8.04 -0.71
C1 NAG KA . -0.34 32.52 33.52
C2 NAG KA . 0.08 32.92 34.93
C3 NAG KA . -0.07 31.75 35.88
C4 NAG KA . -1.48 31.17 35.80
C5 NAG KA . -1.83 30.84 34.35
C6 NAG KA . -3.27 30.39 34.18
C7 NAG KA . 1.75 34.73 35.03
C8 NAG KA . 3.21 35.06 35.04
N2 NAG KA . 1.45 33.42 34.95
O3 NAG KA . 0.21 32.17 37.21
O4 NAG KA . -1.57 29.99 36.58
O5 NAG KA . -1.67 32.01 33.53
O6 NAG KA . -3.44 29.69 32.96
O7 NAG KA . 0.88 35.60 35.09
C1 NAG LA . 3.20 36.59 20.89
C2 NAG LA . 2.50 37.90 20.56
C3 NAG LA . 3.24 38.62 19.43
C4 NAG LA . 4.70 38.80 19.77
C5 NAG LA . 5.32 37.44 20.13
C6 NAG LA . 6.75 37.56 20.60
C7 NAG LA . 0.16 38.59 20.37
C8 NAG LA . -1.22 38.18 19.95
N2 NAG LA . 1.12 37.67 20.22
O3 NAG LA . 2.63 39.90 19.22
O4 NAG LA . 5.41 39.35 18.67
O5 NAG LA . 4.58 36.84 21.20
O6 NAG LA . 6.83 38.06 21.93
O7 NAG LA . 0.40 39.71 20.84
C1 NAG MA . -41.62 -3.38 21.93
C2 NAG MA . -40.96 -4.07 23.12
C3 NAG MA . -41.36 -5.54 23.15
C4 NAG MA . -42.88 -5.68 23.13
C5 NAG MA . -43.46 -4.90 21.95
C6 NAG MA . -44.97 -4.89 21.93
C7 NAG MA . -38.86 -2.90 23.62
C8 NAG MA . -37.37 -2.92 23.48
N2 NAG MA . -39.51 -3.94 23.07
O3 NAG MA . -40.84 -6.15 24.33
O4 NAG MA . -43.24 -7.05 23.00
O5 NAG MA . -43.03 -3.53 21.99
O6 NAG MA . -45.46 -3.56 22.02
O7 NAG MA . -39.45 -2.00 24.20
C1 NAG NA . -11.53 39.66 11.02
C2 NAG NA . -12.27 40.98 10.78
C3 NAG NA . -12.21 41.34 9.29
C4 NAG NA . -10.77 41.34 8.79
C5 NAG NA . -10.10 40.01 9.13
C6 NAG NA . -8.64 39.98 8.77
C7 NAG NA . -14.03 41.19 12.47
C8 NAG NA . -15.49 41.06 12.76
N2 NAG NA . -13.65 40.90 11.23
O3 NAG NA . -12.78 42.63 9.10
O4 NAG NA . -10.73 41.55 7.39
O5 NAG NA . -10.19 39.76 10.54
O6 NAG NA . -7.94 38.99 9.52
O7 NAG NA . -13.22 41.54 13.33
C1 NAG OA . -26.58 34.30 22.74
C2 NAG OA . -26.91 35.54 21.91
C3 NAG OA . -26.25 36.77 22.53
C4 NAG OA . -26.64 36.90 23.99
C5 NAG OA . -26.32 35.61 24.74
C6 NAG OA . -26.80 35.62 26.17
C7 NAG OA . -25.23 35.14 20.17
C8 NAG OA . -24.98 35.00 18.69
N2 NAG OA . -26.50 35.39 20.53
O3 NAG OA . -26.66 37.94 21.82
O4 NAG OA . -25.91 37.97 24.60
O5 NAG OA . -26.98 34.50 24.10
O6 NAG OA . -27.16 36.92 26.59
O7 NAG OA . -24.32 35.01 20.99
C1 NAG PA . -42.42 23.45 30.65
C2 NAG PA . -43.20 24.64 31.19
C3 NAG PA . -44.31 24.18 32.13
C4 NAG PA . -45.18 23.13 31.43
C5 NAG PA . -44.32 22.01 30.89
C6 NAG PA . -45.11 20.99 30.08
C7 NAG PA . -41.77 26.63 31.27
C8 NAG PA . -40.88 27.49 32.14
N2 NAG PA . -42.32 25.58 31.87
O3 NAG PA . -45.10 25.29 32.51
O4 NAG PA . -46.12 22.60 32.36
O5 NAG PA . -43.31 22.54 30.01
O6 NAG PA . -44.81 21.10 28.69
O7 NAG PA . -41.97 26.88 30.09
C1 NAG QA . -50.70 6.76 34.83
C2 NAG QA . -51.49 5.61 34.24
C3 NAG QA . -51.89 5.94 32.80
C4 NAG QA . -52.61 7.28 32.74
C5 NAG QA . -51.77 8.35 33.41
C6 NAG QA . -52.47 9.69 33.48
C7 NAG QA . -50.94 3.42 35.20
C8 NAG QA . -50.06 2.21 35.10
N2 NAG QA . -50.73 4.37 34.28
O3 NAG QA . -52.73 4.90 32.29
O4 NAG QA . -52.85 7.63 31.38
O5 NAG QA . -51.46 7.97 34.75
O6 NAG QA . -51.65 10.74 32.98
O7 NAG QA . -51.79 3.53 36.07
C1 NAG RA . -28.39 23.09 38.25
C2 NAG RA . -28.56 24.42 37.49
C3 NAG RA . -29.03 25.51 38.45
C4 NAG RA . -30.28 25.06 39.20
C5 NAG RA . -30.03 23.72 39.87
C6 NAG RA . -31.27 23.16 40.56
C7 NAG RA . -27.23 25.79 35.96
C8 NAG RA . -25.86 26.06 35.41
N2 NAG RA . -27.31 24.81 36.85
O3 NAG RA . -29.31 26.70 37.72
O4 NAG RA . -30.63 26.03 40.19
O5 NAG RA . -29.63 22.75 38.90
O6 NAG RA . -30.98 21.95 41.24
O7 NAG RA . -28.20 26.44 35.61
C1 NAG SA . -33.25 21.56 10.81
C2 NAG SA . -32.61 21.55 9.42
C3 NAG SA . -33.46 22.38 8.44
C4 NAG SA . -34.91 21.91 8.46
C5 NAG SA . -35.44 21.91 9.89
C6 NAG SA . -36.83 21.34 10.00
C7 NAG SA . -30.83 23.25 9.82
C8 NAG SA . -31.89 24.19 10.27
N2 NAG SA . -31.23 22.02 9.43
O3 NAG SA . -32.92 22.25 7.13
O4 NAG SA . -35.70 22.78 7.67
O5 NAG SA . -34.59 21.10 10.73
O6 NAG SA . -36.83 20.06 10.61
O7 NAG SA . -29.64 23.56 9.82
C1 NAG TA . -48.77 -2.59 -32.00
C2 NAG TA . -49.98 -3.07 -31.19
C3 NAG TA . -51.01 -1.96 -31.08
C4 NAG TA . -50.37 -0.69 -30.51
C5 NAG TA . -49.14 -0.32 -31.34
C6 NAG TA . -48.38 0.86 -30.77
C7 NAG TA . -51.31 -5.13 -31.12
C8 NAG TA . -51.84 -6.30 -31.91
N2 NAG TA . -50.56 -4.25 -31.81
O3 NAG TA . -52.07 -2.38 -30.23
O4 NAG TA . -51.30 0.38 -30.53
O5 NAG TA . -48.23 -1.41 -31.39
O6 NAG TA . -48.09 0.68 -29.39
O7 NAG TA . -51.53 -5.00 -29.92
C1 NAG UA . -36.97 6.58 -31.89
C2 NAG UA . -37.46 7.11 -33.23
C3 NAG UA . -36.79 8.44 -33.56
C4 NAG UA . -36.98 9.43 -32.41
C5 NAG UA . -36.52 8.81 -31.11
C6 NAG UA . -36.79 9.69 -29.90
C7 NAG UA . -37.96 6.06 -35.39
C8 NAG UA . -37.56 5.00 -36.38
N2 NAG UA . -37.21 6.14 -34.29
O3 NAG UA . -37.35 8.96 -34.76
O4 NAG UA . -36.24 10.61 -32.67
O5 NAG UA . -37.21 7.57 -30.87
O6 NAG UA . -36.33 11.02 -30.11
O7 NAG UA . -38.92 6.80 -35.59
C1 NAG VA . -8.61 -53.04 -9.80
C2 NAG VA . -10.04 -52.92 -10.33
C3 NAG VA . -10.96 -53.91 -9.63
C4 NAG VA . -10.39 -55.33 -9.70
C5 NAG VA . -8.98 -55.33 -9.14
C6 NAG VA . -8.31 -56.69 -9.23
C7 NAG VA . -10.77 -50.98 -8.99
C8 NAG VA . -11.30 -49.59 -9.03
N2 NAG VA . -10.56 -51.57 -10.18
O3 NAG VA . -12.25 -53.88 -10.22
O4 NAG VA . -11.20 -56.22 -8.96
O5 NAG VA . -8.17 -54.41 -9.86
O6 NAG VA . -7.90 -56.95 -10.57
O7 NAG VA . -10.52 -51.56 -7.94
C1 NAG WA . 38.44 -6.99 25.21
C2 NAG WA . 39.51 -5.91 25.02
C3 NAG WA . 40.29 -6.16 23.73
C4 NAG WA . 40.85 -7.59 23.72
C5 NAG WA . 39.73 -8.59 23.98
C6 NAG WA . 40.24 -10.01 24.12
C7 NAG WA . 39.60 -3.48 25.30
C8 NAG WA . 38.82 -2.20 25.24
N2 NAG WA . 38.91 -4.59 25.01
O3 NAG WA . 41.35 -5.22 23.63
O4 NAG WA . 41.45 -7.87 22.47
O5 NAG WA . 39.05 -8.29 25.21
O6 NAG WA . 40.64 -10.29 25.45
O7 NAG WA . 40.78 -3.50 25.60
C1 NAG XA . 28.04 -1.08 31.49
C2 NAG XA . 27.86 -1.72 32.86
C3 NAG XA . 27.06 -0.79 33.77
C4 NAG XA . 27.69 0.60 33.82
C5 NAG XA . 27.87 1.13 32.40
C6 NAG XA . 28.60 2.46 32.35
C7 NAG XA . 27.89 -4.16 32.62
C8 NAG XA . 27.07 -5.40 32.54
N2 NAG XA . 27.21 -3.02 32.77
O3 NAG XA . 26.99 -1.34 35.08
O4 NAG XA . 26.87 1.49 34.56
O5 NAG XA . 28.65 0.21 31.63
O6 NAG XA . 28.29 3.18 31.17
O7 NAG XA . 29.12 -4.19 32.56
C1 NAG YA . 13.82 -44.08 -6.27
C2 NAG YA . 15.21 -44.26 -6.88
C3 NAG YA . 15.10 -44.72 -8.32
C4 NAG YA . 14.23 -45.96 -8.42
C5 NAG YA . 12.88 -45.72 -7.74
C6 NAG YA . 12.01 -46.95 -7.70
C7 NAG YA . 17.31 -42.98 -6.93
C8 NAG YA . 17.94 -41.62 -6.82
N2 NAG YA . 15.98 -43.02 -6.79
O3 NAG YA . 16.40 -45.00 -8.84
O4 NAG YA . 14.01 -46.30 -9.79
O5 NAG YA . 13.09 -45.30 -6.39
O6 NAG YA . 11.59 -47.23 -6.37
O7 NAG YA . 17.97 -43.99 -7.15
C1 NAG ZA . 15.95 -14.12 36.39
C2 NAG ZA . 16.10 -14.46 37.87
C3 NAG ZA . 14.77 -14.26 38.60
C4 NAG ZA . 14.25 -12.84 38.36
C5 NAG ZA . 14.17 -12.57 36.86
C6 NAG ZA . 13.76 -11.15 36.54
C7 NAG ZA . 17.86 -16.13 38.26
C8 NAG ZA . 18.16 -17.60 38.42
N2 NAG ZA . 16.57 -15.82 38.04
O3 NAG ZA . 14.96 -14.47 39.99
O4 NAG ZA . 12.96 -12.70 38.93
O5 NAG ZA . 15.45 -12.78 36.25
O6 NAG ZA . 12.97 -10.59 37.58
O7 NAG ZA . 18.73 -15.27 38.33
C1 NAG AB . 24.38 -30.69 29.34
C2 NAG AB . 23.85 -30.88 30.75
C3 NAG AB . 24.80 -30.28 31.78
C4 NAG AB . 26.20 -30.85 31.58
C5 NAG AB . 26.65 -30.66 30.14
C6 NAG AB . 27.98 -31.31 29.84
C7 NAG AB . 22.25 -29.01 30.65
C8 NAG AB . 20.83 -28.59 30.85
N2 NAG AB . 22.52 -30.30 30.90
O3 NAG AB . 24.34 -30.58 33.09
O4 NAG AB . 27.12 -30.19 32.45
O5 NAG AB . 25.70 -31.26 29.25
O6 NAG AB . 28.79 -31.40 31.01
O7 NAG AB . 23.12 -28.23 30.28
C1 NAG BB . 28.17 -46.55 18.17
C2 NAG BB . 29.54 -46.44 18.84
C3 NAG BB . 30.52 -47.42 18.19
C4 NAG BB . 29.95 -48.83 18.17
C5 NAG BB . 28.56 -48.82 17.53
C6 NAG BB . 27.88 -50.18 17.58
C7 NAG BB . 31.01 -44.63 19.60
C8 NAG BB . 31.43 -43.21 19.39
N2 NAG BB . 30.06 -45.09 18.78
O3 NAG BB . 31.76 -47.40 18.90
O4 NAG BB . 30.80 -49.70 17.45
O5 NAG BB . 27.71 -47.90 18.21
O6 NAG BB . 28.78 -51.19 18.00
O7 NAG BB . 31.51 -45.33 20.47
C1 NAG CB . 24.91 -55.88 1.37
C2 NAG CB . 25.60 -56.56 0.18
C3 NAG CB . 25.48 -58.07 0.30
C4 NAG CB . 25.98 -58.54 1.66
C5 NAG CB . 25.32 -57.75 2.79
C6 NAG CB . 25.88 -58.08 4.16
C7 NAG CB . 25.76 -56.03 -2.21
C8 NAG CB . 25.03 -55.52 -3.41
N2 NAG CB . 25.04 -56.10 -1.08
O3 NAG CB . 26.22 -58.70 -0.74
O4 NAG CB . 25.70 -59.93 1.83
O5 NAG CB . 25.50 -56.34 2.59
O6 NAG CB . 25.18 -57.37 5.18
O7 NAG CB . 26.94 -56.35 -2.25
C1 NAG DB . 36.46 -36.96 17.13
C2 NAG DB . 37.19 -35.87 17.90
C3 NAG DB . 38.48 -36.44 18.50
C4 NAG DB . 38.18 -37.68 19.34
C5 NAG DB . 37.40 -38.68 18.50
C6 NAG DB . 36.96 -39.90 19.29
C7 NAG DB . 36.68 -33.68 16.93
C8 NAG DB . 37.13 -32.59 16.02
N2 NAG DB . 37.49 -34.73 17.05
O3 NAG DB . 39.10 -35.44 19.33
O4 NAG DB . 39.39 -38.27 19.78
O5 NAG DB . 36.21 -38.08 17.98
O6 NAG DB . 35.77 -40.45 18.77
O7 NAG DB . 35.61 -33.61 17.55
C1 NAG EB . 8.73 -35.82 19.69
C2 NAG EB . 7.50 -35.15 20.30
C3 NAG EB . 6.79 -36.11 21.25
C4 NAG EB . 6.47 -37.42 20.54
C5 NAG EB . 7.74 -38.00 19.92
C6 NAG EB . 7.47 -39.23 19.09
C7 NAG EB . 7.99 -32.74 20.39
C8 NAG EB . 8.37 -31.59 21.26
N2 NAG EB . 7.87 -33.93 21.00
O3 NAG EB . 5.59 -35.50 21.73
O4 NAG EB . 5.93 -38.35 21.46
O5 NAG EB . 8.33 -37.04 19.04
O6 NAG EB . 7.28 -38.91 17.72
O7 NAG EB . 7.81 -32.61 19.18
C1 NAG FB . -20.49 -5.82 -51.10
C2 NAG FB . -21.95 -5.73 -51.53
C3 NAG FB . -22.08 -5.88 -53.04
C4 NAG FB . -21.18 -4.85 -53.74
C5 NAG FB . -19.76 -4.96 -53.22
C6 NAG FB . -18.84 -3.89 -53.79
C7 NAG FB . -22.47 -8.07 -50.93
C8 NAG FB . -23.39 -8.97 -50.18
N2 NAG FB . -22.74 -6.76 -50.86
O3 NAG FB . -23.43 -5.69 -53.43
O4 NAG FB . -21.20 -5.08 -55.15
O5 NAG FB . -19.73 -4.81 -51.80
O6 NAG FB . -17.64 -3.79 -53.04
O7 NAG FB . -21.52 -8.49 -51.58
C1 NAG GB . 30.38 32.98 -12.65
C2 NAG GB . 30.65 34.28 -11.90
C3 NAG GB . 29.42 35.19 -11.94
C4 NAG GB . 28.97 35.41 -13.38
C5 NAG GB . 28.77 34.06 -14.07
C6 NAG GB . 28.44 34.20 -15.53
C7 NAG GB . 31.70 34.90 -9.76
C8 NAG GB . 32.02 34.45 -8.37
N2 NAG GB . 31.04 34.01 -10.53
O3 NAG GB . 29.74 36.45 -11.34
O4 NAG GB . 27.75 36.13 -13.40
O5 NAG GB . 29.97 33.28 -13.99
O6 NAG GB . 29.58 34.55 -16.30
O7 NAG GB . 32.00 36.00 -10.17
C1 NAG HB . -11.71 14.72 -44.11
C2 NAG HB . -12.24 15.91 -43.32
C3 NAG HB . -13.77 15.97 -43.39
C4 NAG HB . -14.23 15.93 -44.84
C5 NAG HB . -13.62 14.74 -45.57
C6 NAG HB . -13.94 14.71 -47.04
C7 NAG HB . -11.82 16.92 -41.13
C8 NAG HB . -11.32 16.67 -39.73
N2 NAG HB . -11.80 15.86 -41.94
O3 NAG HB . -14.23 17.16 -42.76
O4 NAG HB . -15.66 15.82 -44.88
O5 NAG HB . -12.18 14.80 -45.46
O6 NAG HB . -15.14 15.43 -47.32
O7 NAG HB . -12.22 18.02 -41.49
C1 NAG IB . 36.31 8.70 -21.62
C2 NAG IB . 37.45 8.36 -22.57
C3 NAG IB . 37.88 6.91 -22.38
C4 NAG IB . 38.22 6.64 -20.92
C5 NAG IB . 37.05 7.07 -20.02
C6 NAG IB . 37.37 6.95 -18.55
C7 NAG IB . 37.22 9.77 -24.57
C8 NAG IB . 36.76 9.84 -25.99
N2 NAG IB . 37.06 8.59 -23.96
O3 NAG IB . 39.01 6.63 -23.20
O4 NAG IB . 38.48 5.26 -20.72
O5 NAG IB . 36.72 8.44 -20.27
O6 NAG IB . 37.53 5.60 -18.16
O7 NAG IB . 37.70 10.74 -24.01
C1 NAG JB . 27.38 17.63 -36.48
C2 NAG JB . 28.53 16.66 -36.66
C3 NAG JB . 29.84 17.30 -36.24
C4 NAG JB . 30.04 18.62 -36.98
C5 NAG JB . 28.82 19.52 -36.82
C6 NAG JB . 28.90 20.77 -37.65
C7 NAG JB . 27.98 15.39 -34.63
C8 NAG JB . 27.77 14.02 -34.05
N2 NAG JB . 28.29 15.43 -35.93
O3 NAG JB . 30.91 16.41 -36.52
O4 NAG JB . 31.19 19.28 -36.48
O5 NAG JB . 27.63 18.82 -37.23
O6 NAG JB . 29.71 21.77 -37.02
O7 NAG JB . 27.89 16.41 -33.97
C1 NAG KB . 14.69 24.06 -50.73
C2 NAG KB . 15.53 25.34 -50.84
C3 NAG KB . 14.94 26.25 -51.92
C4 NAG KB . 14.78 25.49 -53.23
C5 NAG KB . 13.97 24.22 -53.00
C6 NAG KB . 13.86 23.36 -54.24
C7 NAG KB . 16.75 26.21 -48.91
C8 NAG KB . 16.64 26.96 -47.61
N2 NAG KB . 15.61 26.03 -49.57
O3 NAG KB . 15.81 27.36 -52.10
O4 NAG KB . 14.11 26.32 -54.18
O5 NAG KB . 14.61 23.42 -52.00
O6 NAG KB . 12.74 22.51 -54.19
O7 NAG KB . 17.83 25.81 -49.33
C1 NAG LB . -4.66 26.00 -57.03
C2 NAG LB . -5.90 25.13 -57.22
C3 NAG LB . -5.50 23.73 -57.68
C4 NAG LB . -4.61 23.82 -58.92
C5 NAG LB . -3.42 24.74 -58.65
C6 NAG LB . -2.56 24.97 -59.87
C7 NAG LB . -7.99 24.77 -55.99
C8 NAG LB . -8.65 24.74 -54.64
N2 NAG LB . -6.69 25.06 -56.01
O3 NAG LB . -6.66 22.97 -57.98
O4 NAG LB . -4.11 22.52 -59.25
O5 NAG LB . -3.90 26.04 -58.24
O6 NAG LB . -3.31 25.51 -60.95
O7 NAG LB . -8.62 24.54 -57.02
C1 NAG MB . 16.56 32.96 -40.55
C2 NAG MB . 18.08 32.87 -40.43
C3 NAG MB . 18.73 34.15 -40.93
C4 NAG MB . 18.27 34.47 -42.35
C5 NAG MB . 16.73 34.48 -42.41
C6 NAG MB . 16.21 34.65 -43.81
C7 NAG MB . 18.72 31.36 -38.62
C8 NAG MB . 19.12 31.25 -37.17
N2 NAG MB . 18.48 32.60 -39.06
O3 NAG MB . 20.15 34.02 -40.91
O4 NAG MB . 18.77 35.73 -42.75
O5 NAG MB . 16.21 33.24 -41.91
O6 NAG MB . 15.50 35.88 -43.96
O7 NAG MB . 18.63 30.37 -39.33
C1 NAG NB . 42.73 21.81 -20.23
C2 NAG NB . 43.51 20.98 -21.25
C3 NAG NB . 44.84 20.53 -20.65
C4 NAG NB . 45.61 21.73 -20.12
C5 NAG NB . 44.74 22.55 -19.16
C6 NAG NB . 45.41 23.82 -18.69
C7 NAG NB . 42.09 19.79 -22.86
C8 NAG NB . 41.34 18.53 -23.15
N2 NAG NB . 42.73 19.83 -21.68
O3 NAG NB . 45.59 19.86 -21.65
O4 NAG NB . 46.78 21.29 -19.44
O5 NAG NB . 43.52 22.92 -19.81
O6 NAG NB . 46.29 24.33 -19.68
O7 NAG NB . 42.12 20.73 -23.65
#